data_6E7T
#
_entry.id   6E7T
#
_cell.length_a   268.594
_cell.length_b   59.835
_cell.length_c   146.015
_cell.angle_alpha   90.000
_cell.angle_beta   116.860
_cell.angle_gamma   90.000
#
_symmetry.space_group_name_H-M   'C 1 2 1'
#
loop_
_entity.id
_entity.type
_entity.pdbx_description
1 polymer 'Glutamate receptor ionotropic, NMDA 1'
2 polymer 'Glutamate receptor ionotropic, NMDA 2B'
3 branched alpha-D-mannopyranose-(1-3)-[alpha-D-mannopyranose-(1-6)]beta-D-mannopyranose-(1-4)-2-acetamido-2-deoxy-beta-D-glucopyranose-(1-4)-2-acetamido-2-deoxy-beta-D-glucopyranose
4 non-polymer 2-acetamido-2-deoxy-beta-D-glucopyranose
5 non-polymer 'SODIUM ION'
6 non-polymer 'CHLORIDE ION'
7 non-polymer N-{4-[(2S)-3-{[2-(3,4-dichlorophenyl)ethyl](propyl)amino}-2-hydroxypropoxy]phenyl}methanesulfonamide
8 water water
#
loop_
_entity_poly.entity_id
_entity_poly.type
_entity_poly.pdbx_seq_one_letter_code
_entity_poly.pdbx_strand_id
1 'polypeptide(L)'
;DPKIVNIGAVLSTKKHEQIFREAVNQANKRHFTRKIQLQATSVTHRPNAIQMALSVCEDLISSQVYAILVSHPPAPTDHL
TPTPISYTAGFYRIPVIGLTTRMSIYSDKSIHLSFLRTVPPYSHQALVWFEMMRLFNWNHVILIVSDDHEGRAAQKKLET
LLEGKESKSKKRNYENLDQLSYDNKRGPKADKVLQFEPGTKNLTALLLEAKELEARVIILSASEDDATAVYKSAAMLDMT
GAGYVWLVGEREISGSALRYAPDGIIGLQLINGKNESAHISDAVAVVAQAIHELFEMENITDPPRGCVGNTNIWKTGPLF
KRVLMSSKYPDGVTGRIEFNEDGDRKFAQYSIMNLQNRKLVQVGIFNGSYIIQNDRKIIWPGGET
;
A,C
2 'polypeptide(L)'
;PPSIGIAVILVGTSDEVAIKDAHEKDDFHHLSVVPRVELVAMNETDPKSIITRICDLMSDRKIQGVVFADDTDQEAIAQI
LDFISAQTLTPILGIHGGSSMIMADKDESSMFFQFGPSIEQQASVMLNIMEEYDWYIFSIVTTYFPGYQDFVNKIRSTIE
NSFVGWELEEVLLLDMSLDDGDSKIQNQLKKLQSPIILLYCTKEEATYIFEVANSVGLTGYGYTWIVPSLVAGDTDTVPS
EFPTGLISVSYDEWDYGLPARVRDGIAIITTAASDMLSEHSFIPEPKSSCYNTHEKRIYQSNMLNRYLINVTFEGRDLSF
SEDGYQMHPKLVIILLNKERKWERVGKWKDKSLQMKYYVWPRM
;
B,D
#
loop_
_chem_comp.id
_chem_comp.type
_chem_comp.name
_chem_comp.formula
BMA D-saccharide, beta linking beta-D-mannopyranose 'C6 H12 O6'
CL non-polymer 'CHLORIDE ION' 'Cl -1'
HYY non-polymer N-{4-[(2S)-3-{[2-(3,4-dichlorophenyl)ethyl](propyl)amino}-2-hydroxypropoxy]phenyl}methanesulfonamide 'C21 H28 Cl2 N2 O4 S'
MAN D-saccharide, alpha linking alpha-D-mannopyranose 'C6 H12 O6'
NA non-polymer 'SODIUM ION' 'Na 1'
NAG D-saccharide, beta linking 2-acetamido-2-deoxy-beta-D-glucopyranose 'C8 H15 N O6'
#
# COMPACT_ATOMS: atom_id res chain seq x y z
N ASP A 1 2.05 47.37 -40.30
CA ASP A 1 2.01 46.45 -39.13
C ASP A 1 3.34 45.71 -38.98
N PRO A 2 3.83 45.57 -37.74
CA PRO A 2 5.03 44.81 -37.44
C PRO A 2 4.74 43.33 -37.28
N LYS A 3 5.79 42.51 -37.29
CA LYS A 3 5.69 41.11 -36.92
C LYS A 3 5.62 40.97 -35.41
N ILE A 4 4.62 40.25 -34.91
CA ILE A 4 4.37 40.18 -33.49
C ILE A 4 4.99 38.93 -32.90
N VAL A 5 5.86 39.13 -31.90
CA VAL A 5 6.68 38.05 -31.37
C VAL A 5 6.35 37.83 -29.89
N ASN A 6 5.85 36.65 -29.57
CA ASN A 6 5.34 36.38 -28.24
C ASN A 6 6.45 35.95 -27.29
N ILE A 7 6.45 36.51 -26.09
CA ILE A 7 7.24 35.99 -24.98
C ILE A 7 6.32 35.41 -23.91
N GLY A 8 6.72 34.27 -23.35
CA GLY A 8 5.90 33.58 -22.37
C GLY A 8 6.41 33.79 -20.96
N ALA A 9 5.55 33.53 -19.98
CA ALA A 9 5.97 33.51 -18.59
C ALA A 9 5.10 32.56 -17.77
N VAL A 10 5.73 31.81 -16.87
CA VAL A 10 5.01 31.14 -15.80
C VAL A 10 5.40 31.75 -14.45
N LEU A 11 4.45 32.44 -13.83
CA LEU A 11 4.75 33.32 -12.71
C LEU A 11 3.83 33.04 -11.52
N SER A 12 4.12 33.66 -10.38
CA SER A 12 3.58 33.21 -9.11
C SER A 12 2.15 33.70 -8.91
N THR A 13 1.90 34.96 -9.28
CA THR A 13 0.62 35.60 -9.00
C THR A 13 0.13 36.37 -10.20
N LYS A 14 -1.14 36.78 -10.16
CA LYS A 14 -1.69 37.68 -11.17
C LYS A 14 -0.96 39.03 -11.15
N LYS A 15 -0.51 39.45 -9.97
CA LYS A 15 0.21 40.72 -9.85
C LYS A 15 1.49 40.68 -10.67
N HIS A 16 2.18 39.54 -10.62
CA HIS A 16 3.45 39.39 -11.32
C HIS A 16 3.23 39.21 -12.82
N GLU A 17 2.07 38.68 -13.19
CA GLU A 17 1.66 38.64 -14.59
C GLU A 17 1.53 40.05 -15.15
N GLN A 18 0.91 40.93 -14.38
CA GLN A 18 0.69 42.30 -14.80
C GLN A 18 2.01 43.05 -14.91
N ILE A 19 2.93 42.76 -14.01
CA ILE A 19 4.27 43.34 -14.06
C ILE A 19 4.99 42.93 -15.33
N PHE A 20 4.89 41.64 -15.67
CA PHE A 20 5.47 41.12 -16.90
C PHE A 20 4.85 41.79 -18.12
N ARG A 21 3.53 41.88 -18.14
CA ARG A 21 2.82 42.62 -19.16
C ARG A 21 3.39 44.02 -19.35
N GLU A 22 3.58 44.74 -18.25
CA GLU A 22 3.98 46.14 -18.30
C GLU A 22 5.44 46.27 -18.71
N ALA A 23 6.26 45.30 -18.31
CA ALA A 23 7.66 45.27 -18.70
C ALA A 23 7.81 45.09 -20.20
N VAL A 24 6.99 44.21 -20.78
CA VAL A 24 7.02 43.97 -22.22
C VAL A 24 6.54 45.21 -22.97
N ASN A 25 5.52 45.88 -22.43
CA ASN A 25 5.01 47.10 -23.03
C ASN A 25 6.05 48.22 -23.00
N GLN A 26 6.85 48.24 -21.95
CA GLN A 26 7.93 49.22 -21.83
C GLN A 26 9.05 48.92 -22.83
N ALA A 27 9.35 47.64 -23.00
CA ALA A 27 10.38 47.23 -23.95
C ALA A 27 9.98 47.62 -25.36
N ASN A 28 8.70 47.54 -25.65
CA ASN A 28 8.19 47.97 -26.95
C ASN A 28 8.30 49.48 -27.12
N LYS A 29 8.16 50.21 -26.02
CA LYS A 29 8.23 51.67 -26.07
C LYS A 29 9.63 52.11 -26.39
N ARG A 30 10.62 51.48 -25.76
CA ARG A 30 11.98 52.00 -25.74
C ARG A 30 12.80 51.43 -26.89
N HIS A 31 12.34 50.31 -27.44
CA HIS A 31 12.95 49.74 -28.65
C HIS A 31 12.31 50.31 -29.91
N PHE A 32 13.03 50.19 -31.02
CA PHE A 32 12.45 50.46 -32.33
C PHE A 32 11.71 49.22 -32.82
N THR A 33 10.40 49.37 -33.02
CA THR A 33 9.51 48.21 -33.15
C THR A 33 8.61 48.34 -34.39
N ARG A 34 9.15 48.91 -35.46
CA ARG A 34 8.46 48.89 -36.75
C ARG A 34 8.48 47.49 -37.34
N LYS A 35 9.61 46.80 -37.21
CA LYS A 35 9.77 45.47 -37.81
C LYS A 35 9.14 44.40 -36.93
N ILE A 36 9.59 44.33 -35.67
CA ILE A 36 9.06 43.34 -34.74
C ILE A 36 8.64 43.97 -33.42
N GLN A 37 7.61 43.40 -32.81
CA GLN A 37 6.98 44.00 -31.64
C GLN A 37 6.50 42.89 -30.71
N LEU A 38 6.92 42.96 -29.45
CA LEU A 38 6.75 41.86 -28.51
C LEU A 38 5.33 41.83 -27.99
N GLN A 39 4.85 40.63 -27.64
CA GLN A 39 3.57 40.48 -26.96
C GLN A 39 3.68 39.51 -25.79
N ALA A 40 3.11 39.89 -24.66
CA ALA A 40 3.21 39.10 -23.43
C ALA A 40 2.16 38.00 -23.40
N THR A 41 2.60 36.78 -23.11
CA THR A 41 1.68 35.69 -22.79
C THR A 41 2.13 34.99 -21.52
N SER A 42 1.22 34.83 -20.56
CA SER A 42 1.58 34.32 -19.24
C SER A 42 0.49 33.44 -18.65
N VAL A 43 0.90 32.50 -17.81
CA VAL A 43 0.01 31.88 -16.84
C VAL A 43 0.67 31.91 -15.46
N THR A 44 -0.04 31.41 -14.46
CA THR A 44 0.56 31.10 -13.16
C THR A 44 0.78 29.60 -13.05
N HIS A 45 1.55 29.21 -12.03
CA HIS A 45 1.93 27.80 -11.84
C HIS A 45 0.70 26.93 -11.64
N ARG A 46 0.74 25.73 -12.22
CA ARG A 46 -0.29 24.73 -11.98
C ARG A 46 0.02 23.95 -10.70
N PRO A 47 -0.99 23.21 -10.20
CA PRO A 47 -0.89 22.51 -8.93
C PRO A 47 0.09 21.33 -8.96
N ASN A 48 0.24 20.72 -10.14
CA ASN A 48 1.17 19.60 -10.30
C ASN A 48 1.86 19.59 -11.65
N ALA A 49 2.83 18.70 -11.81
CA ALA A 49 3.85 18.84 -12.86
C ALA A 49 3.26 18.49 -14.21
N ILE A 50 2.33 17.54 -14.23
CA ILE A 50 1.68 17.13 -15.48
C ILE A 50 0.79 18.22 -16.02
N GLN A 51 -0.01 18.84 -15.14
CA GLN A 51 -0.87 19.95 -15.55
C GLN A 51 -0.05 21.13 -16.03
N MET A 52 1.13 21.32 -15.43
CA MET A 52 2.01 22.43 -15.79
C MET A 52 2.59 22.23 -17.19
N ALA A 53 3.04 21.01 -17.46
CA ALA A 53 3.51 20.64 -18.79
C ALA A 53 2.43 20.90 -19.85
N LEU A 54 1.23 20.41 -19.58
CA LEU A 54 0.11 20.59 -20.50
C LEU A 54 -0.13 22.07 -20.74
N SER A 55 -0.03 22.85 -19.66
CA SER A 55 -0.35 24.29 -19.74
C SER A 55 0.67 25.00 -20.60
N VAL A 56 1.93 24.62 -20.47
CA VAL A 56 2.98 25.16 -21.34
C VAL A 56 2.62 24.97 -22.81
N CYS A 57 2.11 23.78 -23.13
CA CYS A 57 1.69 23.48 -24.50
C CYS A 57 0.46 24.30 -24.88
N GLU A 58 -0.54 24.29 -24.02
CA GLU A 58 -1.87 24.78 -24.38
C GLU A 58 -1.89 26.30 -24.35
N ASP A 59 -1.10 26.89 -23.46
CA ASP A 59 -1.25 28.31 -23.14
C ASP A 59 -0.13 29.13 -23.74
N LEU A 60 1.06 28.55 -23.85
CA LEU A 60 2.25 29.31 -24.21
C LEU A 60 2.73 28.94 -25.61
N ILE A 61 3.09 27.68 -25.80
CA ILE A 61 3.65 27.23 -27.06
C ILE A 61 2.63 27.33 -28.19
N SER A 62 1.35 27.32 -27.81
CA SER A 62 0.28 27.55 -28.77
C SER A 62 0.29 28.97 -29.30
N SER A 63 0.99 29.86 -28.59
CA SER A 63 1.11 31.25 -29.01
C SER A 63 2.46 31.50 -29.69
N GLN A 64 3.23 30.42 -29.85
CA GLN A 64 4.52 30.51 -30.50
C GLN A 64 5.45 31.47 -29.77
N VAL A 65 5.70 31.16 -28.50
CA VAL A 65 6.63 31.94 -27.68
C VAL A 65 8.06 31.64 -28.10
N TYR A 66 8.87 32.69 -28.17
CA TYR A 66 10.29 32.55 -28.50
C TYR A 66 11.09 32.21 -27.24
N ALA A 67 10.49 32.48 -26.09
CA ALA A 67 11.16 32.30 -24.80
C ALA A 67 10.13 32.27 -23.69
N ILE A 68 10.47 31.62 -22.58
CA ILE A 68 9.57 31.52 -21.44
C ILE A 68 10.28 31.89 -20.14
N LEU A 69 9.87 33.01 -19.54
CA LEU A 69 10.25 33.32 -18.16
C LEU A 69 9.57 32.38 -17.18
N VAL A 70 10.32 31.91 -16.19
CA VAL A 70 9.75 31.06 -15.14
C VAL A 70 10.27 31.45 -13.78
N SER A 71 9.34 31.74 -12.87
CA SER A 71 9.69 31.97 -11.47
C SER A 71 9.48 30.71 -10.66
N HIS A 72 10.23 30.61 -9.56
CA HIS A 72 10.00 29.58 -8.56
C HIS A 72 8.79 29.94 -7.70
N PRO A 73 7.77 29.08 -7.70
CA PRO A 73 6.65 29.36 -6.80
C PRO A 73 7.07 29.40 -5.34
N PRO A 74 6.49 30.32 -4.56
CA PRO A 74 6.90 30.48 -3.18
C PRO A 74 5.78 30.11 -2.20
N LEU A 80 6.81 21.52 -6.79
CA LEU A 80 6.39 22.42 -7.86
C LEU A 80 7.55 23.31 -8.32
N THR A 81 8.30 22.83 -9.30
CA THR A 81 9.50 23.51 -9.75
C THR A 81 9.38 23.96 -11.20
N PRO A 82 10.41 24.63 -11.73
CA PRO A 82 10.47 25.02 -13.13
C PRO A 82 10.60 23.82 -14.07
N THR A 83 10.85 22.64 -13.51
CA THR A 83 11.42 21.54 -14.27
C THR A 83 10.51 21.11 -15.44
N PRO A 84 9.20 20.96 -15.17
CA PRO A 84 8.26 20.59 -16.23
C PRO A 84 8.26 21.58 -17.38
N ILE A 85 8.55 22.83 -17.07
CA ILE A 85 8.55 23.89 -18.08
C ILE A 85 9.84 23.85 -18.89
N SER A 86 10.93 23.51 -18.23
CA SER A 86 12.20 23.28 -18.91
C SER A 86 12.13 22.07 -19.83
N TYR A 87 11.55 20.98 -19.32
CA TYR A 87 11.41 19.76 -20.10
C TYR A 87 10.64 20.03 -21.39
N THR A 88 9.43 20.58 -21.26
CA THR A 88 8.53 20.75 -22.39
C THR A 88 9.08 21.76 -23.38
N ALA A 89 9.53 22.90 -22.86
CA ALA A 89 10.13 23.94 -23.68
C ALA A 89 11.41 23.44 -24.34
N GLY A 90 12.20 22.67 -23.61
CA GLY A 90 13.44 22.11 -24.13
C GLY A 90 13.21 21.13 -25.27
N PHE A 91 12.09 20.41 -25.22
CA PHE A 91 11.70 19.50 -26.29
C PHE A 91 11.76 20.20 -27.64
N TYR A 92 11.48 21.50 -27.63
CA TYR A 92 11.41 22.29 -28.85
C TYR A 92 12.61 23.23 -28.98
N ARG A 93 13.48 23.19 -27.98
CA ARG A 93 14.61 24.13 -27.91
C ARG A 93 14.14 25.57 -27.83
N ILE A 94 13.02 25.79 -27.15
CA ILE A 94 12.63 27.12 -26.72
C ILE A 94 13.30 27.46 -25.38
N PRO A 95 14.04 28.58 -25.35
CA PRO A 95 14.82 28.93 -24.17
C PRO A 95 13.93 29.22 -22.96
N VAL A 96 14.36 28.76 -21.79
CA VAL A 96 13.71 29.11 -20.54
C VAL A 96 14.62 29.96 -19.67
N ILE A 97 14.08 31.07 -19.18
CA ILE A 97 14.81 31.93 -18.26
C ILE A 97 14.29 31.76 -16.83
N GLY A 98 15.10 31.17 -15.97
CA GLY A 98 14.77 31.05 -14.56
C GLY A 98 14.98 32.36 -13.82
N LEU A 99 14.01 32.74 -13.00
CA LEU A 99 14.02 34.05 -12.36
C LEU A 99 14.56 33.98 -10.94
N THR A 100 14.29 32.89 -10.23
CA THR A 100 14.58 32.84 -8.79
C THR A 100 15.08 31.48 -8.32
N THR A 101 15.19 30.52 -9.23
CA THR A 101 15.61 29.17 -8.86
C THR A 101 17.12 29.08 -8.71
N ARG A 102 17.57 28.54 -7.58
CA ARG A 102 18.97 28.63 -7.18
C ARG A 102 19.66 27.27 -7.21
N MET A 103 18.89 26.20 -7.32
CA MET A 103 19.46 24.85 -7.25
C MET A 103 20.44 24.62 -8.40
N SER A 104 21.55 23.95 -8.09
CA SER A 104 22.66 23.84 -9.03
C SER A 104 22.31 22.89 -10.18
N ILE A 105 21.29 22.07 -9.98
CA ILE A 105 20.95 21.02 -10.92
C ILE A 105 20.48 21.60 -12.25
N TYR A 106 19.98 22.83 -12.21
CA TYR A 106 19.48 23.47 -13.42
C TYR A 106 20.61 23.95 -14.32
N SER A 107 21.84 23.71 -13.90
CA SER A 107 23.02 24.10 -14.67
C SER A 107 23.52 22.93 -15.52
N ASP A 108 22.82 21.80 -15.43
CA ASP A 108 23.21 20.59 -16.13
C ASP A 108 22.54 20.52 -17.50
N LYS A 109 23.35 20.65 -18.55
CA LYS A 109 22.83 20.77 -19.92
C LYS A 109 22.05 19.52 -20.33
N SER A 110 22.47 18.35 -19.85
CA SER A 110 21.83 17.09 -20.20
C SER A 110 20.37 17.05 -19.75
N ILE A 111 20.09 17.73 -18.64
CA ILE A 111 18.76 17.75 -18.06
C ILE A 111 18.00 19.00 -18.51
N HIS A 112 18.68 20.14 -18.46
CA HIS A 112 18.06 21.40 -18.82
C HIS A 112 18.82 22.09 -19.96
N LEU A 113 18.43 21.79 -21.19
CA LEU A 113 19.30 22.00 -22.32
C LEU A 113 19.02 23.31 -23.04
N SER A 114 18.02 24.04 -22.55
CA SER A 114 17.85 25.44 -22.92
C SER A 114 17.38 26.30 -21.75
N PHE A 115 18.26 26.48 -20.77
CA PHE A 115 17.89 27.12 -19.52
C PHE A 115 18.94 28.14 -19.11
N LEU A 116 18.56 29.41 -19.10
CA LEU A 116 19.33 30.45 -18.44
C LEU A 116 18.60 30.92 -17.19
N ARG A 117 19.30 31.64 -16.32
CA ARG A 117 18.66 32.24 -15.14
C ARG A 117 19.37 33.50 -14.69
N THR A 118 18.60 34.43 -14.15
CA THR A 118 19.13 35.75 -13.79
C THR A 118 19.59 35.79 -12.33
N VAL A 119 19.42 34.68 -11.63
CA VAL A 119 20.12 34.47 -10.37
C VAL A 119 21.13 33.33 -10.51
N PRO A 120 22.19 33.37 -9.69
CA PRO A 120 23.21 32.32 -9.68
C PRO A 120 22.75 31.12 -8.86
N PRO A 121 23.25 29.93 -9.21
CA PRO A 121 23.07 28.74 -8.38
C PRO A 121 23.80 28.86 -7.05
N TYR A 122 23.32 28.14 -6.04
CA TYR A 122 23.89 28.22 -4.71
C TYR A 122 25.39 27.95 -4.72
N SER A 123 25.82 27.13 -5.68
CA SER A 123 27.21 26.66 -5.72
C SER A 123 28.16 27.81 -5.99
N HIS A 124 27.65 28.88 -6.60
CA HIS A 124 28.48 30.02 -6.98
C HIS A 124 28.84 30.87 -5.76
N GLN A 125 28.22 30.58 -4.62
CA GLN A 125 28.59 31.21 -3.37
C GLN A 125 30.06 30.94 -3.04
N ALA A 126 30.60 29.88 -3.63
CA ALA A 126 32.02 29.57 -3.50
C ALA A 126 32.89 30.72 -4.00
N LEU A 127 32.41 31.44 -5.01
CA LEU A 127 33.15 32.58 -5.55
C LEU A 127 33.39 33.62 -4.45
N VAL A 128 32.41 33.79 -3.58
CA VAL A 128 32.49 34.79 -2.53
C VAL A 128 33.36 34.28 -1.38
N TRP A 129 33.16 33.01 -1.01
CA TRP A 129 34.01 32.38 -0.01
C TRP A 129 35.48 32.56 -0.36
N PHE A 130 35.79 32.39 -1.65
CA PHE A 130 37.16 32.43 -2.11
C PHE A 130 37.75 33.82 -1.95
N GLU A 131 36.98 34.83 -2.34
CA GLU A 131 37.42 36.22 -2.18
C GLU A 131 37.53 36.58 -0.70
N MET A 132 36.70 35.95 0.13
CA MET A 132 36.78 36.12 1.58
C MET A 132 38.07 35.51 2.11
N MET A 133 38.46 34.37 1.57
CA MET A 133 39.63 33.65 2.04
C MET A 133 40.90 34.43 1.72
N ARG A 134 40.90 35.09 0.57
CA ARG A 134 42.00 35.98 0.21
C ARG A 134 42.03 37.20 1.14
N LEU A 135 40.87 37.79 1.37
CA LEU A 135 40.77 39.03 2.12
C LEU A 135 41.25 38.83 3.55
N PHE A 136 40.68 37.84 4.24
CA PHE A 136 41.00 37.60 5.63
C PHE A 136 42.10 36.56 5.76
N ASN A 137 42.71 36.20 4.64
CA ASN A 137 43.90 35.36 4.65
C ASN A 137 43.67 34.05 5.40
N TRP A 138 42.52 33.43 5.14
CA TRP A 138 42.29 32.05 5.53
C TRP A 138 42.87 31.09 4.49
N ASN A 139 44.08 30.61 4.75
CA ASN A 139 44.81 29.84 3.75
C ASN A 139 44.59 28.35 3.92
N HIS A 140 43.98 27.96 5.03
CA HIS A 140 43.67 26.57 5.30
C HIS A 140 42.25 26.41 5.82
N VAL A 141 41.42 25.72 5.05
CA VAL A 141 40.01 25.58 5.38
C VAL A 141 39.60 24.11 5.37
N ILE A 142 38.62 23.77 6.20
CA ILE A 142 37.92 22.50 6.10
C ILE A 142 36.56 22.70 5.44
N LEU A 143 36.27 21.88 4.44
CA LEU A 143 35.01 21.97 3.71
C LEU A 143 34.08 20.82 4.10
N ILE A 144 32.93 21.16 4.65
CA ILE A 144 31.91 20.17 4.99
C ILE A 144 30.68 20.35 4.12
N VAL A 145 30.38 19.35 3.30
CA VAL A 145 29.28 19.44 2.35
C VAL A 145 28.36 18.23 2.49
N SER A 146 27.07 18.44 2.22
CA SER A 146 26.13 17.34 2.13
C SER A 146 26.42 16.49 0.89
N ASP A 147 26.34 15.17 1.03
CA ASP A 147 26.55 14.27 -0.09
C ASP A 147 25.28 14.18 -0.94
N ASP A 148 24.82 15.33 -1.43
CA ASP A 148 23.86 15.38 -2.52
C ASP A 148 24.41 16.24 -3.65
N HIS A 149 23.57 16.51 -4.64
CA HIS A 149 24.01 17.24 -5.83
C HIS A 149 24.47 18.65 -5.46
N GLU A 150 23.67 19.34 -4.66
CA GLU A 150 23.96 20.73 -4.30
C GLU A 150 25.28 20.81 -3.54
N GLY A 151 25.47 19.91 -2.59
CA GLY A 151 26.70 19.86 -1.81
C GLY A 151 27.92 19.62 -2.67
N ARG A 152 27.85 18.60 -3.52
CA ARG A 152 28.97 18.25 -4.39
C ARG A 152 29.24 19.36 -5.40
N ALA A 153 28.19 20.08 -5.78
CA ALA A 153 28.34 21.19 -6.71
C ALA A 153 29.16 22.32 -6.08
N ALA A 154 28.92 22.57 -4.80
CA ALA A 154 29.67 23.59 -4.07
C ALA A 154 31.13 23.18 -3.93
N GLN A 155 31.36 21.90 -3.64
CA GLN A 155 32.71 21.38 -3.53
C GLN A 155 33.47 21.55 -4.83
N LYS A 156 32.89 21.06 -5.92
CA LYS A 156 33.53 21.14 -7.23
C LYS A 156 33.88 22.59 -7.56
N LYS A 157 32.98 23.50 -7.24
CA LYS A 157 33.14 24.90 -7.60
C LYS A 157 34.28 25.55 -6.83
N LEU A 158 34.38 25.23 -5.54
CA LEU A 158 35.42 25.80 -4.69
C LEU A 158 36.78 25.19 -5.02
N GLU A 159 36.79 23.88 -5.29
CA GLU A 159 38.04 23.18 -5.59
C GLU A 159 38.62 23.65 -6.92
N THR A 160 37.75 24.03 -7.84
CA THR A 160 38.18 24.64 -9.09
C THR A 160 38.89 25.97 -8.84
N LEU A 161 38.33 26.77 -7.94
CA LEU A 161 38.89 28.09 -7.65
C LEU A 161 40.21 27.96 -6.91
N LEU A 162 40.32 26.94 -6.06
CA LEU A 162 41.53 26.72 -5.27
C LEU A 162 42.62 26.11 -6.14
N GLU A 163 42.20 25.38 -7.17
CA GLU A 163 43.13 24.61 -8.00
C GLU A 163 42.98 24.97 -9.47
N GLY A 187 47.64 29.31 -3.67
CA GLY A 187 47.13 30.29 -2.71
C GLY A 187 46.61 29.64 -1.44
N PRO A 188 45.34 29.88 -1.12
CA PRO A 188 44.63 29.13 -0.08
C PRO A 188 44.27 27.72 -0.52
N LYS A 189 44.25 26.79 0.43
CA LYS A 189 44.04 25.38 0.13
C LYS A 189 42.98 24.79 1.07
N ALA A 190 42.30 23.75 0.60
CA ALA A 190 41.45 22.93 1.46
C ALA A 190 42.25 21.80 2.10
N ASP A 191 42.32 21.80 3.42
CA ASP A 191 43.05 20.78 4.15
C ASP A 191 42.32 19.43 4.11
N LYS A 192 41.00 19.49 3.97
CA LYS A 192 40.20 18.29 3.81
C LYS A 192 38.77 18.64 3.42
N VAL A 193 38.12 17.73 2.70
CA VAL A 193 36.69 17.83 2.44
C VAL A 193 35.97 16.67 3.09
N LEU A 194 34.94 16.99 3.87
CA LEU A 194 34.10 15.96 4.49
C LEU A 194 32.67 16.03 3.98
N GLN A 195 32.17 14.89 3.52
CA GLN A 195 30.79 14.79 3.06
C GLN A 195 29.98 13.91 4.01
N PHE A 196 28.71 14.24 4.19
CA PHE A 196 27.85 13.48 5.09
C PHE A 196 26.52 13.17 4.41
N GLU A 197 25.89 12.07 4.81
CA GLU A 197 24.64 11.64 4.22
C GLU A 197 23.50 12.55 4.66
N PRO A 198 22.82 13.18 3.68
CA PRO A 198 21.70 14.07 3.95
C PRO A 198 20.64 13.42 4.82
N GLY A 199 20.17 14.13 5.84
CA GLY A 199 19.12 13.64 6.71
C GLY A 199 19.66 12.98 7.96
N THR A 200 20.99 13.00 8.11
CA THR A 200 21.63 12.43 9.29
C THR A 200 21.61 13.44 10.44
N LYS A 201 21.25 12.97 11.62
CA LYS A 201 20.92 13.86 12.74
C LYS A 201 22.06 13.93 13.76
N ASN A 202 22.79 12.84 13.90
CA ASN A 202 23.99 12.83 14.74
C ASN A 202 25.26 12.81 13.90
N LEU A 203 26.00 13.92 13.92
CA LEU A 203 27.08 14.15 12.96
C LEU A 203 28.42 14.26 13.67
N THR A 204 28.53 13.62 14.82
CA THR A 204 29.65 13.86 15.72
C THR A 204 30.88 13.09 15.26
N ALA A 205 30.65 11.93 14.65
CA ALA A 205 31.72 11.17 14.00
C ALA A 205 32.40 12.01 12.93
N LEU A 206 31.61 12.60 12.04
CA LEU A 206 32.15 13.45 10.99
C LEU A 206 32.89 14.64 11.58
N LEU A 207 32.27 15.29 12.56
CA LEU A 207 32.77 16.55 13.08
C LEU A 207 33.99 16.31 13.97
N LEU A 208 34.10 15.10 14.51
CA LEU A 208 35.29 14.69 15.25
C LEU A 208 36.49 14.58 14.32
N GLU A 209 36.24 14.17 13.08
CA GLU A 209 37.30 14.05 12.09
C GLU A 209 37.84 15.41 11.69
N ALA A 210 36.98 16.43 11.77
CA ALA A 210 37.37 17.79 11.43
C ALA A 210 38.07 18.47 12.60
N LYS A 211 37.68 18.10 13.82
CA LYS A 211 38.24 18.68 15.03
C LYS A 211 39.72 18.30 15.17
N GLU A 212 40.05 17.09 14.73
CA GLU A 212 41.40 16.57 14.87
C GLU A 212 42.36 17.29 13.93
N LEU A 213 41.84 17.81 12.83
CA LEU A 213 42.64 18.57 11.88
C LEU A 213 43.00 19.93 12.46
N GLU A 214 43.99 20.59 11.84
CA GLU A 214 44.61 21.76 12.43
C GLU A 214 43.85 23.03 12.04
N ALA A 215 43.43 23.10 10.79
CA ALA A 215 42.68 24.25 10.30
C ALA A 215 41.45 24.49 11.15
N ARG A 216 41.11 25.76 11.34
CA ARG A 216 40.03 26.15 12.23
C ARG A 216 38.92 26.85 11.46
N VAL A 217 39.14 27.04 10.16
CA VAL A 217 38.15 27.68 9.31
C VAL A 217 37.28 26.62 8.60
N ILE A 218 35.97 26.68 8.83
CA ILE A 218 35.07 25.64 8.38
C ILE A 218 34.00 26.21 7.45
N ILE A 219 33.95 25.68 6.24
CA ILE A 219 32.96 26.10 5.25
C ILE A 219 31.90 25.02 5.09
N LEU A 220 30.64 25.41 5.08
CA LEU A 220 29.54 24.46 5.11
C LEU A 220 28.60 24.70 3.93
N SER A 221 28.29 23.62 3.20
CA SER A 221 27.17 23.62 2.27
C SER A 221 26.19 22.52 2.64
N ALA A 222 24.93 22.89 2.81
CA ALA A 222 23.91 21.98 3.35
C ALA A 222 22.55 22.65 3.30
N SER A 223 21.50 21.85 3.26
CA SER A 223 20.14 22.37 3.35
C SER A 223 19.87 22.89 4.76
N GLU A 224 18.72 23.52 4.95
CA GLU A 224 18.33 24.06 6.24
C GLU A 224 18.48 23.02 7.35
N ASP A 225 17.82 21.88 7.17
CA ASP A 225 17.70 20.89 8.24
C ASP A 225 19.06 20.25 8.52
N ASP A 226 19.87 20.11 7.47
CA ASP A 226 21.15 19.43 7.59
C ASP A 226 22.18 20.35 8.25
N ALA A 227 22.08 21.64 7.97
CA ALA A 227 22.88 22.65 8.66
C ALA A 227 22.55 22.68 10.14
N THR A 228 21.27 22.56 10.46
CA THR A 228 20.83 22.51 11.85
C THR A 228 21.53 21.38 12.59
N ALA A 229 21.52 20.18 12.00
CA ALA A 229 22.14 19.02 12.62
C ALA A 229 23.64 19.23 12.80
N VAL A 230 24.26 19.93 11.85
CA VAL A 230 25.68 20.24 11.95
C VAL A 230 25.93 21.19 13.13
N TYR A 231 25.15 22.26 13.20
CA TYR A 231 25.35 23.29 14.22
C TYR A 231 25.22 22.70 15.61
N LYS A 232 24.21 21.85 15.80
CA LYS A 232 23.98 21.21 17.08
C LYS A 232 25.18 20.36 17.48
N SER A 233 25.59 19.46 16.58
CA SER A 233 26.70 18.56 16.86
C SER A 233 27.98 19.35 17.11
N ALA A 234 28.17 20.41 16.35
CA ALA A 234 29.36 21.25 16.49
C ALA A 234 29.40 21.91 17.85
N ALA A 235 28.23 22.32 18.34
CA ALA A 235 28.14 22.99 19.63
C ALA A 235 28.48 22.02 20.77
N MET A 236 27.95 20.81 20.67
CA MET A 236 28.17 19.79 21.69
C MET A 236 29.64 19.37 21.73
N LEU A 237 30.34 19.56 20.61
CA LEU A 237 31.77 19.28 20.55
C LEU A 237 32.58 20.55 20.77
N ASP A 238 31.90 21.64 21.11
CA ASP A 238 32.56 22.90 21.43
C ASP A 238 33.45 23.36 20.28
N MET A 239 32.90 23.35 19.07
CA MET A 239 33.64 23.78 17.89
C MET A 239 33.06 25.09 17.34
N THR A 240 32.29 25.80 18.18
CA THR A 240 31.59 26.99 17.73
C THR A 240 32.07 28.22 18.49
N GLY A 241 33.12 28.04 19.28
CA GLY A 241 33.62 29.11 20.15
C GLY A 241 34.85 29.78 19.57
N ALA A 242 35.58 30.50 20.42
CA ALA A 242 36.78 31.19 20.00
C ALA A 242 37.76 30.22 19.34
N GLY A 243 38.56 30.73 18.42
CA GLY A 243 39.42 29.89 17.59
C GLY A 243 38.84 29.65 16.21
N TYR A 244 37.55 29.33 16.16
CA TYR A 244 36.94 28.77 14.96
C TYR A 244 36.30 29.84 14.10
N VAL A 245 36.37 29.66 12.79
CA VAL A 245 35.58 30.47 11.86
C VAL A 245 34.61 29.60 11.09
N TRP A 246 33.35 30.04 11.03
CA TRP A 246 32.33 29.34 10.26
C TRP A 246 31.87 30.20 9.09
N LEU A 247 31.99 29.66 7.88
CA LEU A 247 31.62 30.39 6.68
C LEU A 247 30.65 29.56 5.84
N VAL A 248 29.43 30.06 5.70
CA VAL A 248 28.36 29.31 5.06
C VAL A 248 27.66 30.15 3.99
N GLY A 249 26.62 29.58 3.39
CA GLY A 249 25.85 30.29 2.37
C GLY A 249 24.53 30.79 2.91
N GLU A 250 23.51 30.77 2.05
CA GLU A 250 22.23 31.40 2.35
C GLU A 250 21.29 30.41 3.03
N ARG A 251 21.25 29.18 2.52
CA ARG A 251 20.36 28.15 3.06
C ARG A 251 20.71 27.87 4.52
N GLU A 252 21.98 28.07 4.87
CA GLU A 252 22.50 27.61 6.15
C GLU A 252 22.29 28.66 7.24
N ILE A 253 21.78 29.82 6.85
CA ILE A 253 21.32 30.83 7.80
C ILE A 253 19.88 31.23 7.50
N SER A 254 19.07 30.25 7.10
CA SER A 254 17.66 30.48 6.81
C SER A 254 16.79 29.56 7.67
N GLY A 255 15.53 29.96 7.86
CA GLY A 255 14.59 29.18 8.65
C GLY A 255 15.23 28.61 9.89
N SER A 256 15.16 27.29 10.04
CA SER A 256 15.49 26.64 11.29
C SER A 256 17.01 26.55 11.48
N ALA A 257 17.74 26.60 10.37
CA ALA A 257 19.20 26.68 10.44
C ALA A 257 19.62 27.87 11.30
N LEU A 258 18.89 28.96 11.18
CA LEU A 258 19.21 30.19 11.89
C LEU A 258 19.01 30.01 13.39
N ARG A 259 18.08 29.14 13.76
CA ARG A 259 17.58 29.06 15.13
C ARG A 259 18.63 28.43 16.04
N TYR A 260 19.52 27.63 15.47
CA TYR A 260 20.53 26.93 16.25
C TYR A 260 21.93 27.34 15.81
N ALA A 261 21.99 28.30 14.88
CA ALA A 261 23.26 28.79 14.38
C ALA A 261 24.07 29.44 15.49
N PRO A 262 25.38 29.18 15.52
CA PRO A 262 26.29 29.76 16.50
C PRO A 262 26.60 31.23 16.20
N ASP A 263 26.91 31.99 17.24
CA ASP A 263 27.25 33.40 17.08
C ASP A 263 28.61 33.54 16.42
N GLY A 264 28.76 34.58 15.61
CA GLY A 264 30.01 34.81 14.89
C GLY A 264 30.01 34.24 13.49
N ILE A 265 29.03 33.38 13.21
CA ILE A 265 28.94 32.75 11.89
C ILE A 265 28.83 33.81 10.79
N ILE A 266 29.49 33.54 9.67
CA ILE A 266 29.36 34.39 8.49
C ILE A 266 28.61 33.64 7.39
N GLY A 267 27.65 34.32 6.78
CA GLY A 267 26.86 33.72 5.70
C GLY A 267 26.51 34.73 4.62
N LEU A 268 25.65 34.34 3.69
CA LEU A 268 25.40 35.12 2.49
C LEU A 268 23.90 35.23 2.23
N GLN A 269 23.49 36.37 1.66
CA GLN A 269 22.15 36.51 1.10
C GLN A 269 22.20 37.18 -0.26
N LEU A 270 21.76 36.47 -1.29
CA LEU A 270 21.66 37.03 -2.63
C LEU A 270 20.74 38.24 -2.65
N ILE A 271 21.30 39.41 -2.92
CA ILE A 271 20.51 40.63 -2.96
C ILE A 271 19.48 40.57 -4.09
N ASN A 272 18.22 40.77 -3.75
CA ASN A 272 17.13 40.74 -4.73
C ASN A 272 16.83 39.33 -5.20
N GLY A 273 17.36 38.34 -4.50
CA GLY A 273 17.27 36.96 -4.94
C GLY A 273 15.85 36.43 -4.89
N LYS A 274 15.01 37.10 -4.11
CA LYS A 274 13.64 36.63 -3.90
C LYS A 274 12.65 37.63 -4.46
N ASN A 275 13.16 38.65 -5.13
CA ASN A 275 12.32 39.70 -5.68
C ASN A 275 11.87 39.37 -7.09
N GLU A 276 10.76 38.66 -7.21
CA GLU A 276 10.27 38.21 -8.51
C GLU A 276 10.05 39.39 -9.45
N SER A 277 9.60 40.51 -8.90
CA SER A 277 9.32 41.69 -9.69
C SER A 277 10.59 42.25 -10.34
N ALA A 278 11.65 42.34 -9.56
CA ALA A 278 12.93 42.83 -10.06
C ALA A 278 13.44 41.97 -11.21
N HIS A 279 13.33 40.65 -11.07
CA HIS A 279 13.91 39.74 -12.03
C HIS A 279 13.07 39.65 -13.30
N ILE A 280 11.76 39.76 -13.16
CA ILE A 280 10.88 39.88 -14.31
C ILE A 280 11.32 41.05 -15.17
N SER A 281 11.57 42.20 -14.53
CA SER A 281 11.93 43.40 -15.25
C SER A 281 13.25 43.22 -15.99
N ASP A 282 14.21 42.63 -15.31
CA ASP A 282 15.54 42.44 -15.90
C ASP A 282 15.52 41.38 -17.00
N ALA A 283 14.81 40.29 -16.76
CA ALA A 283 14.73 39.20 -17.72
C ALA A 283 14.08 39.68 -19.02
N VAL A 284 13.04 40.49 -18.90
CA VAL A 284 12.33 40.99 -20.05
C VAL A 284 13.21 41.93 -20.87
N ALA A 285 13.97 42.78 -20.19
CA ALA A 285 14.92 43.66 -20.84
C ALA A 285 15.93 42.86 -21.66
N VAL A 286 16.51 41.84 -21.03
CA VAL A 286 17.50 41.01 -21.68
C VAL A 286 16.90 40.31 -22.90
N VAL A 287 15.72 39.73 -22.72
CA VAL A 287 15.09 38.93 -23.76
C VAL A 287 14.64 39.81 -24.93
N ALA A 288 14.19 41.01 -24.62
CA ALA A 288 13.76 41.95 -25.65
C ALA A 288 14.94 42.40 -26.49
N GLN A 289 16.04 42.75 -25.82
CA GLN A 289 17.28 43.07 -26.49
C GLN A 289 17.72 41.93 -27.41
N ALA A 290 17.58 40.70 -26.92
CA ALA A 290 18.07 39.54 -27.63
C ALA A 290 17.20 39.25 -28.85
N ILE A 291 15.89 39.48 -28.72
CA ILE A 291 14.97 39.26 -29.83
C ILE A 291 15.31 40.20 -30.98
N HIS A 292 15.55 41.46 -30.65
CA HIS A 292 15.84 42.46 -31.66
C HIS A 292 17.19 42.20 -32.32
N GLU A 293 18.13 41.67 -31.54
CA GLU A 293 19.43 41.27 -32.08
C GLU A 293 19.27 40.05 -33.00
N LEU A 294 18.43 39.11 -32.59
CA LEU A 294 18.16 37.92 -33.38
C LEU A 294 17.66 38.28 -34.78
N PHE A 295 16.79 39.27 -34.86
CA PHE A 295 16.07 39.57 -36.10
C PHE A 295 16.87 40.52 -36.98
N GLU A 296 18.11 40.80 -36.60
CA GLU A 296 19.08 41.42 -37.49
C GLU A 296 19.75 40.38 -38.37
N MET A 297 19.62 39.11 -37.98
CA MET A 297 20.18 38.01 -38.76
C MET A 297 19.16 37.46 -39.73
N GLU A 298 19.62 36.68 -40.70
CA GLU A 298 18.77 36.19 -41.77
C GLU A 298 18.22 34.80 -41.44
N ASN A 299 17.04 34.49 -41.97
CA ASN A 299 16.54 33.12 -41.99
C ASN A 299 16.07 32.69 -40.60
N ILE A 300 15.53 33.64 -39.85
CA ILE A 300 14.85 33.34 -38.59
C ILE A 300 13.51 32.66 -38.86
N THR A 301 13.33 31.48 -38.28
CA THR A 301 12.06 30.77 -38.41
C THR A 301 11.24 30.94 -37.13
N ASP A 302 9.93 30.74 -37.24
CA ASP A 302 9.05 30.78 -36.08
C ASP A 302 9.11 29.47 -35.31
N PRO A 303 8.87 29.54 -33.99
CA PRO A 303 8.64 28.36 -33.18
C PRO A 303 7.38 27.62 -33.63
N PRO A 304 7.28 26.33 -33.31
CA PRO A 304 6.05 25.59 -33.57
C PRO A 304 4.84 26.26 -32.94
N ARG A 305 3.69 26.16 -33.60
CA ARG A 305 2.45 26.65 -33.03
C ARG A 305 1.67 25.50 -32.40
N GLY A 306 1.78 25.38 -31.08
CA GLY A 306 1.18 24.27 -30.35
C GLY A 306 2.09 23.06 -30.30
N CYS A 307 1.76 22.11 -29.44
CA CYS A 307 2.55 20.90 -29.31
C CYS A 307 2.01 19.80 -30.22
N VAL A 308 0.69 19.78 -30.42
CA VAL A 308 0.02 18.63 -31.03
C VAL A 308 0.48 18.45 -32.46
N GLY A 309 1.11 17.32 -32.75
CA GLY A 309 1.53 16.97 -34.10
C GLY A 309 2.88 17.55 -34.47
N ASN A 310 3.52 18.22 -33.51
CA ASN A 310 4.83 18.81 -33.73
C ASN A 310 5.90 18.12 -32.89
N THR A 311 6.85 17.48 -33.56
CA THR A 311 7.89 16.73 -32.86
C THR A 311 9.30 17.16 -33.29
N ASN A 312 9.37 18.08 -34.24
CA ASN A 312 10.65 18.68 -34.62
C ASN A 312 11.02 19.83 -33.69
N ILE A 313 12.32 20.07 -33.53
CA ILE A 313 12.78 21.22 -32.78
C ILE A 313 12.55 22.50 -33.58
N TRP A 314 12.39 23.60 -32.85
CA TRP A 314 12.49 24.93 -33.43
C TRP A 314 13.91 25.17 -33.96
N LYS A 315 14.03 25.29 -35.28
CA LYS A 315 15.33 25.27 -35.94
C LYS A 315 16.19 26.44 -35.50
N THR A 316 15.54 27.56 -35.17
CA THR A 316 16.26 28.77 -34.81
C THR A 316 16.55 28.82 -33.31
N GLY A 317 16.05 27.81 -32.59
CA GLY A 317 16.14 27.79 -31.13
C GLY A 317 17.57 27.85 -30.63
N PRO A 318 18.44 26.99 -31.17
CA PRO A 318 19.85 26.96 -30.77
C PRO A 318 20.58 28.28 -31.04
N LEU A 319 20.21 28.97 -32.12
CA LEU A 319 20.79 30.28 -32.40
C LEU A 319 20.34 31.30 -31.37
N PHE A 320 19.04 31.33 -31.10
CA PHE A 320 18.50 32.28 -30.13
C PHE A 320 19.11 32.03 -28.75
N LYS A 321 19.44 30.78 -28.45
CA LYS A 321 20.07 30.46 -27.18
C LYS A 321 21.46 31.08 -27.09
N ARG A 322 22.18 31.05 -28.20
CA ARG A 322 23.53 31.64 -28.24
C ARG A 322 23.47 33.16 -28.08
N VAL A 323 22.45 33.76 -28.67
CA VAL A 323 22.29 35.20 -28.58
C VAL A 323 21.95 35.63 -27.15
N LEU A 324 21.11 34.85 -26.48
CA LEU A 324 20.81 35.07 -25.06
C LEU A 324 22.06 34.87 -24.20
N MET A 325 22.75 33.76 -24.42
CA MET A 325 23.91 33.41 -23.61
C MET A 325 24.93 34.54 -23.58
N SER A 326 24.97 35.32 -24.66
CA SER A 326 26.01 36.31 -24.85
C SER A 326 25.46 37.72 -24.66
N SER A 327 24.21 37.81 -24.25
CA SER A 327 23.59 39.11 -23.97
C SER A 327 24.23 39.78 -22.76
N LYS A 328 24.49 41.08 -22.89
CA LYS A 328 25.01 41.87 -21.79
C LYS A 328 24.07 43.03 -21.49
N TYR A 329 23.60 43.11 -20.25
CA TYR A 329 22.72 44.19 -19.83
C TYR A 329 23.25 44.85 -18.57
N PRO A 330 23.91 46.01 -18.72
CA PRO A 330 24.71 46.58 -17.63
C PRO A 330 23.84 47.29 -16.59
N ASP A 331 22.67 47.76 -17.02
CA ASP A 331 21.89 48.71 -16.22
C ASP A 331 20.69 48.01 -15.57
N GLY A 332 20.94 46.82 -15.00
CA GLY A 332 19.86 46.00 -14.49
C GLY A 332 19.42 46.42 -13.10
N VAL A 333 18.15 46.20 -12.78
CA VAL A 333 17.65 46.43 -11.44
C VAL A 333 18.40 45.55 -10.43
N THR A 334 18.81 44.37 -10.86
CA THR A 334 19.56 43.47 -9.99
C THR A 334 21.06 43.59 -10.27
N GLY A 335 21.45 44.64 -10.97
CA GLY A 335 22.86 44.88 -11.26
C GLY A 335 23.25 44.49 -12.68
N ARG A 336 24.51 44.10 -12.85
CA ARG A 336 25.07 43.87 -14.16
C ARG A 336 24.79 42.44 -14.62
N ILE A 337 24.09 42.31 -15.74
CA ILE A 337 23.58 41.01 -16.16
C ILE A 337 24.41 40.43 -17.30
N GLU A 338 25.15 39.37 -16.99
CA GLU A 338 25.70 38.49 -18.02
C GLU A 338 25.51 37.04 -17.60
N PHE A 339 25.72 36.14 -18.55
CA PHE A 339 25.56 34.72 -18.31
C PHE A 339 26.87 33.99 -18.58
N ASN A 340 27.22 33.04 -17.73
CA ASN A 340 28.39 32.21 -17.96
C ASN A 340 28.06 31.04 -18.89
N GLU A 341 28.97 30.07 -18.96
CA GLU A 341 28.94 29.06 -20.02
C GLU A 341 27.79 28.07 -19.80
N ASP A 342 27.27 28.05 -18.58
CA ASP A 342 26.15 27.18 -18.25
C ASP A 342 24.83 27.95 -18.28
N GLY A 343 24.92 29.21 -18.65
CA GLY A 343 23.74 30.08 -18.71
C GLY A 343 23.35 30.62 -17.35
N ASP A 344 24.28 30.52 -16.40
CA ASP A 344 24.03 31.01 -15.05
C ASP A 344 24.41 32.48 -14.92
N ARG A 345 23.65 33.21 -14.11
CA ARG A 345 23.92 34.62 -13.86
C ARG A 345 25.34 34.86 -13.38
N LYS A 346 25.99 35.87 -13.95
CA LYS A 346 27.26 36.36 -13.45
C LYS A 346 27.09 37.73 -12.79
N PHE A 347 28.07 38.11 -12.00
CA PHE A 347 28.08 39.44 -11.38
C PHE A 347 26.91 39.61 -10.42
N ALA A 348 26.55 38.54 -9.73
CA ALA A 348 25.52 38.59 -8.70
C ALA A 348 26.04 39.31 -7.46
N GLN A 349 25.15 39.97 -6.74
CA GLN A 349 25.53 40.73 -5.55
C GLN A 349 25.02 40.05 -4.28
N TYR A 350 25.89 39.91 -3.30
CA TYR A 350 25.54 39.23 -2.05
C TYR A 350 25.70 40.18 -0.86
N SER A 351 24.78 40.09 0.10
CA SER A 351 25.00 40.62 1.44
C SER A 351 25.84 39.65 2.25
N ILE A 352 26.90 40.16 2.87
CA ILE A 352 27.71 39.36 3.78
C ILE A 352 27.23 39.53 5.21
N MET A 353 26.68 38.46 5.78
CA MET A 353 25.90 38.55 7.00
C MET A 353 26.65 37.89 8.15
N ASN A 354 26.51 38.48 9.34
CA ASN A 354 27.23 38.02 10.51
C ASN A 354 26.28 37.95 11.71
N LEU A 355 26.20 36.78 12.33
CA LEU A 355 25.27 36.58 13.44
C LEU A 355 25.83 37.16 14.74
N GLN A 356 25.28 38.29 15.17
CA GLN A 356 25.75 38.98 16.36
C GLN A 356 24.65 39.10 17.39
N ASN A 357 24.94 38.68 18.62
CA ASN A 357 23.90 38.56 19.64
C ASN A 357 22.62 37.98 19.05
N ARG A 358 22.79 36.99 18.17
CA ARG A 358 21.66 36.22 17.66
C ARG A 358 20.81 37.03 16.69
N LYS A 359 21.33 38.18 16.27
CA LYS A 359 20.74 38.91 15.15
C LYS A 359 21.64 38.84 13.93
N LEU A 360 21.03 38.68 12.75
CA LEU A 360 21.77 38.74 11.50
C LEU A 360 22.08 40.18 11.13
N VAL A 361 23.37 40.47 10.97
CA VAL A 361 23.83 41.83 10.73
C VAL A 361 24.68 41.88 9.47
N GLN A 362 24.37 42.81 8.57
CA GLN A 362 25.17 43.00 7.37
C GLN A 362 26.50 43.68 7.70
N VAL A 363 27.59 43.03 7.35
CA VAL A 363 28.92 43.55 7.62
C VAL A 363 29.65 43.89 6.31
N GLY A 364 29.02 43.56 5.19
CA GLY A 364 29.58 43.91 3.90
C GLY A 364 28.72 43.45 2.74
N ILE A 365 29.16 43.74 1.52
CA ILE A 365 28.57 43.16 0.33
C ILE A 365 29.63 42.71 -0.66
N PHE A 366 29.34 41.63 -1.38
CA PHE A 366 30.05 41.31 -2.60
C PHE A 366 29.31 41.89 -3.80
N ASN A 367 29.96 42.85 -4.47
CA ASN A 367 29.27 43.72 -5.41
C ASN A 367 29.28 43.16 -6.83
N GLY A 368 29.75 41.92 -6.96
CA GLY A 368 29.85 41.27 -8.27
C GLY A 368 31.26 40.80 -8.56
N SER A 369 32.25 41.51 -8.03
CA SER A 369 33.65 41.21 -8.31
C SER A 369 34.54 41.61 -7.14
N TYR A 370 33.98 42.35 -6.19
CA TYR A 370 34.78 43.00 -5.15
C TYR A 370 34.07 42.94 -3.80
N ILE A 371 34.82 42.63 -2.76
CA ILE A 371 34.30 42.67 -1.39
C ILE A 371 34.39 44.07 -0.81
N ILE A 372 33.25 44.57 -0.30
CA ILE A 372 33.19 45.87 0.31
C ILE A 372 32.73 45.75 1.76
N GLN A 373 33.64 45.97 2.70
CA GLN A 373 33.30 45.97 4.12
C GLN A 373 32.67 47.30 4.53
N ASN A 374 31.49 47.22 5.12
CA ASN A 374 30.87 48.40 5.72
C ASN A 374 31.42 48.67 7.12
N ASP A 375 30.83 49.64 7.80
CA ASP A 375 31.43 50.22 9.00
C ASP A 375 31.05 49.44 10.26
N ARG A 376 30.20 48.43 10.09
CA ARG A 376 29.81 47.57 11.19
C ARG A 376 30.81 46.44 11.39
N LYS A 377 31.29 46.28 12.62
CA LYS A 377 32.40 45.38 12.90
C LYS A 377 31.94 43.93 12.90
N ILE A 378 32.71 43.06 12.23
CA ILE A 378 32.52 41.63 12.35
C ILE A 378 32.85 41.16 13.77
N ILE A 379 31.93 40.42 14.37
CA ILE A 379 32.23 39.65 15.57
C ILE A 379 32.35 38.17 15.24
N TRP A 380 33.53 37.61 15.47
CA TRP A 380 33.80 36.20 15.20
C TRP A 380 33.25 35.33 16.33
N PRO A 381 33.14 34.02 16.06
CA PRO A 381 32.78 33.05 17.09
C PRO A 381 33.68 33.15 18.32
N GLY A 382 33.08 33.20 19.50
CA GLY A 382 33.78 33.63 20.70
C GLY A 382 33.56 35.11 20.98
N GLY A 383 34.29 35.96 20.26
CA GLY A 383 34.35 37.38 20.58
C GLY A 383 32.98 38.02 20.66
N PRO B 1 -10.50 -15.50 -10.97
CA PRO B 1 -9.45 -14.54 -10.64
C PRO B 1 -9.76 -13.14 -11.15
N PRO B 2 -9.47 -12.11 -10.33
CA PRO B 2 -9.80 -10.74 -10.66
C PRO B 2 -9.00 -10.21 -11.84
N SER B 3 -9.52 -9.16 -12.48
CA SER B 3 -8.93 -8.64 -13.70
C SER B 3 -8.22 -7.32 -13.44
N ILE B 4 -7.01 -7.17 -13.97
CA ILE B 4 -6.35 -5.88 -14.01
C ILE B 4 -6.34 -5.33 -15.43
N GLY B 5 -6.51 -4.00 -15.54
CA GLY B 5 -6.49 -3.34 -16.84
C GLY B 5 -5.07 -3.05 -17.30
N ILE B 6 -4.76 -3.47 -18.52
CA ILE B 6 -3.50 -3.11 -19.16
C ILE B 6 -3.75 -2.42 -20.50
N ALA B 7 -3.28 -1.20 -20.64
CA ALA B 7 -3.33 -0.51 -21.92
C ALA B 7 -2.10 -0.85 -22.75
N VAL B 8 -2.34 -1.34 -23.96
CA VAL B 8 -1.28 -1.43 -24.97
C VAL B 8 -1.43 -0.32 -26.01
N ILE B 9 -0.46 0.58 -26.04
CA ILE B 9 -0.54 1.75 -26.92
C ILE B 9 0.41 1.59 -28.10
N LEU B 10 -0.15 1.63 -29.31
CA LEU B 10 0.63 1.42 -30.52
C LEU B 10 0.62 2.68 -31.38
N VAL B 11 1.80 3.21 -31.64
CA VAL B 11 1.95 4.36 -32.54
C VAL B 11 2.42 3.89 -33.92
N GLY B 12 1.66 4.27 -34.94
CA GLY B 12 2.10 4.06 -36.32
C GLY B 12 1.82 2.65 -36.80
N THR B 13 2.02 2.43 -38.10
CA THR B 13 1.52 1.23 -38.76
C THR B 13 1.87 -0.02 -37.95
N SER B 14 0.86 -0.83 -37.67
CA SER B 14 1.06 -2.08 -36.95
C SER B 14 -0.09 -3.05 -37.21
N ASP B 15 0.23 -4.34 -37.27
CA ASP B 15 -0.79 -5.38 -37.39
C ASP B 15 -1.35 -5.76 -36.02
N GLU B 16 -2.48 -5.16 -35.66
CA GLU B 16 -3.10 -5.40 -34.37
C GLU B 16 -3.54 -6.85 -34.25
N VAL B 17 -4.00 -7.42 -35.36
CA VAL B 17 -4.51 -8.80 -35.36
C VAL B 17 -3.41 -9.78 -34.97
N ALA B 18 -2.26 -9.66 -35.62
CA ALA B 18 -1.11 -10.51 -35.31
C ALA B 18 -0.64 -10.27 -33.88
N ILE B 19 -0.85 -9.06 -33.38
CA ILE B 19 -0.52 -8.72 -32.01
C ILE B 19 -1.48 -9.39 -31.05
N LYS B 20 -2.77 -9.20 -31.27
CA LYS B 20 -3.80 -9.77 -30.41
C LYS B 20 -3.81 -11.29 -30.48
N ASP B 21 -2.83 -11.85 -31.19
CA ASP B 21 -2.76 -13.29 -31.40
C ASP B 21 -1.67 -13.93 -30.56
N ALA B 22 -0.51 -13.28 -30.48
CA ALA B 22 0.58 -13.76 -29.65
C ALA B 22 0.16 -13.76 -28.17
N HIS B 23 -0.89 -13.01 -27.85
CA HIS B 23 -1.34 -12.85 -26.47
C HIS B 23 -2.38 -13.90 -26.11
N HIS B 30 -3.52 -19.71 -13.79
CA HIS B 30 -2.11 -19.97 -13.54
C HIS B 30 -1.48 -18.86 -12.71
N LEU B 31 -2.01 -17.65 -12.85
CA LEU B 31 -1.63 -16.54 -11.98
C LEU B 31 -2.77 -16.19 -11.02
N SER B 32 -2.48 -15.35 -10.04
CA SER B 32 -3.48 -14.92 -9.07
C SER B 32 -4.35 -13.81 -9.65
N VAL B 33 -4.00 -13.36 -10.86
CA VAL B 33 -4.71 -12.26 -11.49
C VAL B 33 -4.63 -12.39 -13.01
N VAL B 34 -5.52 -11.70 -13.71
CA VAL B 34 -5.77 -11.96 -15.12
C VAL B 34 -5.96 -10.66 -15.90
N PRO B 35 -5.18 -10.48 -16.97
CA PRO B 35 -5.12 -9.21 -17.70
C PRO B 35 -6.36 -8.96 -18.54
N ARG B 36 -6.89 -7.74 -18.47
CA ARG B 36 -7.78 -7.24 -19.50
C ARG B 36 -7.05 -6.26 -20.41
N VAL B 37 -6.64 -6.75 -21.58
CA VAL B 37 -5.81 -5.96 -22.49
C VAL B 37 -6.66 -5.03 -23.35
N GLU B 38 -6.10 -3.89 -23.70
CA GLU B 38 -6.86 -2.85 -24.39
C GLU B 38 -5.96 -2.11 -25.39
N LEU B 39 -6.08 -2.49 -26.67
CA LEU B 39 -5.28 -1.87 -27.73
C LEU B 39 -5.78 -0.47 -28.03
N VAL B 40 -4.92 0.53 -27.80
CA VAL B 40 -5.19 1.89 -28.26
C VAL B 40 -4.17 2.28 -29.33
N ALA B 41 -4.67 2.80 -30.45
CA ALA B 41 -3.81 3.37 -31.47
C ALA B 41 -3.62 4.86 -31.23
N MET B 42 -2.45 5.38 -31.59
CA MET B 42 -2.16 6.79 -31.40
C MET B 42 -1.35 7.34 -32.59
N ASN B 43 -1.65 8.57 -32.98
CA ASN B 43 -1.13 9.11 -34.23
C ASN B 43 0.09 10.00 -34.01
N GLU B 44 0.10 10.72 -32.88
CA GLU B 44 1.10 11.77 -32.66
C GLU B 44 1.95 11.43 -31.45
N THR B 45 3.15 12.00 -31.39
CA THR B 45 4.12 11.64 -30.37
C THR B 45 4.78 12.89 -29.77
N ASP B 46 4.06 14.00 -29.80
CA ASP B 46 4.43 15.18 -29.02
C ASP B 46 4.01 15.01 -27.56
N PRO B 47 4.59 15.84 -26.67
CA PRO B 47 4.35 15.74 -25.23
C PRO B 47 2.87 15.78 -24.87
N LYS B 48 2.13 16.73 -25.44
CA LYS B 48 0.72 16.90 -25.12
C LYS B 48 -0.10 15.69 -25.53
N SER B 49 0.11 15.23 -26.76
CA SER B 49 -0.64 14.10 -27.29
C SER B 49 -0.42 12.85 -26.44
N ILE B 50 0.82 12.61 -26.05
CA ILE B 50 1.16 11.43 -25.26
C ILE B 50 0.61 11.52 -23.85
N ILE B 51 0.77 12.69 -23.22
CA ILE B 51 0.27 12.89 -21.85
C ILE B 51 -1.25 12.79 -21.83
N THR B 52 -1.90 13.51 -22.73
CA THR B 52 -3.35 13.56 -22.79
C THR B 52 -3.95 12.18 -23.06
N ARG B 53 -3.29 11.43 -23.94
CA ARG B 53 -3.80 10.11 -24.33
C ARG B 53 -3.80 9.18 -23.12
N ILE B 54 -2.67 9.14 -22.41
CA ILE B 54 -2.49 8.19 -21.31
C ILE B 54 -3.35 8.59 -20.12
N CYS B 55 -3.51 9.90 -19.92
CA CYS B 55 -4.30 10.41 -18.80
C CYS B 55 -5.80 10.15 -19.03
N ASP B 56 -6.22 10.26 -20.28
CA ASP B 56 -7.60 9.95 -20.65
C ASP B 56 -7.89 8.46 -20.45
N LEU B 57 -6.94 7.63 -20.87
CA LEU B 57 -7.04 6.18 -20.63
C LEU B 57 -7.22 5.90 -19.15
N MET B 58 -6.46 6.60 -18.32
CA MET B 58 -6.38 6.27 -16.90
C MET B 58 -7.62 6.76 -16.16
N SER B 59 -8.42 7.60 -16.82
CA SER B 59 -9.61 8.16 -16.21
C SER B 59 -10.88 7.53 -16.77
N ASP B 60 -10.72 6.72 -17.80
CA ASP B 60 -11.84 5.95 -18.35
C ASP B 60 -11.85 4.53 -17.78
N ARG B 61 -10.73 3.83 -17.96
CA ARG B 61 -10.58 2.49 -17.43
C ARG B 61 -9.67 2.50 -16.21
N LYS B 62 -9.56 1.36 -15.53
CA LYS B 62 -8.65 1.23 -14.40
C LYS B 62 -7.36 0.55 -14.85
N ILE B 63 -6.35 1.38 -15.12
CA ILE B 63 -5.13 0.91 -15.77
C ILE B 63 -4.05 0.59 -14.75
N GLN B 64 -3.68 -0.68 -14.67
CA GLN B 64 -2.65 -1.13 -13.76
C GLN B 64 -1.26 -0.88 -14.33
N GLY B 65 -1.18 -0.82 -15.66
CA GLY B 65 0.11 -0.78 -16.35
C GLY B 65 -0.03 -0.45 -17.83
N VAL B 66 1.02 0.12 -18.41
CA VAL B 66 1.00 0.52 -19.81
C VAL B 66 2.13 -0.14 -20.58
N VAL B 67 1.79 -0.78 -21.69
CA VAL B 67 2.78 -1.25 -22.65
C VAL B 67 2.77 -0.35 -23.88
N PHE B 68 3.94 0.21 -24.20
CA PHE B 68 4.01 1.26 -25.21
C PHE B 68 4.97 0.85 -26.34
N ALA B 69 4.51 0.96 -27.57
CA ALA B 69 5.36 0.74 -28.73
C ALA B 69 5.10 1.78 -29.81
N ASP B 70 6.16 2.25 -30.45
CA ASP B 70 6.03 3.19 -31.57
C ASP B 70 6.99 2.86 -32.70
N ASP B 71 6.77 3.53 -33.84
CA ASP B 71 7.57 3.28 -35.04
C ASP B 71 8.39 4.51 -35.41
N THR B 72 8.77 5.30 -34.42
CA THR B 72 9.54 6.51 -34.67
C THR B 72 10.98 6.35 -34.22
N ASP B 73 11.81 7.33 -34.54
CA ASP B 73 13.19 7.38 -34.04
C ASP B 73 13.32 8.41 -32.93
N GLN B 74 12.23 8.71 -32.25
CA GLN B 74 12.16 9.84 -31.34
C GLN B 74 12.47 9.42 -29.90
N GLU B 75 13.74 9.58 -29.51
CA GLU B 75 14.20 9.15 -28.20
C GLU B 75 13.49 9.93 -27.09
N ALA B 76 12.88 11.06 -27.45
CA ALA B 76 12.21 11.91 -26.47
C ALA B 76 10.97 11.23 -25.91
N ILE B 77 10.40 10.30 -26.68
CA ILE B 77 9.23 9.57 -26.23
C ILE B 77 9.52 8.84 -24.92
N ALA B 78 10.73 8.30 -24.81
CA ALA B 78 11.14 7.61 -23.59
C ALA B 78 11.20 8.57 -22.41
N GLN B 79 11.67 9.80 -22.67
CA GLN B 79 11.79 10.80 -21.61
C GLN B 79 10.41 11.22 -21.12
N ILE B 80 9.48 11.38 -22.07
CA ILE B 80 8.12 11.76 -21.72
C ILE B 80 7.45 10.67 -20.88
N LEU B 81 7.70 9.41 -21.23
CA LEU B 81 7.04 8.29 -20.58
C LEU B 81 7.55 8.11 -19.16
N ASP B 82 8.85 8.30 -18.98
CA ASP B 82 9.46 8.25 -17.66
C ASP B 82 8.86 9.34 -16.77
N PHE B 83 8.72 10.54 -17.33
CA PHE B 83 8.08 11.64 -16.63
C PHE B 83 6.67 11.26 -16.19
N ILE B 84 5.89 10.71 -17.11
CA ILE B 84 4.52 10.33 -16.83
C ILE B 84 4.47 9.22 -15.78
N SER B 85 5.40 8.28 -15.88
CA SER B 85 5.43 7.12 -15.00
C SER B 85 5.72 7.55 -13.56
N ALA B 86 6.67 8.46 -13.41
CA ALA B 86 7.08 8.92 -12.09
C ALA B 86 6.00 9.77 -11.44
N GLN B 87 5.31 10.57 -12.25
CA GLN B 87 4.31 11.50 -11.74
C GLN B 87 3.05 10.78 -11.29
N THR B 88 2.69 9.72 -12.00
CA THR B 88 1.43 9.00 -11.73
C THR B 88 1.71 7.67 -11.05
N LEU B 89 3.00 7.35 -10.90
CA LEU B 89 3.41 6.07 -10.35
C LEU B 89 2.67 4.92 -11.04
N THR B 90 2.77 4.90 -12.36
CA THR B 90 2.21 3.82 -13.16
C THR B 90 3.33 3.13 -13.95
N PRO B 91 3.38 1.80 -13.87
CA PRO B 91 4.29 1.01 -14.70
C PRO B 91 4.10 1.30 -16.19
N ILE B 92 5.18 1.67 -16.86
CA ILE B 92 5.18 1.79 -18.32
C ILE B 92 6.37 1.04 -18.90
N LEU B 93 6.09 0.15 -19.85
CA LEU B 93 7.14 -0.53 -20.61
C LEU B 93 7.25 0.08 -22.00
N GLY B 94 8.42 0.62 -22.32
CA GLY B 94 8.73 1.02 -23.68
C GLY B 94 9.43 -0.08 -24.45
N ILE B 95 8.68 -0.75 -25.32
CA ILE B 95 9.08 -2.05 -25.81
C ILE B 95 9.64 -1.97 -27.23
N HIS B 96 9.45 -0.82 -27.88
CA HIS B 96 9.81 -0.68 -29.28
C HIS B 96 9.80 0.78 -29.72
N GLY B 97 10.79 1.15 -30.53
CA GLY B 97 10.84 2.48 -31.13
C GLY B 97 11.56 3.48 -30.25
N GLY B 98 11.14 4.74 -30.34
CA GLY B 98 11.68 5.78 -29.47
C GLY B 98 11.46 5.49 -28.00
N SER B 99 10.39 4.77 -27.70
CA SER B 99 10.03 4.48 -26.33
C SER B 99 11.06 3.56 -25.66
N SER B 100 11.85 2.88 -26.47
CA SER B 100 12.81 1.89 -25.96
C SER B 100 14.24 2.41 -26.07
N MET B 101 14.39 3.62 -26.61
CA MET B 101 15.70 4.23 -26.76
C MET B 101 16.22 4.72 -25.42
N ILE B 102 17.37 4.21 -25.01
CA ILE B 102 17.74 4.20 -23.60
C ILE B 102 17.57 5.58 -23.00
N MET B 103 16.90 5.66 -21.87
CA MET B 103 16.98 6.84 -21.02
C MET B 103 17.87 6.57 -19.81
N ALA B 104 18.96 7.32 -19.71
CA ALA B 104 19.79 7.33 -18.53
C ALA B 104 19.20 8.25 -17.46
N ASP B 105 19.38 7.89 -16.20
CA ASP B 105 18.86 8.69 -15.09
C ASP B 105 17.34 8.86 -15.22
N LYS B 106 16.62 7.74 -15.17
CA LYS B 106 15.21 7.75 -14.85
C LYS B 106 14.97 8.31 -13.45
N ASP B 107 13.78 8.85 -13.23
CA ASP B 107 13.42 9.47 -11.96
C ASP B 107 13.49 8.45 -10.83
N GLU B 108 13.73 8.94 -9.61
CA GLU B 108 13.71 8.09 -8.42
C GLU B 108 12.40 7.31 -8.32
N SER B 109 11.30 7.94 -8.73
CA SER B 109 9.98 7.35 -8.56
C SER B 109 9.51 6.64 -9.83
N SER B 110 10.36 6.63 -10.85
CA SER B 110 10.00 6.03 -12.13
C SER B 110 9.59 4.57 -11.96
N MET B 111 8.50 4.19 -12.62
CA MET B 111 8.22 2.78 -12.88
C MET B 111 8.27 2.51 -14.38
N PHE B 112 9.28 3.09 -15.03
CA PHE B 112 9.43 2.99 -16.48
C PHE B 112 10.56 2.02 -16.82
N PHE B 113 10.22 0.98 -17.58
CA PHE B 113 11.20 -0.04 -17.96
C PHE B 113 11.24 -0.19 -19.48
N GLN B 114 12.44 -0.37 -20.01
CA GLN B 114 12.66 -0.35 -21.46
C GLN B 114 13.22 -1.69 -21.93
N PHE B 115 12.66 -2.21 -23.01
CA PHE B 115 13.29 -3.30 -23.74
C PHE B 115 14.55 -2.80 -24.43
N GLY B 116 15.65 -3.52 -24.23
CA GLY B 116 16.91 -3.18 -24.88
C GLY B 116 18.04 -3.03 -23.88
N PRO B 117 19.27 -2.88 -24.40
CA PRO B 117 20.47 -2.87 -23.58
C PRO B 117 20.70 -1.54 -22.89
N SER B 118 21.26 -1.58 -21.69
CA SER B 118 21.79 -0.39 -21.05
C SER B 118 22.86 0.28 -21.92
N ILE B 119 23.23 1.50 -21.55
CA ILE B 119 24.37 2.17 -22.15
C ILE B 119 25.64 1.37 -21.92
N GLU B 120 25.84 0.93 -20.68
CA GLU B 120 27.10 0.32 -20.27
C GLU B 120 27.34 -0.98 -21.03
N GLN B 121 26.27 -1.70 -21.33
CA GLN B 121 26.37 -3.00 -21.97
C GLN B 121 26.73 -2.83 -23.45
N GLN B 122 26.15 -1.82 -24.07
CA GLN B 122 26.49 -1.47 -25.44
C GLN B 122 27.96 -1.05 -25.54
N ALA B 123 28.42 -0.24 -24.60
CA ALA B 123 29.81 0.19 -24.57
C ALA B 123 30.74 -1.01 -24.40
N SER B 124 30.29 -1.97 -23.60
CA SER B 124 31.05 -3.21 -23.39
C SER B 124 31.13 -4.00 -24.70
N VAL B 125 30.00 -4.09 -25.39
CA VAL B 125 29.95 -4.79 -26.68
C VAL B 125 30.89 -4.14 -27.69
N MET B 126 30.96 -2.80 -27.65
CA MET B 126 31.71 -2.04 -28.64
C MET B 126 33.21 -2.27 -28.48
N LEU B 127 33.67 -2.42 -27.24
CA LEU B 127 35.06 -2.73 -26.97
C LEU B 127 35.41 -4.15 -27.37
N ASN B 128 34.43 -5.05 -27.23
CA ASN B 128 34.62 -6.44 -27.62
C ASN B 128 34.80 -6.58 -29.12
N ILE B 129 34.02 -5.82 -29.88
CA ILE B 129 34.20 -5.73 -31.32
C ILE B 129 35.61 -5.26 -31.65
N MET B 130 36.07 -4.24 -30.93
CA MET B 130 37.38 -3.67 -31.18
C MET B 130 38.50 -4.68 -30.90
N GLU B 131 38.36 -5.43 -29.80
CA GLU B 131 39.38 -6.39 -29.42
C GLU B 131 39.43 -7.55 -30.40
N GLU B 132 38.28 -7.91 -30.96
CA GLU B 132 38.21 -9.01 -31.91
C GLU B 132 39.07 -8.72 -33.13
N TYR B 133 38.97 -7.49 -33.63
CA TYR B 133 39.71 -7.09 -34.82
C TYR B 133 40.96 -6.31 -34.45
N ASP B 134 41.35 -6.38 -33.18
CA ASP B 134 42.57 -5.75 -32.69
C ASP B 134 42.62 -4.27 -33.06
N TRP B 135 41.48 -3.59 -32.90
CA TRP B 135 41.43 -2.13 -33.00
C TRP B 135 41.53 -1.49 -31.63
N TYR B 136 42.74 -1.11 -31.24
CA TYR B 136 43.03 -0.75 -29.85
C TYR B 136 43.15 0.77 -29.70
N ILE B 137 43.20 1.47 -30.83
CA ILE B 137 43.43 2.91 -30.82
C ILE B 137 42.19 3.62 -31.34
N PHE B 138 41.64 4.52 -30.52
CA PHE B 138 40.31 5.05 -30.77
C PHE B 138 40.07 6.38 -30.05
N SER B 139 39.05 7.09 -30.48
CA SER B 139 38.61 8.31 -29.80
C SER B 139 37.10 8.26 -29.57
N ILE B 140 36.61 9.10 -28.66
CA ILE B 140 35.19 9.15 -28.35
C ILE B 140 34.60 10.51 -28.73
N VAL B 141 33.44 10.49 -29.38
CA VAL B 141 32.64 11.69 -29.57
C VAL B 141 31.25 11.48 -28.96
N THR B 142 30.84 12.42 -28.11
CA THR B 142 29.46 12.46 -27.62
C THR B 142 28.88 13.86 -27.71
N THR B 143 27.56 13.95 -27.63
CA THR B 143 26.91 15.20 -27.24
C THR B 143 26.60 15.20 -25.74
N TYR B 144 25.71 16.09 -25.33
CA TYR B 144 25.29 16.17 -23.94
C TYR B 144 24.05 15.31 -23.69
N PHE B 145 23.66 14.53 -24.68
CA PHE B 145 22.51 13.64 -24.53
C PHE B 145 22.68 12.77 -23.29
N PRO B 146 21.67 12.74 -22.42
CA PRO B 146 21.78 12.01 -21.17
C PRO B 146 22.29 10.59 -21.38
N GLY B 147 23.29 10.20 -20.58
CA GLY B 147 23.94 8.92 -20.76
C GLY B 147 25.40 9.07 -21.16
N TYR B 148 25.73 10.20 -21.76
CA TYR B 148 27.02 10.36 -22.41
C TYR B 148 28.16 10.19 -21.42
N GLN B 149 27.92 10.60 -20.18
CA GLN B 149 28.89 10.42 -19.10
C GLN B 149 29.03 8.93 -18.74
N ASP B 150 27.90 8.24 -18.65
CA ASP B 150 27.90 6.82 -18.33
C ASP B 150 28.62 6.03 -19.42
N PHE B 151 28.49 6.49 -20.66
CA PHE B 151 29.19 5.88 -21.78
C PHE B 151 30.70 6.05 -21.65
N VAL B 152 31.14 7.30 -21.50
CA VAL B 152 32.57 7.59 -21.38
C VAL B 152 33.18 6.89 -20.18
N ASN B 153 32.46 6.89 -19.06
CA ASN B 153 32.97 6.30 -17.82
C ASN B 153 33.12 4.79 -17.94
N LYS B 154 32.18 4.15 -18.60
CA LYS B 154 32.21 2.70 -18.78
C LYS B 154 33.42 2.30 -19.61
N ILE B 155 33.63 2.98 -20.72
CA ILE B 155 34.82 2.76 -21.55
C ILE B 155 36.08 2.94 -20.71
N ARG B 156 36.14 4.05 -19.98
CA ARG B 156 37.37 4.45 -19.31
C ARG B 156 37.80 3.42 -18.29
N SER B 157 36.83 2.83 -17.60
CA SER B 157 37.12 1.95 -16.48
C SER B 157 37.33 0.51 -16.95
N THR B 158 36.75 0.17 -18.09
CA THR B 158 37.12 -1.06 -18.79
C THR B 158 38.56 -0.99 -19.27
N ILE B 159 38.89 0.07 -20.01
CA ILE B 159 40.26 0.33 -20.42
C ILE B 159 41.20 0.22 -19.23
N GLU B 160 40.98 1.06 -18.22
CA GLU B 160 41.95 1.27 -17.15
C GLU B 160 42.31 -0.06 -16.49
N ASN B 161 41.37 -0.99 -16.50
CA ASN B 161 41.53 -2.25 -15.78
C ASN B 161 41.83 -3.42 -16.72
N SER B 162 42.60 -3.16 -17.78
CA SER B 162 42.87 -4.15 -18.80
C SER B 162 44.35 -4.21 -19.13
N PHE B 163 44.91 -5.43 -19.16
CA PHE B 163 46.29 -5.63 -19.55
C PHE B 163 46.42 -5.61 -21.08
N VAL B 164 45.51 -4.90 -21.73
CA VAL B 164 45.54 -4.74 -23.18
C VAL B 164 45.92 -3.31 -23.55
N GLY B 165 46.63 -3.15 -24.65
CA GLY B 165 47.20 -1.86 -25.02
C GLY B 165 46.19 -0.93 -25.66
N TRP B 166 45.05 -0.73 -24.99
CA TRP B 166 44.12 0.33 -25.35
C TRP B 166 44.81 1.69 -25.34
N GLU B 167 44.45 2.54 -26.30
CA GLU B 167 44.88 3.94 -26.28
C GLU B 167 43.73 4.86 -26.68
N LEU B 168 43.07 5.42 -25.67
CA LEU B 168 42.06 6.45 -25.88
C LEU B 168 42.71 7.79 -26.13
N GLU B 169 42.58 8.31 -27.35
CA GLU B 169 43.40 9.42 -27.81
C GLU B 169 42.72 10.76 -27.51
N GLU B 170 41.46 10.87 -27.89
CA GLU B 170 40.68 12.07 -27.64
C GLU B 170 39.28 11.70 -27.18
N VAL B 171 38.74 12.50 -26.27
CA VAL B 171 37.31 12.51 -26.00
C VAL B 171 36.73 13.88 -26.32
N LEU B 172 35.86 13.93 -27.33
CA LEU B 172 35.21 15.18 -27.70
C LEU B 172 33.81 15.26 -27.09
N LEU B 173 33.49 16.43 -26.53
CA LEU B 173 32.14 16.74 -26.12
C LEU B 173 31.56 17.85 -27.00
N LEU B 174 30.48 17.55 -27.71
CA LEU B 174 29.94 18.46 -28.70
C LEU B 174 28.66 19.10 -28.18
N ASP B 175 28.63 20.43 -28.16
CA ASP B 175 27.47 21.16 -27.70
C ASP B 175 26.57 21.53 -28.86
N MET B 176 25.50 20.77 -29.05
CA MET B 176 24.56 21.02 -30.14
C MET B 176 23.27 21.65 -29.63
N SER B 177 23.36 22.30 -28.47
CA SER B 177 22.29 23.16 -28.00
C SER B 177 22.49 24.58 -28.53
N LEU B 178 23.67 24.85 -29.08
CA LEU B 178 23.93 26.11 -29.77
C LEU B 178 24.06 25.89 -31.27
N ASP B 179 23.81 26.94 -32.05
CA ASP B 179 24.01 26.90 -33.49
C ASP B 179 25.49 26.78 -33.82
N ASP B 180 25.78 26.34 -35.04
CA ASP B 180 27.15 26.08 -35.46
C ASP B 180 27.55 27.05 -36.58
N GLY B 181 27.32 28.33 -36.36
CA GLY B 181 27.71 29.36 -37.32
C GLY B 181 29.11 29.88 -37.06
N ASP B 182 29.70 29.46 -35.94
CA ASP B 182 31.11 29.73 -35.67
C ASP B 182 31.97 28.54 -36.07
N SER B 183 31.33 27.50 -36.57
CA SER B 183 32.04 26.32 -37.06
C SER B 183 32.81 25.64 -35.93
N LYS B 184 32.22 25.63 -34.73
CA LYS B 184 32.88 25.05 -33.56
C LYS B 184 33.04 23.54 -33.73
N ILE B 185 31.95 22.86 -34.09
CA ILE B 185 31.95 21.41 -34.15
C ILE B 185 32.96 20.92 -35.18
N GLN B 186 33.05 21.64 -36.29
CA GLN B 186 34.03 21.34 -37.32
C GLN B 186 35.45 21.42 -36.77
N ASN B 187 35.72 22.46 -36.00
CA ASN B 187 37.06 22.67 -35.44
C ASN B 187 37.40 21.60 -34.39
N GLN B 188 36.40 21.13 -33.68
CA GLN B 188 36.59 20.05 -32.71
C GLN B 188 36.85 18.73 -33.44
N LEU B 189 36.09 18.47 -34.50
CA LEU B 189 36.18 17.20 -35.21
C LEU B 189 37.52 17.08 -35.92
N LYS B 190 38.05 18.21 -36.39
CA LYS B 190 39.30 18.20 -37.15
C LYS B 190 40.48 17.87 -36.25
N LYS B 191 40.20 17.53 -35.00
CA LYS B 191 41.24 17.18 -34.04
C LYS B 191 41.38 15.66 -33.91
N LEU B 192 40.51 14.93 -34.58
CA LEU B 192 40.48 13.47 -34.47
C LEU B 192 41.52 12.84 -35.39
N GLN B 193 42.29 11.90 -34.85
CA GLN B 193 43.31 11.20 -35.63
C GLN B 193 43.01 9.70 -35.66
N SER B 194 42.30 9.21 -34.64
CA SER B 194 42.18 7.78 -34.41
C SER B 194 41.41 7.11 -35.54
N PRO B 195 41.71 5.84 -35.81
CA PRO B 195 41.04 5.10 -36.90
C PRO B 195 39.69 4.54 -36.45
N ILE B 196 39.50 4.36 -35.16
CA ILE B 196 38.19 4.02 -34.62
C ILE B 196 37.62 5.17 -33.80
N ILE B 197 36.36 5.52 -34.07
CA ILE B 197 35.68 6.58 -33.35
C ILE B 197 34.34 6.08 -32.80
N LEU B 198 34.22 6.09 -31.48
CA LEU B 198 32.95 5.76 -30.83
C LEU B 198 32.09 7.00 -30.68
N LEU B 199 30.86 6.93 -31.17
CA LEU B 199 29.96 8.07 -31.16
C LEU B 199 28.74 7.78 -30.30
N TYR B 200 28.54 8.62 -29.28
CA TYR B 200 27.31 8.57 -28.49
C TYR B 200 26.51 9.85 -28.68
N CYS B 201 25.30 9.69 -29.21
CA CYS B 201 24.41 10.82 -29.44
C CYS B 201 23.09 10.27 -29.99
N THR B 202 22.20 11.18 -30.38
CA THR B 202 20.93 10.76 -30.96
C THR B 202 21.05 10.61 -32.47
N LYS B 203 20.11 9.88 -33.05
CA LYS B 203 20.08 9.69 -34.49
C LYS B 203 20.14 11.03 -35.22
N GLU B 204 19.34 11.99 -34.77
CA GLU B 204 19.24 13.28 -35.43
C GLU B 204 20.53 14.07 -35.28
N GLU B 205 21.18 13.91 -34.13
CA GLU B 205 22.45 14.57 -33.87
C GLU B 205 23.55 13.97 -34.74
N ALA B 206 23.54 12.66 -34.89
CA ALA B 206 24.55 11.96 -35.67
C ALA B 206 24.45 12.34 -37.15
N THR B 207 23.21 12.50 -37.61
CA THR B 207 22.97 13.01 -38.96
C THR B 207 23.81 14.26 -39.22
N TYR B 208 23.77 15.21 -38.29
CA TYR B 208 24.48 16.46 -38.47
C TYR B 208 25.98 16.27 -38.30
N ILE B 209 26.36 15.47 -37.30
CA ILE B 209 27.77 15.27 -36.98
C ILE B 209 28.49 14.60 -38.14
N PHE B 210 27.80 13.66 -38.79
CA PHE B 210 28.38 12.94 -39.92
C PHE B 210 28.56 13.86 -41.12
N GLU B 211 27.55 14.69 -41.38
CA GLU B 211 27.64 15.68 -42.45
C GLU B 211 28.88 16.55 -42.27
N VAL B 212 29.18 16.91 -41.04
CA VAL B 212 30.33 17.77 -40.75
C VAL B 212 31.64 16.98 -40.85
N ALA B 213 31.64 15.77 -40.30
CA ALA B 213 32.81 14.92 -40.35
C ALA B 213 33.22 14.64 -41.79
N ASN B 214 32.23 14.45 -42.65
CA ASN B 214 32.49 14.21 -44.07
C ASN B 214 33.17 15.40 -44.71
N SER B 215 32.70 16.60 -44.37
CA SER B 215 33.29 17.84 -44.89
C SER B 215 34.77 17.92 -44.55
N VAL B 216 35.20 17.11 -43.60
CA VAL B 216 36.53 17.24 -43.03
C VAL B 216 37.33 15.95 -43.22
N GLY B 217 36.70 14.98 -43.89
CA GLY B 217 37.42 13.84 -44.44
C GLY B 217 37.57 12.70 -43.45
N LEU B 218 36.51 12.41 -42.71
CA LEU B 218 36.61 11.53 -41.55
C LEU B 218 35.66 10.34 -41.66
N THR B 219 34.89 10.30 -42.75
CA THR B 219 33.85 9.28 -42.91
C THR B 219 34.36 8.11 -43.75
N GLY B 220 35.32 8.37 -44.63
CA GLY B 220 35.70 7.41 -45.65
C GLY B 220 36.57 6.29 -45.11
N TYR B 221 37.40 5.72 -45.96
CA TYR B 221 38.35 4.68 -45.54
C TYR B 221 39.36 5.23 -44.55
N GLY B 222 39.81 4.38 -43.65
CA GLY B 222 40.80 4.78 -42.63
C GLY B 222 40.13 5.24 -41.35
N TYR B 223 38.82 5.46 -41.43
CA TYR B 223 38.04 5.84 -40.25
C TYR B 223 36.81 4.95 -40.13
N THR B 224 36.69 4.25 -39.01
CA THR B 224 35.50 3.44 -38.73
C THR B 224 34.73 4.00 -37.55
N TRP B 225 33.45 4.29 -37.77
CA TRP B 225 32.60 4.83 -36.72
C TRP B 225 31.69 3.74 -36.16
N ILE B 226 31.58 3.71 -34.83
CA ILE B 226 30.74 2.74 -34.15
C ILE B 226 29.76 3.45 -33.22
N VAL B 227 28.47 3.16 -33.41
CA VAL B 227 27.42 3.87 -32.69
C VAL B 227 26.50 2.88 -31.99
N PRO B 228 25.72 3.36 -31.01
CA PRO B 228 24.80 2.50 -30.27
C PRO B 228 23.43 2.40 -30.93
N SER B 229 22.54 1.65 -30.31
CA SER B 229 21.29 1.24 -30.94
C SER B 229 20.48 2.46 -31.40
N LEU B 230 20.50 3.51 -30.60
CA LEU B 230 19.55 4.60 -30.78
C LEU B 230 19.94 5.50 -31.96
N VAL B 231 21.18 5.36 -32.43
CA VAL B 231 21.63 6.11 -33.59
C VAL B 231 21.17 5.45 -34.88
N ALA B 232 21.37 4.14 -34.98
CA ALA B 232 20.79 3.36 -36.06
C ALA B 232 19.27 3.47 -36.03
N GLY B 233 18.72 3.42 -34.81
CA GLY B 233 17.28 3.50 -34.64
C GLY B 233 16.53 2.50 -35.49
N ASP B 234 15.46 2.97 -36.12
CA ASP B 234 14.76 2.21 -37.14
C ASP B 234 15.64 1.98 -38.36
N THR B 235 15.98 0.72 -38.61
CA THR B 235 17.04 0.38 -39.56
C THR B 235 16.53 0.45 -41.00
N ASP B 236 15.23 0.65 -41.15
CA ASP B 236 14.64 0.88 -42.48
C ASP B 236 14.60 2.37 -42.80
N THR B 237 15.08 3.19 -41.87
CA THR B 237 15.30 4.60 -42.16
C THR B 237 16.77 4.95 -42.00
N VAL B 238 17.42 5.26 -43.12
CA VAL B 238 18.85 5.46 -43.15
C VAL B 238 19.19 6.83 -43.72
N PRO B 239 19.45 7.81 -42.85
CA PRO B 239 19.82 9.15 -43.30
C PRO B 239 20.93 9.10 -44.33
N SER B 240 20.90 10.01 -45.30
CA SER B 240 21.87 10.01 -46.39
C SER B 240 23.28 10.35 -45.88
N GLU B 241 23.34 11.03 -44.74
CA GLU B 241 24.61 11.54 -44.22
C GLU B 241 25.37 10.43 -43.51
N PHE B 242 24.66 9.38 -43.11
CA PHE B 242 25.31 8.21 -42.52
C PHE B 242 26.32 7.63 -43.51
N PRO B 243 27.57 7.49 -43.06
CA PRO B 243 28.64 6.96 -43.90
C PRO B 243 28.52 5.45 -44.09
N THR B 244 28.66 5.00 -45.33
CA THR B 244 28.92 3.59 -45.63
C THR B 244 30.04 3.07 -44.74
N GLY B 245 29.81 1.91 -44.12
CA GLY B 245 30.80 1.30 -43.25
C GLY B 245 30.55 1.58 -41.78
N LEU B 246 29.45 2.27 -41.49
CA LEU B 246 29.05 2.51 -40.10
C LEU B 246 28.71 1.19 -39.42
N ILE B 247 29.19 1.03 -38.19
CA ILE B 247 28.86 -0.15 -37.39
C ILE B 247 27.98 0.24 -36.20
N SER B 248 27.01 -0.61 -35.90
CA SER B 248 26.09 -0.34 -34.80
C SER B 248 25.71 -1.61 -34.05
N VAL B 249 25.65 -1.50 -32.72
CA VAL B 249 24.86 -2.41 -31.91
C VAL B 249 23.38 -2.06 -32.02
N SER B 250 22.53 -3.08 -32.15
CA SER B 250 21.15 -2.87 -32.53
C SER B 250 20.20 -3.80 -31.77
N TYR B 251 19.05 -3.25 -31.36
CA TYR B 251 17.93 -4.05 -30.90
C TYR B 251 16.66 -3.63 -31.63
N ASP B 252 16.82 -3.24 -32.90
CA ASP B 252 15.78 -2.50 -33.60
C ASP B 252 14.55 -3.36 -33.84
N GLU B 253 14.76 -4.64 -34.14
CA GLU B 253 13.67 -5.60 -34.28
C GLU B 253 14.05 -6.67 -35.28
N TRP B 254 14.80 -7.66 -34.82
CA TRP B 254 15.43 -8.61 -35.73
C TRP B 254 14.84 -10.00 -35.52
N ASP B 255 14.97 -10.52 -34.30
CA ASP B 255 14.46 -11.85 -33.98
C ASP B 255 13.37 -11.77 -32.92
N TYR B 256 13.12 -10.55 -32.43
CA TYR B 256 12.21 -10.35 -31.32
C TYR B 256 11.07 -9.41 -31.75
N GLY B 257 10.04 -10.00 -32.35
CA GLY B 257 9.05 -9.23 -33.09
C GLY B 257 8.09 -8.50 -32.18
N LEU B 258 7.36 -7.53 -32.72
CA LEU B 258 6.52 -6.66 -31.93
C LEU B 258 5.41 -7.46 -31.24
N PRO B 259 4.77 -8.39 -31.97
CA PRO B 259 3.78 -9.27 -31.37
C PRO B 259 4.32 -9.98 -30.13
N ALA B 260 5.53 -10.50 -30.22
CA ALA B 260 6.15 -11.22 -29.11
C ALA B 260 6.47 -10.26 -27.96
N ARG B 261 6.93 -9.06 -28.31
CA ARG B 261 7.28 -8.05 -27.32
C ARG B 261 6.06 -7.63 -26.51
N VAL B 262 4.95 -7.39 -27.19
CA VAL B 262 3.72 -7.00 -26.54
C VAL B 262 3.21 -8.13 -25.65
N ARG B 263 3.42 -9.37 -26.09
CA ARG B 263 3.08 -10.54 -25.28
C ARG B 263 3.84 -10.51 -23.96
N ASP B 264 5.16 -10.34 -24.06
CA ASP B 264 6.02 -10.38 -22.89
C ASP B 264 5.75 -9.19 -21.99
N GLY B 265 5.43 -8.06 -22.59
CA GLY B 265 5.06 -6.86 -21.85
C GLY B 265 3.83 -7.08 -21.01
N ILE B 266 2.80 -7.66 -21.60
CA ILE B 266 1.56 -7.95 -20.89
C ILE B 266 1.83 -8.94 -19.76
N ALA B 267 2.74 -9.87 -20.00
CA ALA B 267 3.03 -10.93 -19.04
C ALA B 267 3.79 -10.37 -17.83
N ILE B 268 4.72 -9.45 -18.10
CA ILE B 268 5.55 -8.87 -17.06
C ILE B 268 4.69 -8.11 -16.05
N ILE B 269 3.77 -7.30 -16.56
CA ILE B 269 2.89 -6.51 -15.70
C ILE B 269 1.92 -7.40 -14.95
N THR B 270 1.44 -8.44 -15.63
CA THR B 270 0.45 -9.34 -15.05
C THR B 270 1.09 -10.22 -13.98
N THR B 271 2.23 -10.79 -14.30
CA THR B 271 2.97 -11.63 -13.35
C THR B 271 3.36 -10.84 -12.12
N ALA B 272 3.85 -9.62 -12.34
CA ALA B 272 4.33 -8.78 -11.25
C ALA B 272 3.20 -8.47 -10.27
N ALA B 273 2.04 -8.11 -10.81
CA ALA B 273 0.87 -7.81 -9.99
C ALA B 273 0.42 -9.05 -9.22
N SER B 274 0.33 -10.18 -9.91
CA SER B 274 -0.02 -11.44 -9.27
C SER B 274 0.95 -11.73 -8.12
N ASP B 275 2.23 -11.53 -8.37
CA ASP B 275 3.25 -11.86 -7.39
C ASP B 275 3.11 -10.99 -6.14
N MET B 276 2.55 -9.80 -6.32
CA MET B 276 2.39 -8.86 -5.21
C MET B 276 1.11 -9.15 -4.44
N LEU B 277 0.02 -9.41 -5.17
CA LEU B 277 -1.25 -9.79 -4.55
C LEU B 277 -1.06 -11.01 -3.67
N SER B 278 -0.06 -11.83 -4.01
CA SER B 278 0.12 -13.11 -3.37
C SER B 278 0.87 -12.96 -2.04
N GLU B 279 1.66 -11.89 -1.93
CA GLU B 279 2.50 -11.69 -0.76
C GLU B 279 1.92 -10.66 0.20
N HIS B 280 1.05 -9.78 -0.31
CA HIS B 280 0.63 -8.61 0.43
C HIS B 280 -0.89 -8.46 0.45
N SER B 281 -1.58 -9.27 -0.35
CA SER B 281 -3.04 -9.32 -0.33
C SER B 281 -3.62 -7.98 -0.79
N PHE B 282 -2.80 -7.19 -1.48
CA PHE B 282 -3.31 -6.09 -2.28
C PHE B 282 -2.35 -5.80 -3.43
N ILE B 283 -2.88 -5.18 -4.48
CA ILE B 283 -2.06 -4.43 -5.43
C ILE B 283 -2.44 -2.96 -5.39
N PRO B 284 -1.52 -2.09 -5.84
CA PRO B 284 -1.80 -0.66 -5.85
C PRO B 284 -2.96 -0.30 -6.77
N GLU B 285 -3.80 0.62 -6.32
CA GLU B 285 -5.00 0.98 -7.07
C GLU B 285 -4.67 1.94 -8.20
N PRO B 286 -5.17 1.66 -9.42
CA PRO B 286 -4.94 2.56 -10.54
C PRO B 286 -5.39 3.99 -10.24
N LYS B 287 -4.43 4.90 -10.24
CA LYS B 287 -4.73 6.34 -10.30
C LYS B 287 -5.82 6.61 -11.32
N SER B 288 -6.82 7.41 -10.92
CA SER B 288 -7.94 7.72 -11.81
C SER B 288 -7.83 9.14 -12.34
N SER B 289 -6.66 9.75 -12.15
CA SER B 289 -6.46 11.14 -12.56
C SER B 289 -4.98 11.50 -12.58
N CYS B 290 -4.60 12.29 -13.58
CA CYS B 290 -3.32 13.01 -13.54
C CYS B 290 -3.48 14.37 -12.87
N TYR B 291 -4.72 14.85 -12.79
CA TYR B 291 -5.00 16.20 -12.30
C TYR B 291 -4.86 16.28 -10.78
N ASN B 292 -4.67 15.13 -10.14
CA ASN B 292 -4.89 15.01 -8.70
C ASN B 292 -3.68 14.43 -7.99
N THR B 293 -2.56 14.33 -8.71
CA THR B 293 -1.45 13.48 -8.29
C THR B 293 -0.69 14.09 -7.12
N HIS B 294 -1.01 15.34 -6.80
CA HIS B 294 -0.28 16.09 -5.79
C HIS B 294 -0.82 15.80 -4.40
N GLU B 295 -2.13 15.60 -4.31
CA GLU B 295 -2.78 15.29 -3.03
C GLU B 295 -2.70 13.80 -2.72
N LYS B 296 -2.86 12.98 -3.75
CA LYS B 296 -3.06 11.55 -3.55
C LYS B 296 -1.72 10.81 -3.46
N ARG B 297 -0.67 11.54 -3.11
CA ARG B 297 0.70 11.07 -3.34
C ARG B 297 1.20 10.24 -2.17
N ILE B 298 0.75 10.56 -0.96
CA ILE B 298 1.09 9.76 0.22
C ILE B 298 0.34 8.44 0.21
N TYR B 299 -0.55 8.26 -0.76
CA TYR B 299 -1.32 7.04 -0.88
C TYR B 299 -0.75 6.14 -1.96
N GLN B 300 0.32 6.60 -2.60
CA GLN B 300 0.90 5.90 -3.74
C GLN B 300 2.37 5.63 -3.51
N SER B 301 2.88 4.56 -4.10
CA SER B 301 4.30 4.26 -4.08
C SER B 301 4.70 3.50 -5.34
N ASN B 302 5.98 3.22 -5.46
CA ASN B 302 6.47 2.41 -6.57
C ASN B 302 6.80 0.98 -6.10
N MET B 303 5.95 0.45 -5.24
CA MET B 303 6.21 -0.85 -4.61
C MET B 303 6.23 -1.95 -5.67
N LEU B 304 5.42 -1.79 -6.71
CA LEU B 304 5.28 -2.82 -7.73
C LEU B 304 6.59 -3.05 -8.47
N ASN B 305 7.50 -2.08 -8.39
CA ASN B 305 8.76 -2.17 -9.10
C ASN B 305 9.54 -3.44 -8.75
N ARG B 306 9.54 -3.79 -7.47
CA ARG B 306 10.41 -4.86 -6.99
C ARG B 306 10.00 -6.19 -7.62
N TYR B 307 8.74 -6.24 -8.06
CA TYR B 307 8.23 -7.42 -8.74
C TYR B 307 8.35 -7.28 -10.26
N LEU B 308 8.18 -6.05 -10.75
CA LEU B 308 8.25 -5.78 -12.18
C LEU B 308 9.54 -6.31 -12.79
N ILE B 309 10.58 -6.43 -11.95
CA ILE B 309 11.94 -6.63 -12.46
C ILE B 309 12.40 -8.07 -12.33
N ASN B 310 11.57 -8.91 -11.72
CA ASN B 310 11.94 -10.30 -11.49
C ASN B 310 10.86 -11.27 -12.00
N VAL B 311 10.51 -11.14 -13.28
CA VAL B 311 9.47 -11.97 -13.87
C VAL B 311 10.08 -13.02 -14.79
N THR B 312 9.76 -14.29 -14.52
CA THR B 312 9.94 -15.35 -15.49
C THR B 312 8.60 -15.71 -16.14
N PHE B 313 8.59 -15.81 -17.46
CA PHE B 313 7.39 -16.19 -18.19
C PHE B 313 7.70 -17.21 -19.28
N GLU B 314 6.89 -18.28 -19.32
CA GLU B 314 7.11 -19.36 -20.27
C GLU B 314 8.53 -19.90 -20.15
N GLY B 315 9.06 -19.89 -18.94
CA GLY B 315 10.46 -20.20 -18.72
C GLY B 315 11.39 -19.32 -19.54
N ARG B 316 11.02 -18.07 -19.72
CA ARG B 316 11.94 -17.05 -20.22
C ARG B 316 12.21 -15.99 -19.16
N ASP B 317 13.49 -15.79 -18.84
CA ASP B 317 13.88 -14.78 -17.86
C ASP B 317 13.80 -13.39 -18.46
N LEU B 318 12.81 -12.61 -18.03
CA LEU B 318 12.48 -11.35 -18.68
C LEU B 318 12.85 -10.17 -17.77
N SER B 319 13.74 -10.42 -16.83
CA SER B 319 13.94 -9.50 -15.71
C SER B 319 14.61 -8.21 -16.18
N PHE B 320 14.37 -7.14 -15.44
CA PHE B 320 15.00 -5.85 -15.72
C PHE B 320 16.08 -5.57 -14.67
N SER B 321 17.00 -4.67 -15.02
CA SER B 321 17.83 -4.02 -14.01
C SER B 321 16.99 -3.02 -13.21
N GLU B 322 17.48 -2.68 -12.01
CA GLU B 322 16.88 -1.62 -11.22
C GLU B 322 16.89 -0.30 -11.98
N ASP B 323 17.86 -0.16 -12.89
CA ASP B 323 18.01 1.06 -13.67
C ASP B 323 17.03 1.12 -14.85
N GLY B 324 16.36 -0.01 -15.10
CA GLY B 324 15.14 0.00 -15.91
C GLY B 324 15.38 -0.43 -17.35
N TYR B 325 16.43 -1.21 -17.56
CA TYR B 325 16.71 -1.78 -18.88
C TYR B 325 16.73 -3.30 -18.80
N GLN B 326 16.64 -3.95 -19.96
CA GLN B 326 16.58 -5.40 -20.03
C GLN B 326 17.91 -6.03 -19.64
N MET B 327 17.85 -7.18 -18.97
CA MET B 327 19.02 -7.76 -18.34
C MET B 327 19.90 -8.48 -19.37
N HIS B 328 19.32 -9.44 -20.08
CA HIS B 328 20.07 -10.23 -21.04
C HIS B 328 19.41 -10.16 -22.41
N PRO B 329 19.50 -9.00 -23.07
CA PRO B 329 19.11 -8.88 -24.47
C PRO B 329 20.14 -9.52 -25.41
N LYS B 330 19.66 -10.35 -26.33
CA LYS B 330 20.46 -10.75 -27.48
C LYS B 330 20.58 -9.61 -28.49
N LEU B 331 21.78 -9.09 -28.66
CA LEU B 331 22.01 -7.91 -29.49
C LEU B 331 22.55 -8.31 -30.86
N VAL B 332 22.19 -7.53 -31.88
CA VAL B 332 22.62 -7.80 -33.25
C VAL B 332 23.56 -6.70 -33.73
N ILE B 333 24.78 -7.08 -34.11
CA ILE B 333 25.75 -6.11 -34.62
C ILE B 333 25.58 -5.96 -36.12
N ILE B 334 25.38 -4.72 -36.57
CA ILE B 334 24.98 -4.46 -37.93
C ILE B 334 25.90 -3.47 -38.61
N LEU B 335 25.92 -3.51 -39.94
CA LEU B 335 26.93 -2.82 -40.72
C LEU B 335 26.26 -2.21 -41.95
N LEU B 336 26.44 -0.90 -42.12
CA LEU B 336 25.79 -0.19 -43.22
C LEU B 336 26.58 -0.36 -44.51
N ASN B 337 26.03 -1.14 -45.44
CA ASN B 337 26.80 -1.62 -46.58
C ASN B 337 26.71 -0.66 -47.76
N LYS B 338 27.29 -1.06 -48.89
CA LYS B 338 27.47 -0.18 -50.04
C LYS B 338 26.12 0.21 -50.64
N GLU B 339 25.14 -0.68 -50.51
CA GLU B 339 23.79 -0.38 -50.97
C GLU B 339 23.06 0.51 -49.97
N ARG B 340 23.77 0.88 -48.91
CA ARG B 340 23.19 1.69 -47.85
C ARG B 340 22.00 0.98 -47.23
N LYS B 341 22.07 -0.33 -47.17
CA LYS B 341 21.21 -1.12 -46.30
C LYS B 341 21.98 -1.61 -45.08
N TRP B 342 21.30 -1.72 -43.95
CA TRP B 342 21.89 -2.28 -42.74
C TRP B 342 21.94 -3.80 -42.83
N GLU B 343 23.10 -4.37 -42.50
CA GLU B 343 23.36 -5.78 -42.71
C GLU B 343 23.87 -6.42 -41.43
N ARG B 344 23.27 -7.54 -41.05
CA ARG B 344 23.75 -8.35 -39.94
C ARG B 344 25.19 -8.79 -40.16
N VAL B 345 26.02 -8.65 -39.13
CA VAL B 345 27.40 -9.09 -39.21
C VAL B 345 27.90 -9.66 -37.89
N GLY B 346 26.99 -9.84 -36.93
CA GLY B 346 27.38 -10.26 -35.59
C GLY B 346 26.20 -10.50 -34.67
N LYS B 347 26.37 -11.41 -33.72
CA LYS B 347 25.48 -11.50 -32.56
C LYS B 347 26.28 -11.29 -31.28
N TRP B 348 25.65 -10.63 -30.31
CA TRP B 348 26.11 -10.68 -28.92
C TRP B 348 25.09 -11.44 -28.07
N LYS B 349 25.48 -12.64 -27.63
CA LYS B 349 24.52 -13.59 -27.09
C LYS B 349 24.73 -13.77 -25.58
N ASP B 350 25.55 -14.75 -25.21
CA ASP B 350 25.75 -15.09 -23.80
C ASP B 350 27.02 -14.44 -23.27
N LYS B 351 26.97 -13.14 -23.03
CA LYS B 351 28.18 -12.34 -22.82
C LYS B 351 29.27 -12.74 -23.80
N SER B 352 28.85 -13.27 -24.95
CA SER B 352 29.80 -13.73 -25.97
C SER B 352 29.51 -13.05 -27.31
N LEU B 353 30.55 -12.53 -27.94
CA LEU B 353 30.44 -11.94 -29.27
C LEU B 353 30.76 -12.98 -30.33
N GLN B 354 29.87 -13.13 -31.30
CA GLN B 354 30.11 -14.03 -32.43
C GLN B 354 29.96 -13.28 -33.75
N MET B 355 31.10 -12.98 -34.39
CA MET B 355 31.11 -12.12 -35.56
C MET B 355 31.05 -12.96 -36.83
N LYS B 356 30.53 -12.39 -37.90
CA LYS B 356 30.44 -13.08 -39.18
C LYS B 356 31.81 -13.17 -39.83
N TYR B 357 32.48 -12.02 -39.95
CA TYR B 357 33.73 -11.94 -40.69
C TYR B 357 34.92 -12.04 -39.73
N TYR B 358 35.96 -12.75 -40.16
CA TYR B 358 37.26 -12.65 -39.52
C TYR B 358 38.04 -11.46 -40.08
N VAL B 359 37.78 -11.14 -41.34
CA VAL B 359 38.32 -9.93 -41.95
C VAL B 359 37.18 -9.16 -42.62
N TRP B 360 37.16 -7.84 -42.41
CA TRP B 360 36.15 -7.00 -43.03
C TRP B 360 36.41 -6.85 -44.53
N PRO B 361 35.44 -7.27 -45.35
CA PRO B 361 35.32 -6.74 -46.71
C PRO B 361 34.88 -5.28 -46.70
N ARG B 362 34.91 -4.65 -47.87
CA ARG B 362 34.93 -3.20 -47.93
C ARG B 362 33.53 -2.62 -48.09
N ASP C 1 -60.02 -8.96 15.13
CA ASP C 1 -58.65 -8.87 14.55
C ASP C 1 -57.66 -9.63 15.43
N PRO C 2 -56.70 -10.32 14.80
CA PRO C 2 -55.66 -11.06 15.51
C PRO C 2 -54.42 -10.21 15.76
N LYS C 3 -53.53 -10.69 16.62
CA LYS C 3 -52.19 -10.12 16.73
C LYS C 3 -51.33 -10.58 15.56
N ILE C 4 -50.74 -9.61 14.86
CA ILE C 4 -49.95 -9.91 13.68
C ILE C 4 -48.46 -10.05 14.04
N VAL C 5 -47.91 -11.21 13.73
CA VAL C 5 -46.55 -11.55 14.16
C VAL C 5 -45.66 -11.79 12.95
N ASN C 6 -44.62 -10.97 12.83
CA ASN C 6 -43.83 -10.92 11.59
C ASN C 6 -42.68 -11.93 11.61
N ILE C 7 -42.51 -12.62 10.49
CA ILE C 7 -41.33 -13.45 10.28
C ILE C 7 -40.44 -12.86 9.20
N GLY C 8 -39.13 -12.87 9.43
CA GLY C 8 -38.18 -12.28 8.50
C GLY C 8 -37.50 -13.35 7.65
N ALA C 9 -36.96 -12.93 6.50
CA ALA C 9 -36.11 -13.80 5.70
C ALA C 9 -35.12 -12.98 4.88
N VAL C 10 -33.89 -13.49 4.78
CA VAL C 10 -32.94 -13.01 3.80
C VAL C 10 -32.63 -14.12 2.80
N LEU C 11 -33.03 -13.92 1.55
CA LEU C 11 -33.09 -15.00 0.59
C LEU C 11 -32.43 -14.59 -0.72
N SER C 12 -32.31 -15.53 -1.65
CA SER C 12 -31.36 -15.41 -2.75
C SER C 12 -31.92 -14.56 -3.89
N THR C 13 -33.20 -14.79 -4.21
CA THR C 13 -33.82 -14.14 -5.35
C THR C 13 -35.24 -13.68 -5.01
N LYS C 14 -35.81 -12.85 -5.88
CA LYS C 14 -37.20 -12.43 -5.74
C LYS C 14 -38.13 -13.63 -5.75
N LYS C 15 -37.80 -14.62 -6.57
CA LYS C 15 -38.61 -15.83 -6.67
C LYS C 15 -38.67 -16.56 -5.32
N HIS C 16 -37.57 -16.53 -4.59
CA HIS C 16 -37.50 -17.23 -3.31
C HIS C 16 -38.26 -16.47 -2.23
N GLU C 17 -38.28 -15.14 -2.35
CA GLU C 17 -39.14 -14.31 -1.51
C GLU C 17 -40.60 -14.68 -1.70
N GLN C 18 -41.00 -14.88 -2.95
CA GLN C 18 -42.37 -15.22 -3.28
C GLN C 18 -42.76 -16.57 -2.68
N ILE C 19 -41.81 -17.50 -2.69
CA ILE C 19 -42.03 -18.83 -2.11
C ILE C 19 -42.16 -18.73 -0.59
N PHE C 20 -41.43 -17.80 0.02
CA PHE C 20 -41.49 -17.58 1.46
C PHE C 20 -42.83 -17.00 1.86
N ARG C 21 -43.31 -16.02 1.10
CA ARG C 21 -44.65 -15.47 1.29
C ARG C 21 -45.70 -16.56 1.21
N GLU C 22 -45.58 -17.43 0.21
CA GLU C 22 -46.56 -18.51 0.01
C GLU C 22 -46.48 -19.53 1.15
N ALA C 23 -45.28 -19.77 1.63
CA ALA C 23 -45.08 -20.69 2.75
C ALA C 23 -45.79 -20.17 3.99
N VAL C 24 -45.74 -18.86 4.20
CA VAL C 24 -46.30 -18.25 5.39
C VAL C 24 -47.82 -18.31 5.36
N ASN C 25 -48.39 -18.05 4.20
CA ASN C 25 -49.84 -18.18 4.02
C ASN C 25 -50.29 -19.63 4.22
N GLN C 26 -49.46 -20.56 3.77
CA GLN C 26 -49.76 -21.98 3.90
C GLN C 26 -49.84 -22.38 5.37
N ALA C 27 -49.11 -21.66 6.20
CA ALA C 27 -49.08 -21.94 7.64
C ALA C 27 -50.29 -21.31 8.33
N ASN C 28 -50.68 -20.12 7.88
CA ASN C 28 -51.90 -19.49 8.38
C ASN C 28 -53.14 -20.31 8.02
N LYS C 29 -53.14 -20.88 6.83
CA LYS C 29 -54.17 -21.84 6.44
C LYS C 29 -54.23 -22.99 7.44
N ARG C 30 -53.07 -23.35 7.99
CA ARG C 30 -52.91 -24.64 8.65
C ARG C 30 -53.21 -24.52 10.14
N HIS C 31 -52.88 -23.37 10.73
CA HIS C 31 -53.07 -23.15 12.16
C HIS C 31 -54.32 -22.30 12.40
N PHE C 32 -54.89 -22.43 13.60
CA PHE C 32 -55.98 -21.55 14.03
C PHE C 32 -55.45 -20.15 14.31
N THR C 33 -55.84 -19.20 13.47
CA THR C 33 -55.16 -17.91 13.40
C THR C 33 -56.12 -16.77 13.69
N ARG C 34 -56.96 -16.95 14.70
CA ARG C 34 -57.75 -15.85 15.24
C ARG C 34 -56.94 -15.05 16.27
N LYS C 35 -56.22 -15.76 17.12
CA LYS C 35 -55.40 -15.11 18.15
C LYS C 35 -54.19 -14.44 17.53
N ILE C 36 -53.31 -15.23 16.93
CA ILE C 36 -52.13 -14.70 16.27
C ILE C 36 -52.07 -15.14 14.81
N GLN C 37 -51.48 -14.29 13.97
CA GLN C 37 -51.43 -14.55 12.53
C GLN C 37 -50.14 -14.01 11.94
N LEU C 38 -49.46 -14.84 11.15
CA LEU C 38 -48.08 -14.57 10.75
C LEU C 38 -48.04 -13.70 9.51
N GLN C 39 -47.01 -12.88 9.40
CA GLN C 39 -46.82 -12.04 8.22
C GLN C 39 -45.37 -12.07 7.75
N ALA C 40 -45.21 -12.13 6.43
CA ALA C 40 -43.88 -12.33 5.84
C ALA C 40 -43.18 -10.99 5.62
N THR C 41 -41.93 -10.92 6.04
CA THR C 41 -41.07 -9.79 5.72
C THR C 41 -39.71 -10.29 5.26
N SER C 42 -39.30 -9.89 4.06
CA SER C 42 -38.14 -10.49 3.43
C SER C 42 -37.34 -9.45 2.65
N VAL C 43 -36.03 -9.67 2.58
CA VAL C 43 -35.20 -9.01 1.58
C VAL C 43 -34.30 -10.04 0.89
N THR C 44 -33.55 -9.59 -0.11
CA THR C 44 -32.48 -10.40 -0.68
C THR C 44 -31.13 -9.93 -0.19
N HIS C 45 -30.10 -10.76 -0.38
CA HIS C 45 -28.78 -10.48 0.15
C HIS C 45 -28.22 -9.18 -0.40
N ARG C 46 -27.58 -8.40 0.46
CA ARG C 46 -26.87 -7.20 0.04
C ARG C 46 -25.48 -7.56 -0.49
N PRO C 47 -24.84 -6.60 -1.18
CA PRO C 47 -23.57 -6.83 -1.85
C PRO C 47 -22.42 -7.09 -0.88
N ASN C 48 -22.54 -6.56 0.34
CA ASN C 48 -21.49 -6.70 1.34
C ASN C 48 -22.04 -6.71 2.76
N ALA C 49 -21.16 -7.03 3.71
CA ALA C 49 -21.59 -7.50 5.02
C ALA C 49 -22.17 -6.36 5.84
N ILE C 50 -21.61 -5.16 5.66
CA ILE C 50 -22.07 -3.99 6.39
C ILE C 50 -23.46 -3.56 5.94
N GLN C 51 -23.68 -3.55 4.63
CA GLN C 51 -24.98 -3.21 4.08
C GLN C 51 -26.03 -4.25 4.50
N MET C 52 -25.60 -5.50 4.59
CA MET C 52 -26.49 -6.58 5.01
C MET C 52 -26.91 -6.38 6.46
N ALA C 53 -25.96 -6.00 7.31
CA ALA C 53 -26.26 -5.72 8.71
C ALA C 53 -27.27 -4.59 8.84
N LEU C 54 -26.98 -3.47 8.20
CA LEU C 54 -27.91 -2.35 8.17
C LEU C 54 -29.29 -2.80 7.72
N SER C 55 -29.35 -3.63 6.68
CA SER C 55 -30.62 -4.03 6.08
C SER C 55 -31.45 -4.84 7.07
N VAL C 56 -30.79 -5.71 7.84
CA VAL C 56 -31.44 -6.45 8.90
C VAL C 56 -32.12 -5.51 9.89
N CYS C 57 -31.46 -4.40 10.19
CA CYS C 57 -32.02 -3.40 11.08
C CYS C 57 -33.15 -2.62 10.41
N GLU C 58 -32.90 -2.16 9.18
CA GLU C 58 -33.80 -1.21 8.54
C GLU C 58 -35.05 -1.90 7.99
N ASP C 59 -34.90 -3.16 7.62
CA ASP C 59 -35.92 -3.84 6.81
C ASP C 59 -36.66 -4.89 7.63
N LEU C 60 -35.97 -5.50 8.59
CA LEU C 60 -36.49 -6.69 9.27
C LEU C 60 -36.83 -6.38 10.72
N ILE C 61 -35.82 -6.02 11.50
CA ILE C 61 -36.02 -5.75 12.92
C ILE C 61 -36.93 -4.54 13.11
N SER C 62 -37.04 -3.72 12.07
CA SER C 62 -37.93 -2.56 12.08
C SER C 62 -39.39 -3.00 11.97
N SER C 63 -39.61 -4.27 11.62
CA SER C 63 -40.96 -4.82 11.54
C SER C 63 -41.26 -5.70 12.75
N GLN C 64 -40.33 -5.76 13.68
CA GLN C 64 -40.45 -6.65 14.84
C GLN C 64 -40.64 -8.09 14.40
N VAL C 65 -39.64 -8.63 13.69
CA VAL C 65 -39.62 -10.05 13.35
C VAL C 65 -39.27 -10.88 14.58
N TYR C 66 -39.93 -12.02 14.72
CA TYR C 66 -39.65 -12.94 15.81
C TYR C 66 -38.53 -13.89 15.44
N ALA C 67 -38.23 -13.96 14.15
CA ALA C 67 -37.27 -14.93 13.63
C ALA C 67 -36.88 -14.56 12.20
N ILE C 68 -35.67 -14.95 11.80
CA ILE C 68 -35.15 -14.59 10.49
C ILE C 68 -34.58 -15.81 9.77
N LEU C 69 -35.23 -16.22 8.70
CA LEU C 69 -34.68 -17.25 7.82
C LEU C 69 -33.56 -16.66 6.96
N VAL C 70 -32.49 -17.42 6.79
CA VAL C 70 -31.35 -16.97 6.00
C VAL C 70 -30.83 -18.09 5.10
N SER C 71 -30.82 -17.82 3.80
CA SER C 71 -30.18 -18.72 2.84
C SER C 71 -28.72 -18.35 2.66
N HIS C 72 -27.92 -19.33 2.22
CA HIS C 72 -26.63 -19.04 1.61
C HIS C 72 -26.80 -18.55 0.19
N PRO C 73 -26.24 -17.37 -0.11
CA PRO C 73 -26.40 -16.78 -1.44
C PRO C 73 -25.61 -17.54 -2.51
N PRO C 74 -25.86 -17.21 -3.78
CA PRO C 74 -25.29 -17.99 -4.89
C PRO C 74 -23.79 -17.80 -5.02
N LEU C 80 -19.99 -13.55 0.94
CA LEU C 80 -21.23 -13.12 1.56
C LEU C 80 -21.91 -14.29 2.26
N THR C 81 -21.83 -14.30 3.60
CA THR C 81 -22.38 -15.39 4.39
C THR C 81 -23.57 -14.92 5.22
N PRO C 82 -24.17 -15.85 5.98
CA PRO C 82 -25.25 -15.52 6.91
C PRO C 82 -24.78 -14.72 8.11
N THR C 83 -23.48 -14.52 8.22
CA THR C 83 -22.86 -14.14 9.48
C THR C 83 -23.36 -12.78 9.97
N PRO C 84 -23.38 -11.79 9.07
CA PRO C 84 -23.83 -10.45 9.46
C PRO C 84 -25.27 -10.44 9.96
N ILE C 85 -26.04 -11.43 9.54
CA ILE C 85 -27.44 -11.55 9.94
C ILE C 85 -27.54 -12.26 11.29
N SER C 86 -26.66 -13.23 11.51
CA SER C 86 -26.54 -13.90 12.80
C SER C 86 -26.07 -12.93 13.88
N TYR C 87 -25.10 -12.11 13.54
CA TYR C 87 -24.55 -11.13 14.48
C TYR C 87 -25.62 -10.14 14.93
N THR C 88 -26.28 -9.52 13.97
CA THR C 88 -27.22 -8.43 14.25
C THR C 88 -28.45 -8.96 14.98
N ALA C 89 -28.99 -10.07 14.49
CA ALA C 89 -30.11 -10.73 15.14
C ALA C 89 -29.73 -11.18 16.55
N GLY C 90 -28.52 -11.71 16.69
CA GLY C 90 -28.07 -12.29 17.95
C GLY C 90 -27.89 -11.21 19.01
N PHE C 91 -27.57 -10.01 18.56
CA PHE C 91 -27.53 -8.85 19.44
C PHE C 91 -28.81 -8.74 20.27
N TYR C 92 -29.94 -9.09 19.65
CA TYR C 92 -31.24 -8.97 20.30
C TYR C 92 -31.77 -10.33 20.74
N ARG C 93 -31.01 -11.38 20.46
CA ARG C 93 -31.43 -12.74 20.75
C ARG C 93 -32.65 -13.12 19.92
N ILE C 94 -32.76 -12.53 18.75
CA ILE C 94 -33.69 -12.99 17.72
C ILE C 94 -33.12 -14.20 16.98
N PRO C 95 -33.87 -15.32 16.99
CA PRO C 95 -33.37 -16.55 16.40
C PRO C 95 -33.18 -16.45 14.90
N VAL C 96 -32.08 -17.01 14.39
CA VAL C 96 -31.86 -17.12 12.97
C VAL C 96 -31.91 -18.58 12.54
N ILE C 97 -32.65 -18.85 11.47
CA ILE C 97 -32.70 -20.19 10.88
C ILE C 97 -31.92 -20.23 9.57
N GLY C 98 -30.77 -20.90 9.58
CA GLY C 98 -30.00 -21.13 8.38
C GLY C 98 -30.62 -22.21 7.50
N LEU C 99 -30.68 -21.94 6.20
CA LEU C 99 -31.42 -22.80 5.28
C LEU C 99 -30.48 -23.78 4.55
N THR C 100 -29.27 -23.34 4.24
CA THR C 100 -28.41 -24.11 3.35
C THR C 100 -26.92 -24.00 3.70
N THR C 101 -26.62 -23.34 4.82
CA THR C 101 -25.22 -23.19 5.23
C THR C 101 -24.75 -24.43 5.98
N ARG C 102 -23.58 -24.95 5.61
CA ARG C 102 -23.14 -26.27 6.06
C ARG C 102 -21.91 -26.19 6.96
N MET C 103 -21.23 -25.05 6.96
CA MET C 103 -19.96 -24.93 7.67
C MET C 103 -20.16 -25.13 9.18
N SER C 104 -19.24 -25.86 9.80
CA SER C 104 -19.44 -26.32 11.17
C SER C 104 -19.32 -25.15 12.14
N ILE C 105 -18.75 -24.05 11.68
CA ILE C 105 -18.46 -22.90 12.55
C ILE C 105 -19.76 -22.29 13.08
N TYR C 106 -20.87 -22.58 12.41
CA TYR C 106 -22.16 -22.03 12.81
C TYR C 106 -22.81 -22.87 13.90
N SER C 107 -22.07 -23.85 14.41
CA SER C 107 -22.55 -24.66 15.53
C SER C 107 -21.98 -24.14 16.85
N ASP C 108 -21.26 -23.03 16.77
CA ASP C 108 -20.53 -22.50 17.92
C ASP C 108 -21.33 -21.38 18.60
N LYS C 109 -21.80 -21.65 19.81
CA LYS C 109 -22.71 -20.74 20.50
C LYS C 109 -22.04 -19.39 20.77
N SER C 110 -20.72 -19.41 20.97
CA SER C 110 -19.97 -18.21 21.31
C SER C 110 -20.05 -17.19 20.19
N ILE C 111 -20.09 -17.68 18.96
CA ILE C 111 -20.08 -16.82 17.78
C ILE C 111 -21.50 -16.63 17.26
N HIS C 112 -22.24 -17.73 17.20
CA HIS C 112 -23.61 -17.69 16.70
C HIS C 112 -24.59 -18.13 17.77
N LEU C 113 -25.24 -17.12 18.35
CA LEU C 113 -25.74 -17.20 19.71
C LEU C 113 -27.16 -17.72 19.70
N SER C 114 -27.84 -17.49 18.57
CA SER C 114 -29.21 -17.94 18.41
C SER C 114 -29.44 -18.39 16.96
N PHE C 115 -28.79 -19.50 16.60
CA PHE C 115 -28.74 -19.94 15.22
C PHE C 115 -29.13 -21.41 15.13
N LEU C 116 -30.24 -21.68 14.44
CA LEU C 116 -30.57 -23.04 14.02
C LEU C 116 -30.49 -23.16 12.50
N ARG C 117 -30.42 -24.38 12.00
CA ARG C 117 -30.40 -24.60 10.56
C ARG C 117 -31.03 -25.94 10.18
N THR C 118 -31.64 -25.98 9.01
CA THR C 118 -32.43 -27.14 8.58
C THR C 118 -31.58 -28.09 7.74
N VAL C 119 -30.33 -27.72 7.51
CA VAL C 119 -29.33 -28.68 7.03
C VAL C 119 -28.25 -28.90 8.08
N PRO C 120 -27.63 -30.08 8.05
CA PRO C 120 -26.55 -30.41 8.97
C PRO C 120 -25.22 -29.80 8.54
N PRO C 121 -24.34 -29.51 9.51
CA PRO C 121 -22.96 -29.16 9.21
C PRO C 121 -22.20 -30.32 8.58
N TYR C 122 -21.19 -30.01 7.79
CA TYR C 122 -20.43 -31.03 7.07
C TYR C 122 -19.88 -32.09 8.01
N SER C 123 -19.62 -31.69 9.26
CA SER C 123 -18.96 -32.58 10.21
C SER C 123 -19.87 -33.75 10.58
N HIS C 124 -21.17 -33.60 10.32
CA HIS C 124 -22.13 -34.64 10.64
C HIS C 124 -22.09 -35.76 9.60
N GLN C 125 -21.38 -35.54 8.50
CA GLN C 125 -21.13 -36.60 7.52
C GLN C 125 -20.43 -37.79 8.18
N ALA C 126 -19.84 -37.57 9.36
CA ALA C 126 -19.18 -38.63 10.11
C ALA C 126 -20.16 -39.69 10.59
N LEU C 127 -21.41 -39.28 10.80
CA LEU C 127 -22.47 -40.22 11.16
C LEU C 127 -22.65 -41.27 10.09
N VAL C 128 -22.48 -40.85 8.83
CA VAL C 128 -22.65 -41.75 7.69
C VAL C 128 -21.42 -42.62 7.51
N TRP C 129 -20.25 -41.99 7.52
CA TRP C 129 -18.98 -42.74 7.51
C TRP C 129 -19.03 -43.88 8.53
N PHE C 130 -19.48 -43.56 9.74
CA PHE C 130 -19.48 -44.53 10.83
C PHE C 130 -20.37 -45.71 10.51
N GLU C 131 -21.57 -45.43 10.01
CA GLU C 131 -22.51 -46.48 9.65
C GLU C 131 -21.99 -47.32 8.48
N MET C 132 -21.36 -46.63 7.52
CA MET C 132 -20.67 -47.32 6.42
C MET C 132 -19.59 -48.26 6.97
N MET C 133 -18.86 -47.79 7.97
CA MET C 133 -17.77 -48.56 8.54
C MET C 133 -18.29 -49.86 9.15
N ARG C 134 -19.40 -49.76 9.86
CA ARG C 134 -20.07 -50.93 10.40
C ARG C 134 -20.49 -51.87 9.27
N LEU C 135 -21.17 -51.30 8.28
CA LEU C 135 -21.74 -52.08 7.20
C LEU C 135 -20.67 -52.92 6.52
N PHE C 136 -19.64 -52.26 6.00
CA PHE C 136 -18.61 -52.94 5.20
C PHE C 136 -17.48 -53.41 6.10
N ASN C 137 -17.70 -53.37 7.40
CA ASN C 137 -16.72 -53.87 8.37
C ASN C 137 -15.32 -53.36 8.08
N TRP C 138 -15.20 -52.05 7.90
CA TRP C 138 -13.91 -51.39 7.93
C TRP C 138 -13.52 -51.03 9.36
N ASN C 139 -12.76 -51.91 9.99
CA ASN C 139 -12.49 -51.80 11.43
C ASN C 139 -11.23 -50.98 11.70
N HIS C 140 -10.49 -50.68 10.63
CA HIS C 140 -9.30 -49.86 10.74
C HIS C 140 -9.26 -48.83 9.61
N VAL C 141 -9.33 -47.55 9.98
CA VAL C 141 -9.33 -46.48 8.98
C VAL C 141 -8.24 -45.45 9.30
N ILE C 142 -7.73 -44.81 8.25
CA ILE C 142 -6.95 -43.59 8.40
C ILE C 142 -7.84 -42.38 8.16
N LEU C 143 -7.77 -41.42 9.07
CA LEU C 143 -8.46 -40.15 8.87
C LEU C 143 -7.47 -39.06 8.50
N ILE C 144 -7.65 -38.48 7.31
CA ILE C 144 -6.90 -37.29 6.90
C ILE C 144 -7.82 -36.08 6.87
N VAL C 145 -7.47 -35.07 7.67
CA VAL C 145 -8.28 -33.86 7.74
C VAL C 145 -7.42 -32.62 7.54
N SER C 146 -8.00 -31.60 6.92
CA SER C 146 -7.38 -30.28 6.88
C SER C 146 -7.28 -29.73 8.30
N ASP C 147 -6.16 -29.07 8.59
CA ASP C 147 -5.96 -28.44 9.89
C ASP C 147 -6.64 -27.07 9.93
N ASP C 148 -7.92 -27.05 9.62
CA ASP C 148 -8.77 -25.89 9.89
C ASP C 148 -9.95 -26.31 10.76
N HIS C 149 -10.86 -25.36 11.01
CA HIS C 149 -12.01 -25.63 11.87
C HIS C 149 -12.83 -26.80 11.36
N GLU C 150 -13.14 -26.77 10.06
CA GLU C 150 -14.05 -27.76 9.48
C GLU C 150 -13.45 -29.15 9.59
N GLY C 151 -12.16 -29.28 9.30
CA GLY C 151 -11.48 -30.56 9.37
C GLY C 151 -11.43 -31.09 10.80
N ARG C 152 -11.08 -30.22 11.74
CA ARG C 152 -11.03 -30.59 13.15
C ARG C 152 -12.42 -30.95 13.66
N ALA C 153 -13.44 -30.29 13.13
CA ALA C 153 -14.82 -30.58 13.49
C ALA C 153 -15.22 -31.99 13.06
N ALA C 154 -14.81 -32.38 11.86
CA ALA C 154 -15.08 -33.71 11.34
C ALA C 154 -14.36 -34.77 12.16
N GLN C 155 -13.12 -34.49 12.52
CA GLN C 155 -12.33 -35.40 13.34
C GLN C 155 -13.01 -35.64 14.68
N LYS C 156 -13.30 -34.55 15.39
CA LYS C 156 -13.88 -34.65 16.73
C LYS C 156 -15.18 -35.43 16.68
N LYS C 157 -15.95 -35.22 15.62
CA LYS C 157 -17.26 -35.86 15.48
C LYS C 157 -17.13 -37.37 15.28
N LEU C 158 -16.18 -37.77 14.43
CA LEU C 158 -15.92 -39.19 14.20
C LEU C 158 -15.34 -39.85 15.45
N GLU C 159 -14.39 -39.16 16.09
CA GLU C 159 -13.69 -39.72 17.24
C GLU C 159 -14.66 -39.98 18.39
N THR C 160 -15.68 -39.13 18.49
CA THR C 160 -16.73 -39.31 19.49
C THR C 160 -17.55 -40.56 19.20
N LEU C 161 -17.83 -40.81 17.93
CA LEU C 161 -18.63 -41.96 17.53
C LEU C 161 -17.85 -43.26 17.72
N LEU C 162 -16.54 -43.19 17.54
CA LEU C 162 -15.69 -44.37 17.70
C LEU C 162 -15.39 -44.62 19.17
N GLU C 163 -15.42 -43.56 19.98
CA GLU C 163 -15.22 -43.68 21.42
C GLU C 163 -16.53 -43.45 22.17
N GLY C 187 -14.96 -52.03 18.78
CA GLY C 187 -15.60 -51.69 17.51
C GLY C 187 -14.59 -51.36 16.44
N PRO C 188 -14.98 -50.51 15.48
CA PRO C 188 -14.05 -49.94 14.50
C PRO C 188 -13.25 -48.78 15.09
N LYS C 189 -12.02 -48.62 14.60
CA LYS C 189 -11.08 -47.68 15.21
C LYS C 189 -10.38 -46.87 14.13
N ALA C 190 -9.98 -45.65 14.48
CA ALA C 190 -9.04 -44.89 13.67
C ALA C 190 -7.61 -45.24 14.06
N ASP C 191 -6.88 -45.87 13.13
CA ASP C 191 -5.51 -46.29 13.38
C ASP C 191 -4.60 -45.07 13.50
N LYS C 192 -5.00 -43.98 12.87
CA LYS C 192 -4.16 -42.77 12.82
C LYS C 192 -4.97 -41.58 12.32
N VAL C 193 -4.64 -40.40 12.80
CA VAL C 193 -5.19 -39.17 12.27
C VAL C 193 -4.06 -38.28 11.74
N LEU C 194 -4.16 -37.90 10.48
CA LEU C 194 -3.20 -36.99 9.87
C LEU C 194 -3.85 -35.66 9.57
N GLN C 195 -3.15 -34.58 9.92
CA GLN C 195 -3.61 -33.23 9.61
C GLN C 195 -2.58 -32.51 8.76
N PHE C 196 -3.04 -31.74 7.79
CA PHE C 196 -2.14 -30.97 6.94
C PHE C 196 -2.57 -29.50 6.91
N GLU C 197 -1.61 -28.61 6.71
CA GLU C 197 -1.89 -27.19 6.61
C GLU C 197 -2.67 -26.89 5.33
N PRO C 198 -3.86 -26.29 5.48
CA PRO C 198 -4.63 -25.84 4.32
C PRO C 198 -3.79 -25.02 3.36
N GLY C 199 -3.99 -25.23 2.06
CA GLY C 199 -3.31 -24.45 1.04
C GLY C 199 -2.02 -25.11 0.59
N THR C 200 -1.67 -26.23 1.23
CA THR C 200 -0.43 -26.93 0.91
C THR C 200 -0.62 -27.79 -0.34
N LYS C 201 0.23 -27.57 -1.33
CA LYS C 201 0.04 -28.16 -2.65
C LYS C 201 0.86 -29.44 -2.79
N ASN C 202 1.95 -29.52 -2.04
CA ASN C 202 2.79 -30.72 -2.02
C ASN C 202 2.61 -31.51 -0.74
N LEU C 203 1.91 -32.63 -0.83
CA LEU C 203 1.48 -33.38 0.34
C LEU C 203 2.17 -34.73 0.41
N THR C 204 3.28 -34.86 -0.33
CA THR C 204 3.97 -36.14 -0.45
C THR C 204 4.38 -36.65 0.92
N ALA C 205 4.78 -35.72 1.79
CA ALA C 205 5.25 -36.08 3.13
C ALA C 205 4.13 -36.75 3.93
N LEU C 206 2.98 -36.11 3.97
CA LEU C 206 1.85 -36.60 4.76
C LEU C 206 1.36 -37.94 4.20
N LEU C 207 1.24 -38.02 2.89
CA LEU C 207 0.65 -39.19 2.24
C LEU C 207 1.61 -40.37 2.28
N LEU C 208 2.90 -40.08 2.17
CA LEU C 208 3.94 -41.08 2.40
C LEU C 208 3.81 -41.67 3.80
N GLU C 209 3.35 -40.86 4.74
CA GLU C 209 3.05 -41.33 6.09
C GLU C 209 1.92 -42.35 6.07
N ALA C 210 0.84 -42.03 5.35
CA ALA C 210 -0.37 -42.85 5.39
C ALA C 210 -0.17 -44.13 4.58
N LYS C 211 0.69 -44.06 3.57
CA LYS C 211 1.04 -45.24 2.78
C LYS C 211 1.72 -46.29 3.66
N GLU C 212 2.65 -45.86 4.50
CA GLU C 212 3.45 -46.77 5.30
C GLU C 212 2.56 -47.58 6.23
N LEU C 213 1.46 -46.98 6.66
CA LEU C 213 0.56 -47.61 7.62
C LEU C 213 -0.17 -48.79 6.99
N GLU C 214 -0.87 -49.55 7.83
CA GLU C 214 -1.38 -50.86 7.42
C GLU C 214 -2.78 -50.73 6.83
N ALA C 215 -3.65 -49.98 7.52
CA ALA C 215 -5.02 -49.79 7.07
C ALA C 215 -5.06 -49.27 5.64
N ARG C 216 -6.09 -49.65 4.90
CA ARG C 216 -6.19 -49.30 3.49
C ARG C 216 -7.41 -48.43 3.24
N VAL C 217 -8.23 -48.23 4.28
CA VAL C 217 -9.40 -47.37 4.18
C VAL C 217 -9.07 -45.96 4.63
N ILE C 218 -9.28 -44.99 3.73
CA ILE C 218 -8.85 -43.62 3.97
C ILE C 218 -10.04 -42.66 3.91
N ILE C 219 -10.28 -41.96 5.01
CA ILE C 219 -11.35 -40.97 5.07
C ILE C 219 -10.77 -39.56 5.00
N LEU C 220 -11.41 -38.69 4.24
CA LEU C 220 -10.85 -37.37 3.97
C LEU C 220 -11.87 -36.27 4.30
N SER C 221 -11.44 -35.28 5.07
CA SER C 221 -12.16 -34.02 5.17
C SER C 221 -11.28 -32.86 4.71
N ALA C 222 -11.76 -32.15 3.69
CA ALA C 222 -11.01 -31.06 3.11
C ALA C 222 -11.90 -30.22 2.21
N SER C 223 -11.53 -28.97 2.01
CA SER C 223 -12.16 -28.14 0.99
C SER C 223 -11.87 -28.68 -0.40
N GLU C 224 -12.55 -28.13 -1.41
CA GLU C 224 -12.34 -28.55 -2.80
C GLU C 224 -10.85 -28.58 -3.14
N ASP C 225 -10.19 -27.43 -2.99
CA ASP C 225 -8.85 -27.25 -3.54
C ASP C 225 -7.83 -28.09 -2.77
N ASP C 226 -8.11 -28.32 -1.49
CA ASP C 226 -7.23 -29.13 -0.65
C ASP C 226 -7.42 -30.61 -0.92
N ALA C 227 -8.67 -31.01 -1.14
CA ALA C 227 -8.96 -32.37 -1.59
C ALA C 227 -8.28 -32.67 -2.92
N THR C 228 -8.29 -31.69 -3.83
CA THR C 228 -7.61 -31.83 -5.10
C THR C 228 -6.13 -32.14 -4.90
N ALA C 229 -5.49 -31.38 -4.01
CA ALA C 229 -4.07 -31.52 -3.77
C ALA C 229 -3.73 -32.87 -3.17
N VAL C 230 -4.62 -33.39 -2.33
CA VAL C 230 -4.48 -34.73 -1.80
C VAL C 230 -4.59 -35.78 -2.91
N TYR C 231 -5.59 -35.62 -3.77
CA TYR C 231 -5.87 -36.59 -4.81
C TYR C 231 -4.69 -36.72 -5.77
N LYS C 232 -4.09 -35.58 -6.11
CA LYS C 232 -2.95 -35.57 -7.01
C LYS C 232 -1.76 -36.32 -6.40
N SER C 233 -1.35 -35.88 -5.21
CA SER C 233 -0.23 -36.50 -4.52
C SER C 233 -0.48 -37.98 -4.32
N ALA C 234 -1.72 -38.33 -3.97
CA ALA C 234 -2.09 -39.72 -3.75
C ALA C 234 -1.85 -40.53 -5.01
N ALA C 235 -2.19 -39.95 -6.16
CA ALA C 235 -2.05 -40.63 -7.43
C ALA C 235 -0.58 -40.86 -7.76
N MET C 236 0.23 -39.83 -7.54
CA MET C 236 1.66 -39.90 -7.81
C MET C 236 2.32 -40.97 -6.95
N LEU C 237 1.72 -41.25 -5.80
CA LEU C 237 2.21 -42.30 -4.91
C LEU C 237 1.43 -43.59 -5.11
N ASP C 238 0.61 -43.63 -6.14
CA ASP C 238 -0.09 -44.86 -6.52
C ASP C 238 -0.90 -45.40 -5.36
N MET C 239 -1.69 -44.52 -4.73
CA MET C 239 -2.48 -44.91 -3.57
C MET C 239 -3.97 -44.86 -3.90
N THR C 240 -4.28 -44.90 -5.19
CA THR C 240 -5.64 -44.64 -5.65
C THR C 240 -6.18 -45.85 -6.41
N GLY C 241 -5.46 -46.96 -6.35
CA GLY C 241 -5.82 -48.15 -7.10
C GLY C 241 -6.34 -49.27 -6.21
N ALA C 242 -6.19 -50.50 -6.65
CA ALA C 242 -6.75 -51.65 -5.94
C ALA C 242 -6.14 -51.76 -4.54
N GLY C 243 -6.91 -52.31 -3.60
CA GLY C 243 -6.49 -52.38 -2.22
C GLY C 243 -7.05 -51.23 -1.39
N TYR C 244 -7.01 -50.03 -1.94
CA TYR C 244 -7.38 -48.82 -1.20
C TYR C 244 -8.87 -48.53 -1.33
N VAL C 245 -9.46 -48.06 -0.23
CA VAL C 245 -10.77 -47.42 -0.29
C VAL C 245 -10.65 -45.94 0.04
N TRP C 246 -11.36 -45.11 -0.70
CA TRP C 246 -11.43 -43.68 -0.40
C TRP C 246 -12.84 -43.26 -0.02
N LEU C 247 -12.99 -42.80 1.21
CA LEU C 247 -14.29 -42.41 1.73
C LEU C 247 -14.27 -40.94 2.11
N VAL C 248 -15.14 -40.15 1.50
CA VAL C 248 -15.10 -38.69 1.65
C VAL C 248 -16.50 -38.13 1.85
N GLY C 249 -16.59 -36.81 1.96
CA GLY C 249 -17.87 -36.12 2.04
C GLY C 249 -18.25 -35.44 0.73
N GLU C 250 -18.91 -34.29 0.83
CA GLU C 250 -19.53 -33.67 -0.32
C GLU C 250 -18.56 -32.70 -1.00
N ARG C 251 -17.87 -31.92 -0.18
CA ARG C 251 -16.93 -30.93 -0.71
C ARG C 251 -15.83 -31.62 -1.51
N GLU C 252 -15.53 -32.86 -1.14
CA GLU C 252 -14.36 -33.54 -1.65
C GLU C 252 -14.65 -34.23 -2.98
N ILE C 253 -15.92 -34.17 -3.40
CA ILE C 253 -16.30 -34.59 -4.74
C ILE C 253 -17.05 -33.48 -5.47
N SER C 254 -16.61 -32.24 -5.25
CA SER C 254 -17.26 -31.06 -5.81
C SER C 254 -16.27 -30.27 -6.66
N GLY C 255 -16.80 -29.51 -7.61
CA GLY C 255 -15.95 -28.72 -8.49
C GLY C 255 -14.68 -29.45 -8.87
N SER C 256 -13.54 -28.81 -8.64
CA SER C 256 -12.28 -29.25 -9.24
C SER C 256 -11.80 -30.53 -8.59
N ALA C 257 -12.29 -30.81 -7.39
CA ALA C 257 -11.94 -32.03 -6.68
C ALA C 257 -12.33 -33.26 -7.51
N LEU C 258 -13.39 -33.11 -8.29
CA LEU C 258 -13.99 -34.24 -8.99
C LEU C 258 -13.12 -34.69 -10.16
N ARG C 259 -12.40 -33.75 -10.76
CA ARG C 259 -11.55 -34.05 -11.89
C ARG C 259 -10.42 -34.99 -11.49
N TYR C 260 -9.89 -34.79 -10.28
CA TYR C 260 -8.66 -35.46 -9.87
C TYR C 260 -8.96 -36.57 -8.88
N ALA C 261 -10.23 -36.70 -8.52
CA ALA C 261 -10.68 -37.79 -7.66
C ALA C 261 -10.37 -39.14 -8.31
N PRO C 262 -9.93 -40.11 -7.49
CA PRO C 262 -9.74 -41.48 -7.95
C PRO C 262 -11.08 -42.15 -8.29
N ASP C 263 -11.07 -42.98 -9.33
CA ASP C 263 -12.22 -43.82 -9.64
C ASP C 263 -12.50 -44.77 -8.47
N GLY C 264 -13.78 -44.99 -8.18
CA GLY C 264 -14.17 -45.92 -7.14
C GLY C 264 -14.33 -45.25 -5.80
N ILE C 265 -13.99 -43.96 -5.74
CA ILE C 265 -14.21 -43.18 -4.52
C ILE C 265 -15.67 -43.26 -4.09
N ILE C 266 -15.88 -43.24 -2.78
CA ILE C 266 -17.23 -43.09 -2.23
C ILE C 266 -17.37 -41.72 -1.58
N GLY C 267 -18.42 -41.00 -1.93
CA GLY C 267 -18.69 -39.69 -1.34
C GLY C 267 -20.14 -39.52 -0.94
N LEU C 268 -20.50 -38.31 -0.53
CA LEU C 268 -21.85 -38.05 -0.03
C LEU C 268 -22.44 -36.81 -0.72
N GLN C 269 -23.76 -36.78 -0.84
CA GLN C 269 -24.48 -35.54 -1.11
C GLN C 269 -25.71 -35.44 -0.22
N LEU C 270 -25.82 -34.32 0.48
CA LEU C 270 -27.04 -34.01 1.23
C LEU C 270 -28.21 -33.84 0.28
N ILE C 271 -29.17 -34.76 0.35
CA ILE C 271 -30.36 -34.68 -0.48
C ILE C 271 -31.14 -33.42 -0.15
N ASN C 272 -31.41 -32.62 -1.17
CA ASN C 272 -32.16 -31.38 -1.00
C ASN C 272 -31.30 -30.29 -0.37
N GLY C 273 -30.00 -30.54 -0.29
CA GLY C 273 -29.10 -29.68 0.48
C GLY C 273 -28.95 -28.31 -0.13
N LYS C 274 -29.25 -28.18 -1.42
CA LYS C 274 -29.08 -26.93 -2.12
C LYS C 274 -30.43 -26.39 -2.61
N ASN C 275 -31.50 -27.08 -2.21
CA ASN C 275 -32.84 -26.68 -2.63
C ASN C 275 -33.43 -25.64 -1.68
N GLU C 276 -33.14 -24.37 -1.96
CA GLU C 276 -33.55 -23.28 -1.08
C GLU C 276 -35.06 -23.26 -0.92
N SER C 277 -35.77 -23.61 -1.99
CA SER C 277 -37.22 -23.59 -2.00
C SER C 277 -37.77 -24.61 -0.99
N ALA C 278 -37.19 -25.81 -0.99
CA ALA C 278 -37.62 -26.87 -0.09
C ALA C 278 -37.43 -26.45 1.37
N HIS C 279 -36.30 -25.81 1.65
CA HIS C 279 -35.88 -25.55 3.02
C HIS C 279 -36.59 -24.31 3.59
N ILE C 280 -36.85 -23.33 2.73
CA ILE C 280 -37.79 -22.26 3.06
C ILE C 280 -39.10 -22.85 3.57
N SER C 281 -39.66 -23.78 2.81
CA SER C 281 -40.96 -24.34 3.13
C SER C 281 -40.94 -25.05 4.48
N ASP C 282 -39.87 -25.78 4.75
CA ASP C 282 -39.74 -26.54 5.98
C ASP C 282 -39.43 -25.64 7.17
N ALA C 283 -38.54 -24.68 6.97
CA ALA C 283 -38.18 -23.73 8.02
C ALA C 283 -39.40 -22.94 8.46
N VAL C 284 -40.23 -22.52 7.51
CA VAL C 284 -41.40 -21.72 7.82
C VAL C 284 -42.41 -22.54 8.62
N ALA C 285 -42.57 -23.81 8.26
CA ALA C 285 -43.48 -24.70 8.96
C ALA C 285 -43.04 -24.90 10.41
N VAL C 286 -41.74 -25.09 10.60
CA VAL C 286 -41.20 -25.29 11.93
C VAL C 286 -41.34 -24.03 12.78
N VAL C 287 -41.03 -22.89 12.19
CA VAL C 287 -41.10 -21.62 12.89
C VAL C 287 -42.53 -21.26 13.26
N ALA C 288 -43.44 -21.48 12.32
CA ALA C 288 -44.86 -21.20 12.55
C ALA C 288 -45.37 -22.05 13.72
N GLN C 289 -45.03 -23.33 13.71
CA GLN C 289 -45.40 -24.24 14.78
C GLN C 289 -44.89 -23.73 16.13
N ALA C 290 -43.64 -23.27 16.13
CA ALA C 290 -43.01 -22.81 17.35
C ALA C 290 -43.67 -21.51 17.85
N ILE C 291 -44.07 -20.66 16.92
CA ILE C 291 -44.69 -19.40 17.29
C ILE C 291 -45.98 -19.66 18.06
N HIS C 292 -46.81 -20.55 17.53
CA HIS C 292 -48.11 -20.83 18.14
C HIS C 292 -47.94 -21.53 19.48
N GLU C 293 -46.89 -22.35 19.59
CA GLU C 293 -46.55 -23.00 20.84
C GLU C 293 -46.06 -21.98 21.87
N LEU C 294 -45.28 -21.01 21.40
CA LEU C 294 -44.81 -19.93 22.26
C LEU C 294 -45.99 -19.21 22.92
N PHE C 295 -47.01 -18.91 22.13
CA PHE C 295 -48.08 -18.03 22.56
C PHE C 295 -49.12 -18.79 23.38
N GLU C 296 -48.88 -20.08 23.60
CA GLU C 296 -49.63 -20.85 24.58
C GLU C 296 -49.11 -20.57 26.00
N MET C 297 -47.92 -19.98 26.08
CA MET C 297 -47.35 -19.60 27.36
C MET C 297 -47.67 -18.15 27.68
N GLU C 298 -47.30 -17.72 28.88
CA GLU C 298 -47.70 -16.41 29.39
C GLU C 298 -46.53 -15.44 29.33
N ASN C 299 -46.83 -14.15 29.32
CA ASN C 299 -45.81 -13.11 29.44
C ASN C 299 -44.87 -13.12 28.24
N ILE C 300 -45.43 -13.31 27.06
CA ILE C 300 -44.68 -13.15 25.82
C ILE C 300 -44.57 -11.68 25.45
N THR C 301 -43.35 -11.19 25.34
CA THR C 301 -43.10 -9.81 24.93
C THR C 301 -42.75 -9.74 23.46
N ASP C 302 -42.93 -8.56 22.86
CA ASP C 302 -42.55 -8.35 21.47
C ASP C 302 -41.06 -8.04 21.36
N PRO C 303 -40.46 -8.40 20.23
CA PRO C 303 -39.12 -7.93 19.87
C PRO C 303 -39.09 -6.41 19.72
N PRO C 304 -37.90 -5.81 19.84
CA PRO C 304 -37.73 -4.38 19.60
C PRO C 304 -38.15 -3.98 18.19
N ARG C 305 -38.81 -2.83 18.08
CA ARG C 305 -39.10 -2.23 16.79
C ARG C 305 -37.94 -1.36 16.34
N GLY C 306 -37.10 -1.92 15.48
CA GLY C 306 -35.93 -1.20 14.96
C GLY C 306 -34.73 -1.31 15.87
N CYS C 307 -33.57 -0.95 15.35
CA CYS C 307 -32.32 -1.07 16.09
C CYS C 307 -32.01 0.21 16.84
N VAL C 308 -32.40 1.35 16.27
CA VAL C 308 -31.96 2.64 16.76
C VAL C 308 -32.49 2.88 18.17
N GLY C 309 -31.59 3.00 19.14
CA GLY C 309 -31.95 3.34 20.50
C GLY C 309 -32.25 2.12 21.35
N ASN C 310 -32.16 0.94 20.75
CA ASN C 310 -32.46 -0.30 21.45
C ASN C 310 -31.20 -1.16 21.63
N THR C 311 -30.81 -1.36 22.88
CA THR C 311 -29.58 -2.07 23.20
C THR C 311 -29.82 -3.20 24.19
N ASN C 312 -31.08 -3.34 24.62
CA ASN C 312 -31.49 -4.50 25.40
C ASN C 312 -31.88 -5.67 24.52
N ILE C 313 -31.69 -6.88 25.02
CA ILE C 313 -32.10 -8.08 24.29
C ILE C 313 -33.61 -8.19 24.27
N TRP C 314 -34.13 -8.95 23.32
CA TRP C 314 -35.52 -9.38 23.35
C TRP C 314 -35.73 -10.42 24.43
N LYS C 315 -36.45 -10.04 25.48
CA LYS C 315 -36.43 -10.79 26.74
C LYS C 315 -37.04 -12.19 26.55
N THR C 316 -37.90 -12.32 25.54
CA THR C 316 -38.54 -13.60 25.25
C THR C 316 -37.70 -14.43 24.28
N GLY C 317 -36.62 -13.83 23.78
CA GLY C 317 -35.80 -14.46 22.75
C GLY C 317 -35.30 -15.83 23.19
N PRO C 318 -34.70 -15.91 24.38
CA PRO C 318 -34.12 -17.16 24.85
C PRO C 318 -35.15 -18.25 25.04
N LEU C 319 -36.38 -17.86 25.35
CA LEU C 319 -37.47 -18.82 25.52
C LEU C 319 -37.91 -19.35 24.16
N PHE C 320 -38.12 -18.43 23.22
CA PHE C 320 -38.47 -18.82 21.86
C PHE C 320 -37.40 -19.73 21.27
N LYS C 321 -36.14 -19.45 21.59
CA LYS C 321 -35.06 -20.29 21.10
C LYS C 321 -35.18 -21.71 21.62
N ARG C 322 -35.58 -21.86 22.89
CA ARG C 322 -35.74 -23.17 23.49
C ARG C 322 -36.88 -23.93 22.85
N VAL C 323 -37.97 -23.22 22.58
CA VAL C 323 -39.13 -23.83 21.93
C VAL C 323 -38.77 -24.34 20.53
N LEU C 324 -38.04 -23.52 19.78
CA LEU C 324 -37.54 -23.92 18.47
C LEU C 324 -36.66 -25.16 18.58
N MET C 325 -35.70 -25.13 19.51
CA MET C 325 -34.71 -26.18 19.61
C MET C 325 -35.37 -27.54 19.74
N SER C 326 -36.58 -27.56 20.29
CA SER C 326 -37.23 -28.81 20.65
C SER C 326 -38.45 -29.06 19.77
N SER C 327 -38.64 -28.20 18.77
CA SER C 327 -39.71 -28.38 17.80
C SER C 327 -39.44 -29.58 16.91
N LYS C 328 -40.44 -30.44 16.77
CA LYS C 328 -40.34 -31.60 15.89
C LYS C 328 -41.39 -31.50 14.79
N TYR C 329 -40.93 -31.56 13.54
CA TYR C 329 -41.83 -31.51 12.39
C TYR C 329 -41.61 -32.72 11.48
N PRO C 330 -42.50 -33.72 11.59
CA PRO C 330 -42.22 -35.05 11.04
C PRO C 330 -42.40 -35.11 9.52
N ASP C 331 -43.33 -34.31 9.00
CA ASP C 331 -43.77 -34.44 7.61
C ASP C 331 -43.17 -33.33 6.75
N GLY C 332 -41.86 -33.16 6.84
CA GLY C 332 -41.17 -32.10 6.09
C GLY C 332 -40.86 -32.50 4.67
N VAL C 333 -40.77 -31.52 3.78
CA VAL C 333 -40.38 -31.76 2.40
C VAL C 333 -38.99 -32.40 2.35
N THR C 334 -38.11 -31.95 3.24
CA THR C 334 -36.75 -32.46 3.29
C THR C 334 -36.64 -33.59 4.31
N GLY C 335 -37.78 -34.03 4.83
CA GLY C 335 -37.84 -35.20 5.69
C GLY C 335 -38.19 -34.84 7.12
N ARG C 336 -37.66 -35.62 8.06
CA ARG C 336 -38.04 -35.49 9.46
C ARG C 336 -37.17 -34.44 10.14
N ILE C 337 -37.81 -33.38 10.62
CA ILE C 337 -37.09 -32.21 11.12
C ILE C 337 -37.09 -32.16 12.64
N GLU C 338 -35.96 -32.50 13.24
CA GLU C 338 -35.64 -32.07 14.60
C GLU C 338 -34.30 -31.37 14.63
N PHE C 339 -33.96 -30.79 15.77
CA PHE C 339 -32.64 -30.19 15.97
C PHE C 339 -31.93 -30.84 17.15
N ASN C 340 -30.60 -30.93 17.05
CA ASN C 340 -29.79 -31.38 18.16
C ASN C 340 -29.42 -30.22 19.10
N GLU C 341 -28.51 -30.48 20.03
CA GLU C 341 -28.28 -29.57 21.15
C GLU C 341 -27.46 -28.36 20.73
N ASP C 342 -27.00 -28.38 19.48
CA ASP C 342 -26.30 -27.23 18.90
C ASP C 342 -27.20 -26.49 17.92
N GLY C 343 -28.45 -26.93 17.83
CA GLY C 343 -29.41 -26.32 16.91
C GLY C 343 -29.21 -26.78 15.48
N ASP C 344 -28.49 -27.88 15.30
CA ASP C 344 -28.21 -28.41 13.98
C ASP C 344 -29.23 -29.49 13.60
N ARG C 345 -29.57 -29.56 12.32
CA ARG C 345 -30.60 -30.47 11.84
C ARG C 345 -30.23 -31.92 12.16
N LYS C 346 -31.19 -32.66 12.69
CA LYS C 346 -31.06 -34.11 12.83
C LYS C 346 -31.84 -34.83 11.73
N PHE C 347 -31.48 -36.08 11.48
CA PHE C 347 -32.23 -36.93 10.55
C PHE C 347 -32.16 -36.39 9.13
N ALA C 348 -31.00 -35.83 8.77
CA ALA C 348 -30.74 -35.45 7.39
C ALA C 348 -30.52 -36.69 6.53
N GLN C 349 -30.85 -36.58 5.26
CA GLN C 349 -30.72 -37.71 4.33
C GLN C 349 -29.62 -37.44 3.32
N TYR C 350 -28.81 -38.47 3.05
CA TYR C 350 -27.67 -38.34 2.15
C TYR C 350 -27.76 -39.36 1.01
N SER C 351 -27.36 -38.94 -0.18
CA SER C 351 -27.00 -39.88 -1.24
C SER C 351 -25.59 -40.41 -1.04
N ILE C 352 -25.44 -41.72 -1.15
CA ILE C 352 -24.12 -42.33 -1.15
C ILE C 352 -23.63 -42.53 -2.58
N MET C 353 -22.55 -41.84 -2.93
CA MET C 353 -22.17 -41.65 -4.33
C MET C 353 -20.86 -42.39 -4.62
N ASN C 354 -20.81 -43.03 -5.79
CA ASN C 354 -19.65 -43.80 -6.20
C ASN C 354 -19.22 -43.37 -7.60
N LEU C 355 -17.93 -43.08 -7.76
CA LEU C 355 -17.42 -42.61 -9.04
C LEU C 355 -17.23 -43.77 -10.01
N GLN C 356 -18.19 -43.95 -10.92
CA GLN C 356 -18.16 -45.03 -11.89
C GLN C 356 -18.16 -44.48 -13.31
N ASN C 357 -17.34 -45.05 -14.17
CA ASN C 357 -17.33 -44.71 -15.58
C ASN C 357 -17.43 -43.20 -15.77
N ARG C 358 -16.60 -42.47 -15.04
CA ARG C 358 -16.50 -41.03 -15.22
C ARG C 358 -17.84 -40.35 -14.93
N LYS C 359 -18.64 -41.00 -14.10
CA LYS C 359 -19.87 -40.39 -13.60
C LYS C 359 -20.02 -40.65 -12.10
N LEU C 360 -20.64 -39.70 -11.41
CA LEU C 360 -21.04 -39.91 -10.03
C LEU C 360 -22.37 -40.66 -9.98
N VAL C 361 -22.36 -41.82 -9.35
CA VAL C 361 -23.51 -42.72 -9.36
C VAL C 361 -23.97 -43.00 -7.93
N GLN C 362 -25.28 -42.86 -7.69
CA GLN C 362 -25.85 -43.17 -6.39
C GLN C 362 -25.95 -44.68 -6.19
N VAL C 363 -25.31 -45.17 -5.14
CA VAL C 363 -25.30 -46.60 -4.84
C VAL C 363 -26.12 -46.91 -3.60
N GLY C 364 -26.63 -45.85 -2.96
CA GLY C 364 -27.46 -46.01 -1.77
C GLY C 364 -27.88 -44.66 -1.21
N ILE C 365 -28.62 -44.71 -0.10
CA ILE C 365 -28.92 -43.50 0.66
C ILE C 365 -28.81 -43.78 2.15
N PHE C 366 -28.37 -42.77 2.90
CA PHE C 366 -28.57 -42.74 4.35
C PHE C 366 -29.84 -41.96 4.68
N ASN C 367 -30.83 -42.66 5.22
CA ASN C 367 -32.20 -42.15 5.25
C ASN C 367 -32.49 -41.37 6.53
N GLY C 368 -31.47 -41.22 7.37
CA GLY C 368 -31.62 -40.49 8.62
C GLY C 368 -30.99 -41.25 9.78
N SER C 369 -31.03 -42.57 9.71
CA SER C 369 -30.58 -43.42 10.81
C SER C 369 -30.09 -44.76 10.28
N TYR C 370 -30.35 -45.02 9.01
CA TYR C 370 -30.14 -46.34 8.43
C TYR C 370 -29.58 -46.20 7.02
N ILE C 371 -28.59 -47.02 6.69
CA ILE C 371 -28.09 -47.12 5.33
C ILE C 371 -28.96 -48.04 4.49
N ILE C 372 -29.39 -47.57 3.33
CA ILE C 372 -30.17 -48.39 2.41
C ILE C 372 -29.45 -48.53 1.08
N GLN C 373 -28.89 -49.71 0.83
CA GLN C 373 -28.23 -49.99 -0.44
C GLN C 373 -29.25 -50.21 -1.55
N ASN C 374 -29.03 -49.57 -2.69
CA ASN C 374 -29.83 -49.83 -3.88
C ASN C 374 -29.22 -50.96 -4.72
N ASP C 375 -29.84 -51.23 -5.87
CA ASP C 375 -29.48 -52.40 -6.67
C ASP C 375 -28.13 -52.20 -7.35
N ARG C 376 -27.69 -50.96 -7.45
CA ARG C 376 -26.50 -50.63 -8.23
C ARG C 376 -25.23 -51.10 -7.53
N LYS C 377 -24.38 -51.81 -8.26
CA LYS C 377 -23.19 -52.41 -7.68
C LYS C 377 -22.09 -51.38 -7.50
N ILE C 378 -21.52 -51.33 -6.30
CA ILE C 378 -20.37 -50.47 -6.04
C ILE C 378 -19.12 -50.99 -6.75
N ILE C 379 -18.42 -50.09 -7.43
CA ILE C 379 -17.12 -50.41 -8.02
C ILE C 379 -16.01 -49.73 -7.23
N TRP C 380 -15.17 -50.53 -6.58
CA TRP C 380 -14.12 -50.00 -5.72
C TRP C 380 -12.91 -49.56 -6.54
N PRO C 381 -12.06 -48.71 -5.95
CA PRO C 381 -10.82 -48.28 -6.58
C PRO C 381 -10.00 -49.47 -7.09
N GLY C 382 -9.53 -49.39 -8.32
CA GLY C 382 -9.05 -50.56 -9.04
C GLY C 382 -10.15 -51.23 -9.84
N GLY C 383 -10.97 -52.02 -9.15
CA GLY C 383 -11.88 -52.94 -9.82
C GLY C 383 -12.72 -52.25 -10.89
N PRO D 1 4.46 19.00 6.78
CA PRO D 1 4.05 17.59 6.85
C PRO D 1 2.54 17.40 6.71
N PRO D 2 2.14 16.40 5.93
CA PRO D 2 0.74 16.23 5.52
C PRO D 2 -0.16 15.78 6.68
N SER D 3 -1.46 16.02 6.55
CA SER D 3 -2.40 15.74 7.63
C SER D 3 -3.19 14.48 7.36
N ILE D 4 -3.35 13.65 8.38
CA ILE D 4 -4.25 12.51 8.32
C ILE D 4 -5.45 12.71 9.23
N GLY D 5 -6.62 12.31 8.76
CA GLY D 5 -7.85 12.46 9.53
C GLY D 5 -7.98 11.38 10.60
N ILE D 6 -8.22 11.80 11.83
CA ILE D 6 -8.55 10.86 12.90
C ILE D 6 -9.85 11.26 13.58
N ALA D 7 -10.84 10.38 13.51
CA ALA D 7 -12.11 10.60 14.20
C ALA D 7 -12.04 10.09 15.63
N VAL D 8 -12.28 10.98 16.58
CA VAL D 8 -12.47 10.58 17.98
C VAL D 8 -13.95 10.59 18.33
N ILE D 9 -14.51 9.40 18.54
CA ILE D 9 -15.94 9.25 18.78
C ILE D 9 -16.22 9.07 20.26
N LEU D 10 -17.02 9.96 20.84
CA LEU D 10 -17.31 9.93 22.27
C LEU D 10 -18.79 9.67 22.51
N VAL D 11 -19.09 8.56 23.17
CA VAL D 11 -20.45 8.26 23.58
C VAL D 11 -20.66 8.62 25.05
N GLY D 12 -21.72 9.37 25.31
CA GLY D 12 -22.12 9.69 26.68
C GLY D 12 -21.30 10.82 27.28
N THR D 13 -21.72 11.29 28.44
CA THR D 13 -21.14 12.49 29.04
C THR D 13 -19.62 12.48 28.89
N SER D 14 -19.08 13.59 28.41
CA SER D 14 -17.63 13.75 28.25
C SER D 14 -17.26 15.22 28.30
N ASP D 15 -16.16 15.53 28.99
CA ASP D 15 -15.58 16.87 28.94
C ASP D 15 -14.66 17.01 27.72
N GLU D 16 -15.19 17.57 26.65
CA GLU D 16 -14.47 17.63 25.38
C GLU D 16 -13.28 18.58 25.49
N VAL D 17 -13.42 19.62 26.30
CA VAL D 17 -12.35 20.59 26.50
C VAL D 17 -11.12 19.92 27.12
N ALA D 18 -11.35 19.13 28.15
CA ALA D 18 -10.27 18.41 28.82
C ALA D 18 -9.65 17.38 27.89
N ILE D 19 -10.47 16.82 27.01
CA ILE D 19 -9.98 15.87 26.01
C ILE D 19 -9.11 16.58 24.97
N LYS D 20 -9.60 17.73 24.49
CA LYS D 20 -8.89 18.48 23.46
C LYS D 20 -7.63 19.14 24.03
N ASP D 21 -7.11 18.57 25.12
CA ASP D 21 -5.92 19.11 25.77
C ASP D 21 -5.13 18.01 26.47
N HIS D 30 8.09 16.89 13.58
CA HIS D 30 8.63 15.86 14.44
C HIS D 30 8.36 14.47 13.86
N LEU D 31 7.14 14.26 13.39
CA LEU D 31 6.79 13.04 12.66
C LEU D 31 6.62 13.32 11.17
N SER D 32 6.62 12.27 10.37
CA SER D 32 6.47 12.41 8.92
C SER D 32 5.05 12.83 8.56
N VAL D 33 4.18 12.87 9.57
CA VAL D 33 2.76 13.12 9.35
C VAL D 33 2.12 13.70 10.61
N VAL D 34 0.98 14.34 10.44
CA VAL D 34 0.40 15.18 11.50
C VAL D 34 -1.11 15.01 11.53
N PRO D 35 -1.67 14.82 12.74
CA PRO D 35 -3.08 14.45 12.88
C PRO D 35 -4.01 15.64 12.72
N ARG D 36 -5.12 15.44 12.03
CA ARG D 36 -6.22 16.42 12.04
C ARG D 36 -7.43 15.86 12.77
N VAL D 37 -7.51 16.15 14.06
CA VAL D 37 -8.45 15.44 14.94
C VAL D 37 -9.85 16.05 14.85
N GLU D 38 -10.86 15.19 14.86
CA GLU D 38 -12.24 15.64 14.85
C GLU D 38 -13.07 14.88 15.88
N LEU D 39 -13.44 15.56 16.96
CA LEU D 39 -14.27 14.97 18.00
C LEU D 39 -15.71 14.84 17.53
N VAL D 40 -16.24 13.63 17.60
CA VAL D 40 -17.65 13.39 17.31
C VAL D 40 -18.36 12.89 18.57
N ALA D 41 -19.56 13.42 18.82
CA ALA D 41 -20.41 12.91 19.88
C ALA D 41 -21.50 12.00 19.31
N MET D 42 -21.81 10.94 20.03
CA MET D 42 -22.80 9.96 19.58
C MET D 42 -23.71 9.56 20.74
N ASN D 43 -24.99 9.41 20.45
CA ASN D 43 -25.99 9.23 21.50
C ASN D 43 -26.30 7.76 21.75
N GLU D 44 -26.37 6.98 20.67
CA GLU D 44 -26.84 5.60 20.75
C GLU D 44 -25.73 4.62 20.45
N THR D 45 -25.86 3.40 20.95
CA THR D 45 -24.81 2.39 20.82
C THR D 45 -25.39 1.05 20.34
N ASP D 46 -26.51 1.12 19.63
CA ASP D 46 -26.99 -0.03 18.87
C ASP D 46 -26.18 -0.21 17.58
N PRO D 47 -26.28 -1.40 16.96
CA PRO D 47 -25.53 -1.73 15.76
C PRO D 47 -25.67 -0.69 14.65
N LYS D 48 -26.91 -0.32 14.34
CA LYS D 48 -27.19 0.54 13.20
C LYS D 48 -26.62 1.94 13.43
N SER D 49 -26.84 2.47 14.63
CA SER D 49 -26.35 3.80 14.98
C SER D 49 -24.83 3.86 14.85
N ILE D 50 -24.15 2.81 15.32
CA ILE D 50 -22.70 2.80 15.35
C ILE D 50 -22.14 2.64 13.94
N ILE D 51 -22.74 1.72 13.17
CA ILE D 51 -22.32 1.51 11.79
C ILE D 51 -22.59 2.75 10.96
N THR D 52 -23.80 3.27 11.08
CA THR D 52 -24.23 4.42 10.29
C THR D 52 -23.32 5.63 10.56
N ARG D 53 -22.94 5.80 11.82
CA ARG D 53 -22.22 7.00 12.24
C ARG D 53 -20.78 6.98 11.76
N ILE D 54 -20.15 5.81 11.82
CA ILE D 54 -18.77 5.65 11.37
C ILE D 54 -18.69 5.66 9.84
N CYS D 55 -19.71 5.10 9.20
CA CYS D 55 -19.73 5.01 7.74
C CYS D 55 -19.95 6.39 7.13
N ASP D 56 -20.85 7.17 7.72
CA ASP D 56 -21.09 8.54 7.26
C ASP D 56 -19.86 9.40 7.47
N LEU D 57 -19.20 9.23 8.60
CA LEU D 57 -17.94 9.91 8.88
C LEU D 57 -16.93 9.65 7.77
N MET D 58 -16.92 8.42 7.26
CA MET D 58 -15.85 7.98 6.37
C MET D 58 -16.13 8.46 4.95
N SER D 59 -17.39 8.79 4.67
CA SER D 59 -17.79 9.27 3.35
C SER D 59 -17.86 10.79 3.32
N ASP D 60 -17.40 11.43 4.38
CA ASP D 60 -17.52 12.89 4.52
C ASP D 60 -16.17 13.54 4.74
N ARG D 61 -15.36 12.96 5.63
CA ARG D 61 -13.94 13.27 5.70
C ARG D 61 -13.11 12.09 5.22
N LYS D 62 -11.80 12.28 5.18
CA LYS D 62 -10.88 11.17 4.91
C LYS D 62 -10.30 10.62 6.20
N ILE D 63 -10.88 9.53 6.68
CA ILE D 63 -10.60 9.02 8.02
C ILE D 63 -9.55 7.91 7.96
N GLN D 64 -8.38 8.18 8.52
CA GLN D 64 -7.30 7.20 8.57
C GLN D 64 -7.50 6.21 9.71
N GLY D 65 -8.30 6.60 10.70
CA GLY D 65 -8.33 5.89 11.97
C GLY D 65 -9.42 6.41 12.90
N VAL D 66 -9.90 5.54 13.78
CA VAL D 66 -10.95 5.90 14.72
C VAL D 66 -10.50 5.61 16.16
N VAL D 67 -10.63 6.62 17.02
CA VAL D 67 -10.49 6.41 18.46
C VAL D 67 -11.86 6.50 19.13
N PHE D 68 -12.24 5.42 19.82
CA PHE D 68 -13.62 5.25 20.28
C PHE D 68 -13.67 5.08 21.80
N ALA D 69 -14.53 5.85 22.44
CA ALA D 69 -14.75 5.73 23.88
C ALA D 69 -16.23 5.91 24.22
N ASP D 70 -16.72 5.12 25.16
CA ASP D 70 -18.11 5.21 25.58
C ASP D 70 -18.23 5.05 27.09
N ASP D 71 -19.41 5.37 27.62
CA ASP D 71 -19.62 5.41 29.06
C ASP D 71 -20.59 4.31 29.48
N THR D 72 -20.64 3.23 28.71
CA THR D 72 -21.61 2.17 28.91
C THR D 72 -20.94 0.92 29.46
N ASP D 73 -21.73 -0.12 29.72
CA ASP D 73 -21.21 -1.43 30.09
C ASP D 73 -21.46 -2.45 28.98
N GLN D 74 -21.62 -1.96 27.76
CA GLN D 74 -22.04 -2.82 26.65
C GLN D 74 -20.84 -3.39 25.89
N GLU D 75 -20.46 -4.61 26.24
CA GLU D 75 -19.33 -5.28 25.60
C GLU D 75 -19.59 -5.54 24.12
N ALA D 76 -20.86 -5.46 23.71
CA ALA D 76 -21.22 -5.69 22.32
C ALA D 76 -20.65 -4.59 21.43
N ILE D 77 -20.40 -3.42 22.00
CA ILE D 77 -19.81 -2.31 21.27
C ILE D 77 -18.48 -2.72 20.65
N ALA D 78 -17.68 -3.44 21.42
CA ALA D 78 -16.38 -3.90 20.95
C ALA D 78 -16.55 -4.88 19.78
N GLN D 79 -17.55 -5.74 19.87
CA GLN D 79 -17.81 -6.71 18.82
C GLN D 79 -18.21 -6.01 17.52
N ILE D 80 -19.04 -4.99 17.64
CA ILE D 80 -19.52 -4.24 16.49
C ILE D 80 -18.36 -3.49 15.83
N LEU D 81 -17.45 -2.99 16.66
CA LEU D 81 -16.32 -2.21 16.17
C LEU D 81 -15.33 -3.10 15.42
N ASP D 82 -15.11 -4.30 15.95
CA ASP D 82 -14.25 -5.27 15.28
C ASP D 82 -14.82 -5.63 13.91
N PHE D 83 -16.12 -5.88 13.87
CA PHE D 83 -16.82 -6.16 12.62
C PHE D 83 -16.61 -5.03 11.62
N ILE D 84 -16.80 -3.80 12.08
CA ILE D 84 -16.67 -2.63 11.21
C ILE D 84 -15.22 -2.46 10.77
N SER D 85 -14.30 -2.64 11.70
CA SER D 85 -12.88 -2.47 11.40
C SER D 85 -12.45 -3.44 10.30
N ALA D 86 -12.87 -4.70 10.42
CA ALA D 86 -12.42 -5.75 9.51
C ALA D 86 -13.04 -5.56 8.13
N GLN D 87 -14.28 -5.10 8.10
CA GLN D 87 -15.01 -4.94 6.85
C GLN D 87 -14.47 -3.76 6.06
N THR D 88 -14.03 -2.72 6.75
CA THR D 88 -13.61 -1.49 6.10
C THR D 88 -12.09 -1.36 6.10
N LEU D 89 -11.43 -2.30 6.75
CA LEU D 89 -9.99 -2.24 6.92
C LEU D 89 -9.57 -0.85 7.42
N THR D 90 -10.21 -0.42 8.49
CA THR D 90 -9.85 0.82 9.17
C THR D 90 -9.43 0.54 10.61
N PRO D 91 -8.30 1.13 11.03
CA PRO D 91 -7.89 1.06 12.43
C PRO D 91 -8.94 1.66 13.37
N ILE D 92 -9.36 0.89 14.35
CA ILE D 92 -10.20 1.39 15.43
C ILE D 92 -9.62 1.01 16.78
N LEU D 93 -9.48 2.00 17.66
CA LEU D 93 -9.11 1.75 19.05
C LEU D 93 -10.32 1.90 19.95
N GLY D 94 -10.64 0.83 20.68
CA GLY D 94 -11.54 0.93 21.82
C GLY D 94 -10.80 1.19 23.11
N ILE D 95 -10.92 2.41 23.61
CA ILE D 95 -10.01 2.89 24.65
C ILE D 95 -10.70 2.98 26.01
N HIS D 96 -12.03 2.93 26.02
CA HIS D 96 -12.79 3.13 27.24
C HIS D 96 -14.23 2.65 27.10
N GLY D 97 -14.74 2.01 28.16
CA GLY D 97 -16.13 1.59 28.21
C GLY D 97 -16.33 0.22 27.59
N GLY D 98 -17.53 0.00 27.05
CA GLY D 98 -17.83 -1.25 26.38
C GLY D 98 -16.88 -1.55 25.23
N SER D 99 -16.37 -0.50 24.60
CA SER D 99 -15.50 -0.67 23.43
C SER D 99 -14.19 -1.34 23.82
N SER D 100 -13.85 -1.29 25.11
CA SER D 100 -12.55 -1.77 25.58
C SER D 100 -12.68 -3.08 26.35
N MET D 101 -13.92 -3.53 26.51
CA MET D 101 -14.19 -4.85 27.08
C MET D 101 -13.78 -5.95 26.10
N ILE D 102 -13.00 -6.91 26.59
CA ILE D 102 -12.15 -7.70 25.72
C ILE D 102 -12.96 -8.40 24.64
N MET D 103 -12.50 -8.25 23.40
CA MET D 103 -13.04 -9.02 22.29
C MET D 103 -12.06 -10.13 21.92
N ALA D 104 -12.39 -11.36 22.30
CA ALA D 104 -11.63 -12.52 21.86
C ALA D 104 -12.13 -13.00 20.49
N ASP D 105 -11.27 -13.73 19.78
CA ASP D 105 -11.53 -14.07 18.38
C ASP D 105 -11.88 -12.81 17.58
N LYS D 106 -10.94 -11.89 17.49
CA LYS D 106 -10.99 -10.83 16.50
C LYS D 106 -10.79 -11.39 15.09
N ASP D 107 -11.39 -10.73 14.10
CA ASP D 107 -11.39 -11.21 12.73
C ASP D 107 -9.97 -11.25 12.17
N GLU D 108 -9.74 -12.14 11.21
CA GLU D 108 -8.43 -12.26 10.57
C GLU D 108 -7.90 -10.90 10.12
N SER D 109 -8.79 -10.09 9.58
CA SER D 109 -8.38 -8.81 8.97
C SER D 109 -8.86 -7.63 9.81
N SER D 110 -9.14 -7.89 11.07
CA SER D 110 -9.43 -6.83 12.03
C SER D 110 -8.23 -5.91 12.18
N MET D 111 -8.49 -4.61 12.27
CA MET D 111 -7.51 -3.65 12.74
C MET D 111 -8.02 -2.99 14.00
N PHE D 112 -8.63 -3.79 14.87
CA PHE D 112 -9.28 -3.28 16.07
C PHE D 112 -8.42 -3.58 17.29
N PHE D 113 -8.03 -2.54 18.00
CA PHE D 113 -7.17 -2.69 19.17
C PHE D 113 -7.83 -2.08 20.40
N GLN D 114 -7.59 -2.69 21.56
CA GLN D 114 -8.29 -2.31 22.78
C GLN D 114 -7.31 -1.96 23.88
N PHE D 115 -7.59 -0.86 24.60
CA PHE D 115 -6.93 -0.60 25.87
C PHE D 115 -7.43 -1.60 26.92
N GLY D 116 -6.48 -2.22 27.62
CA GLY D 116 -6.81 -3.15 28.68
C GLY D 116 -6.18 -4.51 28.47
N PRO D 117 -6.33 -5.40 29.45
CA PRO D 117 -5.59 -6.66 29.50
C PRO D 117 -6.28 -7.74 28.70
N SER D 118 -5.49 -8.66 28.14
CA SER D 118 -6.03 -9.89 27.57
C SER D 118 -6.74 -10.72 28.63
N ILE D 119 -7.51 -11.70 28.18
CA ILE D 119 -8.12 -12.67 29.08
C ILE D 119 -7.04 -13.44 29.83
N GLU D 120 -6.00 -13.85 29.12
CA GLU D 120 -4.97 -14.70 29.69
C GLU D 120 -4.23 -13.99 30.81
N GLN D 121 -4.10 -12.67 30.68
CA GLN D 121 -3.34 -11.88 31.64
C GLN D 121 -4.15 -11.65 32.91
N GLN D 122 -5.45 -11.44 32.74
CA GLN D 122 -6.35 -11.31 33.89
C GLN D 122 -6.43 -12.60 34.68
N ALA D 123 -6.55 -13.72 33.97
CA ALA D 123 -6.58 -15.03 34.62
C ALA D 123 -5.30 -15.24 35.43
N SER D 124 -4.18 -14.87 34.84
CA SER D 124 -2.89 -15.00 35.50
C SER D 124 -2.85 -14.16 36.78
N VAL D 125 -3.44 -12.97 36.71
CA VAL D 125 -3.47 -12.06 37.85
C VAL D 125 -4.32 -12.63 38.97
N MET D 126 -5.45 -13.24 38.61
CA MET D 126 -6.33 -13.86 39.58
C MET D 126 -5.59 -14.91 40.39
N LEU D 127 -4.84 -15.77 39.69
CA LEU D 127 -4.14 -16.87 40.34
C LEU D 127 -3.04 -16.33 41.26
N ASN D 128 -2.44 -15.22 40.87
CA ASN D 128 -1.47 -14.54 41.72
C ASN D 128 -2.09 -14.10 43.04
N ILE D 129 -3.26 -13.48 42.95
CA ILE D 129 -4.05 -13.14 44.14
C ILE D 129 -4.29 -14.39 44.98
N MET D 130 -4.81 -15.44 44.36
CA MET D 130 -5.08 -16.69 45.06
C MET D 130 -3.84 -17.16 45.81
N GLU D 131 -2.70 -17.13 45.14
CA GLU D 131 -1.46 -17.65 45.71
C GLU D 131 -1.03 -16.83 46.92
N GLU D 132 -1.29 -15.53 46.85
CA GLU D 132 -0.88 -14.59 47.90
C GLU D 132 -1.53 -14.95 49.23
N TYR D 133 -2.83 -15.25 49.19
CA TYR D 133 -3.58 -15.62 50.38
C TYR D 133 -3.83 -17.13 50.44
N ASP D 134 -3.02 -17.88 49.70
CA ASP D 134 -3.03 -19.34 49.79
C ASP D 134 -4.42 -19.90 49.56
N TRP D 135 -5.12 -19.36 48.56
CA TRP D 135 -6.40 -19.90 48.13
C TRP D 135 -6.22 -20.87 46.97
N TYR D 136 -6.00 -22.14 47.29
CA TYR D 136 -5.51 -23.10 46.32
C TYR D 136 -6.64 -23.99 45.79
N ILE D 137 -7.80 -23.92 46.44
CA ILE D 137 -8.92 -24.77 46.09
C ILE D 137 -10.08 -23.92 45.59
N PHE D 138 -10.51 -24.18 44.35
CA PHE D 138 -11.41 -23.27 43.65
C PHE D 138 -12.18 -23.96 42.53
N SER D 139 -13.24 -23.30 42.07
CA SER D 139 -13.97 -23.73 40.89
C SER D 139 -14.06 -22.60 39.87
N ILE D 140 -14.39 -22.95 38.63
CA ILE D 140 -14.60 -21.96 37.59
C ILE D 140 -16.05 -22.00 37.09
N VAL D 141 -16.63 -20.82 36.92
CA VAL D 141 -17.92 -20.71 36.23
C VAL D 141 -17.80 -19.74 35.06
N THR D 142 -18.26 -20.16 33.89
CA THR D 142 -18.34 -19.28 32.73
C THR D 142 -19.67 -19.43 32.01
N THR D 143 -20.02 -18.43 31.21
CA THR D 143 -20.99 -18.63 30.12
C THR D 143 -20.26 -18.91 28.81
N TYR D 144 -20.99 -18.81 27.70
CA TYR D 144 -20.42 -19.07 26.39
C TYR D 144 -19.90 -17.79 25.75
N PHE D 145 -19.84 -16.72 26.54
CA PHE D 145 -19.28 -15.47 26.05
C PHE D 145 -17.87 -15.68 25.52
N PRO D 146 -17.59 -15.16 24.31
CA PRO D 146 -16.32 -15.40 23.65
C PRO D 146 -15.14 -15.12 24.57
N GLY D 147 -14.22 -16.07 24.66
CA GLY D 147 -13.08 -15.95 25.56
C GLY D 147 -13.09 -17.00 26.66
N TYR D 148 -14.25 -17.59 26.90
CA TYR D 148 -14.44 -18.43 28.08
C TYR D 148 -13.54 -19.66 28.03
N GLN D 149 -13.24 -20.12 26.82
CA GLN D 149 -12.31 -21.22 26.62
C GLN D 149 -10.87 -20.78 26.85
N ASP D 150 -10.55 -19.58 26.37
CA ASP D 150 -9.25 -18.97 26.64
C ASP D 150 -9.03 -18.82 28.14
N PHE D 151 -10.06 -18.39 28.85
CA PHE D 151 -9.98 -18.19 30.29
C PHE D 151 -9.67 -19.51 31.00
N VAL D 152 -10.47 -20.54 30.69
CA VAL D 152 -10.34 -21.84 31.35
C VAL D 152 -9.02 -22.50 30.99
N ASN D 153 -8.63 -22.41 29.73
CA ASN D 153 -7.40 -23.04 29.26
C ASN D 153 -6.17 -22.42 29.91
N LYS D 154 -6.19 -21.11 30.11
CA LYS D 154 -5.10 -20.41 30.77
C LYS D 154 -4.94 -20.87 32.22
N ILE D 155 -6.04 -20.91 32.96
CA ILE D 155 -6.03 -21.42 34.31
C ILE D 155 -5.46 -22.83 34.34
N ARG D 156 -5.95 -23.68 33.44
CA ARG D 156 -5.69 -25.13 33.51
C ARG D 156 -4.21 -25.42 33.28
N SER D 157 -3.60 -24.68 32.36
CA SER D 157 -2.21 -24.96 31.96
C SER D 157 -1.24 -24.33 32.96
N THR D 158 -1.66 -23.22 33.57
CA THR D 158 -0.92 -22.64 34.68
C THR D 158 -0.88 -23.60 35.87
N ILE D 159 -2.03 -24.15 36.21
CA ILE D 159 -2.13 -25.13 37.28
C ILE D 159 -1.26 -26.34 37.00
N GLU D 160 -1.49 -26.99 35.86
CA GLU D 160 -0.85 -28.26 35.54
C GLU D 160 0.67 -28.13 35.67
N ASN D 161 1.18 -26.94 35.38
CA ASN D 161 2.62 -26.72 35.32
C ASN D 161 3.14 -26.05 36.59
N SER D 162 2.66 -26.51 37.74
CA SER D 162 2.95 -25.85 39.01
C SER D 162 3.26 -26.88 40.10
N PHE D 163 4.32 -26.62 40.86
CA PHE D 163 4.62 -27.42 42.04
C PHE D 163 3.80 -26.92 43.23
N VAL D 164 2.69 -26.23 42.94
CA VAL D 164 1.78 -25.77 43.98
C VAL D 164 0.52 -26.63 43.99
N GLY D 165 -0.04 -26.82 45.18
CA GLY D 165 -1.13 -27.78 45.36
C GLY D 165 -2.48 -27.21 44.96
N TRP D 166 -2.55 -26.69 43.74
CA TRP D 166 -3.81 -26.23 43.17
C TRP D 166 -4.81 -27.38 43.11
N GLU D 167 -6.06 -27.10 43.43
CA GLU D 167 -7.14 -28.07 43.26
C GLU D 167 -8.35 -27.43 42.56
N LEU D 168 -8.43 -27.62 41.25
CA LEU D 168 -9.60 -27.20 40.49
C LEU D 168 -10.71 -28.23 40.60
N GLU D 169 -11.80 -27.85 41.28
CA GLU D 169 -12.79 -28.82 41.74
C GLU D 169 -13.88 -29.03 40.69
N GLU D 170 -14.44 -27.93 40.20
CA GLU D 170 -15.47 -27.99 39.16
C GLU D 170 -15.27 -26.87 38.15
N VAL D 171 -15.62 -27.17 36.90
CA VAL D 171 -15.81 -26.12 35.89
C VAL D 171 -17.23 -26.19 35.34
N LEU D 172 -18.00 -25.14 35.58
CA LEU D 172 -19.37 -25.07 35.10
C LEU D 172 -19.45 -24.24 33.82
N LEU D 173 -20.27 -24.69 32.88
CA LEU D 173 -20.55 -23.93 31.68
C LEU D 173 -22.05 -23.63 31.59
N LEU D 174 -22.38 -22.35 31.68
CA LEU D 174 -23.78 -21.94 31.84
C LEU D 174 -24.33 -21.43 30.52
N ASP D 175 -25.39 -22.08 30.04
CA ASP D 175 -26.04 -21.68 28.79
C ASP D 175 -27.13 -20.66 29.05
N MET D 176 -26.79 -19.38 28.90
CA MET D 176 -27.74 -18.31 29.13
C MET D 176 -28.29 -17.78 27.82
N SER D 177 -28.19 -18.58 26.77
CA SER D 177 -28.88 -18.29 25.51
C SER D 177 -30.28 -18.90 25.51
N LEU D 178 -30.55 -19.76 26.50
CA LEU D 178 -31.90 -20.26 26.73
C LEU D 178 -32.51 -19.61 27.96
N ASP D 179 -33.83 -19.64 28.06
CA ASP D 179 -34.52 -19.22 29.29
C ASP D 179 -34.20 -20.19 30.43
N ASP D 180 -34.38 -19.72 31.65
CA ASP D 180 -34.10 -20.54 32.83
C ASP D 180 -35.39 -20.81 33.61
N GLY D 181 -36.39 -21.32 32.92
CA GLY D 181 -37.64 -21.72 33.57
C GLY D 181 -37.59 -23.14 34.09
N ASP D 182 -36.62 -23.91 33.60
CA ASP D 182 -36.40 -25.27 34.10
C ASP D 182 -35.43 -25.27 35.28
N SER D 183 -34.95 -24.09 35.64
CA SER D 183 -34.07 -23.93 36.79
C SER D 183 -32.77 -24.69 36.60
N LYS D 184 -32.28 -24.73 35.37
CA LYS D 184 -31.07 -25.48 35.05
C LYS D 184 -29.85 -24.84 35.70
N ILE D 185 -29.72 -23.52 35.57
CA ILE D 185 -28.54 -22.83 36.08
C ILE D 185 -28.42 -23.02 37.59
N GLN D 186 -29.55 -22.93 38.29
CA GLN D 186 -29.57 -23.15 39.73
C GLN D 186 -29.05 -24.54 40.08
N ASN D 187 -29.50 -25.54 39.33
CA ASN D 187 -29.08 -26.91 39.56
C ASN D 187 -27.58 -27.09 39.35
N GLN D 188 -27.02 -26.33 38.42
CA GLN D 188 -25.59 -26.39 38.15
C GLN D 188 -24.81 -25.72 39.27
N LEU D 189 -25.31 -24.58 39.73
CA LEU D 189 -24.61 -23.79 40.73
C LEU D 189 -24.59 -24.53 42.07
N LYS D 190 -25.61 -25.33 42.32
CA LYS D 190 -25.72 -26.05 43.59
C LYS D 190 -24.69 -27.16 43.68
N LYS D 191 -23.88 -27.32 42.64
CA LYS D 191 -22.86 -28.36 42.59
C LYS D 191 -21.52 -27.82 43.08
N LEU D 192 -21.46 -26.53 43.39
CA LEU D 192 -20.21 -25.90 43.79
C LEU D 192 -19.96 -26.10 45.28
N GLN D 193 -18.72 -26.47 45.61
CA GLN D 193 -18.31 -26.61 47.00
C GLN D 193 -17.23 -25.57 47.35
N SER D 194 -16.45 -25.17 46.35
CA SER D 194 -15.17 -24.51 46.60
C SER D 194 -15.38 -23.15 47.25
N PRO D 195 -14.41 -22.71 48.05
CA PRO D 195 -14.50 -21.40 48.70
C PRO D 195 -14.14 -20.25 47.77
N ILE D 196 -13.39 -20.53 46.72
CA ILE D 196 -13.10 -19.54 45.69
C ILE D 196 -13.73 -19.95 44.36
N ILE D 197 -14.45 -19.01 43.74
CA ILE D 197 -15.08 -19.25 42.45
C ILE D 197 -14.66 -18.17 41.45
N LEU D 198 -13.99 -18.58 40.39
CA LEU D 198 -13.65 -17.68 39.29
C LEU D 198 -14.78 -17.63 38.28
N LEU D 199 -15.24 -16.43 37.97
CA LEU D 199 -16.42 -16.25 37.12
C LEU D 199 -16.05 -15.45 35.87
N TYR D 200 -16.26 -16.05 34.70
CA TYR D 200 -16.08 -15.36 33.44
C TYR D 200 -17.40 -15.24 32.68
N CYS D 201 -17.78 -14.01 32.40
CA CYS D 201 -19.07 -13.73 31.77
C CYS D 201 -19.22 -12.22 31.60
N THR D 202 -20.36 -11.79 31.09
CA THR D 202 -20.64 -10.36 30.95
C THR D 202 -21.26 -9.81 32.24
N LYS D 203 -21.27 -8.48 32.35
CA LYS D 203 -21.81 -7.82 33.52
C LYS D 203 -23.28 -8.19 33.73
N GLU D 204 -24.03 -8.15 32.64
CA GLU D 204 -25.46 -8.44 32.68
C GLU D 204 -25.70 -9.91 33.04
N GLU D 205 -24.85 -10.79 32.50
CA GLU D 205 -24.91 -12.20 32.82
C GLU D 205 -24.60 -12.45 34.29
N ALA D 206 -23.53 -11.83 34.78
CA ALA D 206 -23.12 -11.98 36.17
C ALA D 206 -24.22 -11.53 37.11
N THR D 207 -24.92 -10.47 36.73
CA THR D 207 -26.01 -9.94 37.54
C THR D 207 -27.05 -11.01 37.81
N TYR D 208 -27.37 -11.79 36.79
CA TYR D 208 -28.32 -12.89 36.93
C TYR D 208 -27.71 -14.05 37.70
N ILE D 209 -26.45 -14.36 37.40
CA ILE D 209 -25.79 -15.52 37.99
C ILE D 209 -25.62 -15.33 39.50
N PHE D 210 -25.43 -14.09 39.93
CA PHE D 210 -25.28 -13.78 41.34
C PHE D 210 -26.62 -13.90 42.07
N GLU D 211 -27.67 -13.41 41.43
CA GLU D 211 -29.03 -13.56 41.97
C GLU D 211 -29.34 -15.02 42.25
N VAL D 212 -28.91 -15.91 41.37
CA VAL D 212 -29.19 -17.33 41.51
C VAL D 212 -28.28 -17.97 42.55
N ALA D 213 -27.01 -17.57 42.55
CA ALA D 213 -26.05 -18.08 43.53
C ALA D 213 -26.47 -17.71 44.94
N ASN D 214 -27.04 -16.52 45.09
CA ASN D 214 -27.56 -16.07 46.38
C ASN D 214 -28.75 -16.91 46.83
N SER D 215 -29.64 -17.23 45.91
CA SER D 215 -30.76 -18.13 46.20
C SER D 215 -30.27 -19.42 46.85
N VAL D 216 -29.02 -19.77 46.56
CA VAL D 216 -28.52 -21.11 46.84
C VAL D 216 -27.38 -21.06 47.87
N GLY D 217 -27.11 -19.86 48.38
CA GLY D 217 -26.28 -19.70 49.56
C GLY D 217 -24.80 -19.71 49.24
N LEU D 218 -24.43 -19.05 48.14
CA LEU D 218 -23.07 -19.16 47.62
C LEU D 218 -22.36 -17.81 47.58
N THR D 219 -23.01 -16.76 48.08
CA THR D 219 -22.50 -15.40 47.91
C THR D 219 -21.89 -14.85 49.20
N GLY D 220 -22.21 -15.48 50.33
CA GLY D 220 -21.94 -14.89 51.64
C GLY D 220 -20.51 -15.12 52.12
N TYR D 221 -20.31 -15.05 53.42
CA TYR D 221 -19.05 -15.48 54.04
C TYR D 221 -18.71 -16.88 53.58
N GLY D 222 -17.41 -17.15 53.44
CA GLY D 222 -16.95 -18.49 53.14
C GLY D 222 -16.94 -18.79 51.64
N TYR D 223 -17.54 -17.92 50.85
CA TYR D 223 -17.41 -17.96 49.40
C TYR D 223 -16.91 -16.63 48.86
N THR D 224 -15.78 -16.66 48.15
CA THR D 224 -15.23 -15.46 47.53
C THR D 224 -15.22 -15.59 46.01
N TRP D 225 -15.91 -14.67 45.34
CA TRP D 225 -15.99 -14.66 43.88
C TRP D 225 -14.96 -13.70 43.30
N ILE D 226 -14.35 -14.10 42.18
CA ILE D 226 -13.37 -13.27 41.50
C ILE D 226 -13.71 -13.16 40.02
N VAL D 227 -13.78 -11.93 39.52
CA VAL D 227 -14.27 -11.67 38.18
C VAL D 227 -13.31 -10.74 37.45
N PRO D 228 -13.37 -10.75 36.11
CA PRO D 228 -12.51 -9.90 35.31
C PRO D 228 -13.09 -8.51 35.09
N SER D 229 -12.36 -7.66 34.39
CA SER D 229 -12.66 -6.23 34.33
C SER D 229 -14.08 -5.98 33.82
N LEU D 230 -14.54 -6.80 32.89
CA LEU D 230 -15.75 -6.50 32.14
C LEU D 230 -17.01 -6.78 32.96
N VAL D 231 -16.87 -7.55 34.03
CA VAL D 231 -17.98 -7.79 34.95
C VAL D 231 -18.18 -6.61 35.89
N ALA D 232 -17.09 -6.12 36.48
CA ALA D 232 -17.13 -4.87 37.22
C ALA D 232 -17.57 -3.73 36.30
N GLY D 233 -16.98 -3.69 35.11
CA GLY D 233 -17.30 -2.66 34.13
C GLY D 233 -17.09 -1.26 34.69
N ASP D 234 -18.07 -0.39 34.47
CA ASP D 234 -18.10 0.92 35.11
C ASP D 234 -18.34 0.77 36.62
N THR D 235 -17.35 1.16 37.41
CA THR D 235 -17.33 0.87 38.83
C THR D 235 -18.21 1.86 39.60
N ASP D 236 -18.78 2.82 38.89
CA ASP D 236 -19.78 3.71 39.46
C ASP D 236 -21.19 3.18 39.21
N THR D 237 -21.28 2.02 38.55
CA THR D 237 -22.54 1.33 38.39
C THR D 237 -22.47 -0.07 38.99
N VAL D 238 -23.15 -0.28 40.10
CA VAL D 238 -23.02 -1.51 40.87
C VAL D 238 -24.39 -2.15 41.07
N PRO D 239 -24.66 -3.22 40.33
CA PRO D 239 -25.94 -3.94 40.48
C PRO D 239 -26.14 -4.41 41.91
N SER D 240 -27.36 -4.32 42.40
CA SER D 240 -27.65 -4.72 43.78
C SER D 240 -27.31 -6.19 44.00
N GLU D 241 -27.26 -6.95 42.91
CA GLU D 241 -27.10 -8.39 42.99
C GLU D 241 -25.65 -8.78 43.25
N PHE D 242 -24.72 -7.92 42.85
CA PHE D 242 -23.30 -8.14 43.13
C PHE D 242 -23.11 -8.31 44.64
N PRO D 243 -22.54 -9.46 45.05
CA PRO D 243 -22.30 -9.71 46.47
C PRO D 243 -21.17 -8.85 47.03
N THR D 244 -21.38 -8.30 48.22
CA THR D 244 -20.29 -7.78 49.03
C THR D 244 -19.18 -8.82 49.15
N GLY D 245 -17.94 -8.38 48.99
CA GLY D 245 -16.79 -9.28 49.04
C GLY D 245 -16.32 -9.68 47.65
N LEU D 246 -17.01 -9.19 46.63
CA LEU D 246 -16.65 -9.48 45.24
C LEU D 246 -15.28 -8.87 44.91
N ILE D 247 -14.41 -9.67 44.31
CA ILE D 247 -13.10 -9.22 43.88
C ILE D 247 -13.04 -9.14 42.35
N SER D 248 -12.43 -8.07 41.84
CA SER D 248 -12.28 -7.90 40.41
C SER D 248 -10.90 -7.34 40.07
N VAL D 249 -10.33 -7.77 38.96
CA VAL D 249 -9.34 -6.99 38.23
C VAL D 249 -10.04 -5.90 37.42
N SER D 250 -9.49 -4.69 37.44
CA SER D 250 -10.13 -3.56 36.78
C SER D 250 -9.14 -2.76 35.96
N TYR D 251 -9.62 -2.25 34.82
CA TYR D 251 -8.91 -1.21 34.08
C TYR D 251 -9.87 -0.09 33.71
N ASP D 252 -10.71 0.31 34.66
CA ASP D 252 -11.82 1.23 34.37
C ASP D 252 -11.56 2.61 34.96
N GLU D 253 -10.60 3.32 34.39
CA GLU D 253 -10.46 4.75 34.64
C GLU D 253 -9.98 5.00 36.06
N TRP D 254 -8.83 4.41 36.41
CA TRP D 254 -8.30 4.54 37.76
C TRP D 254 -7.17 5.56 37.80
N ASP D 255 -6.07 5.25 37.12
CA ASP D 255 -4.93 6.18 37.06
C ASP D 255 -4.68 6.64 35.63
N TYR D 256 -5.51 6.17 34.70
CA TYR D 256 -5.27 6.38 33.28
C TYR D 256 -6.50 6.99 32.63
N GLY D 257 -6.63 8.31 32.73
CA GLY D 257 -7.90 8.98 32.50
C GLY D 257 -8.26 9.05 31.03
N LEU D 258 -9.53 9.35 30.75
CA LEU D 258 -10.02 9.42 29.38
C LEU D 258 -9.18 10.37 28.55
N PRO D 259 -8.93 11.59 29.06
CA PRO D 259 -8.16 12.59 28.32
C PRO D 259 -6.78 12.08 27.92
N ALA D 260 -6.14 11.37 28.83
CA ALA D 260 -4.85 10.75 28.54
C ALA D 260 -4.99 9.65 27.49
N ARG D 261 -6.05 8.86 27.62
CA ARG D 261 -6.27 7.72 26.75
C ARG D 261 -6.49 8.17 25.30
N VAL D 262 -7.32 9.19 25.13
CA VAL D 262 -7.57 9.75 23.80
C VAL D 262 -6.27 10.31 23.22
N ARG D 263 -5.49 10.98 24.04
CA ARG D 263 -4.19 11.49 23.63
C ARG D 263 -3.33 10.37 23.05
N ASP D 264 -3.18 9.29 23.81
CA ASP D 264 -2.34 8.18 23.42
C ASP D 264 -2.92 7.45 22.21
N GLY D 265 -4.24 7.38 22.16
CA GLY D 265 -4.94 6.82 21.00
C GLY D 265 -4.58 7.54 19.71
N ILE D 266 -4.65 8.87 19.74
CA ILE D 266 -4.32 9.68 18.57
C ILE D 266 -2.86 9.49 18.18
N ALA D 267 -2.01 9.32 19.19
CA ALA D 267 -0.57 9.24 18.96
C ALA D 267 -0.19 7.90 18.34
N ILE D 268 -0.93 6.86 18.72
CA ILE D 268 -0.68 5.51 18.22
C ILE D 268 -0.96 5.44 16.72
N ILE D 269 -2.09 6.01 16.30
CA ILE D 269 -2.49 6.00 14.90
C ILE D 269 -1.56 6.87 14.07
N THR D 270 -1.19 8.02 14.61
CA THR D 270 -0.37 8.99 13.90
C THR D 270 1.06 8.47 13.74
N THR D 271 1.66 8.05 14.86
CA THR D 271 2.99 7.46 14.84
C THR D 271 3.05 6.30 13.85
N ALA D 272 2.04 5.44 13.88
CA ALA D 272 2.02 4.25 13.04
C ALA D 272 2.03 4.63 11.56
N ALA D 273 1.18 5.59 11.20
CA ALA D 273 1.13 6.11 9.84
C ALA D 273 2.50 6.65 9.41
N SER D 274 3.11 7.45 10.28
CA SER D 274 4.38 8.09 9.98
C SER D 274 5.48 7.04 9.81
N ASP D 275 5.45 6.00 10.65
CA ASP D 275 6.43 4.92 10.57
C ASP D 275 6.30 4.18 9.24
N MET D 276 5.07 4.05 8.75
CA MET D 276 4.81 3.38 7.49
C MET D 276 5.14 4.28 6.32
N LEU D 277 4.77 5.56 6.43
CA LEU D 277 5.03 6.53 5.36
C LEU D 277 6.52 6.60 5.07
N SER D 278 7.34 6.45 6.10
CA SER D 278 8.76 6.74 5.99
C SER D 278 9.55 5.50 5.59
N GLU D 279 8.88 4.34 5.61
CA GLU D 279 9.51 3.09 5.19
C GLU D 279 8.98 2.63 3.84
N HIS D 280 7.81 3.13 3.44
CA HIS D 280 7.16 2.65 2.23
C HIS D 280 6.70 3.80 1.34
N SER D 281 6.85 5.02 1.82
CA SER D 281 6.54 6.21 1.03
C SER D 281 5.09 6.21 0.60
N PHE D 282 4.25 5.50 1.35
CA PHE D 282 2.81 5.62 1.23
C PHE D 282 2.11 5.14 2.50
N ILE D 283 0.87 5.57 2.69
CA ILE D 283 -0.04 4.94 3.64
C ILE D 283 -1.31 4.48 2.93
N PRO D 284 -2.08 3.60 3.58
CA PRO D 284 -3.39 3.22 3.07
C PRO D 284 -4.27 4.45 2.81
N GLU D 285 -4.90 4.49 1.64
CA GLU D 285 -5.90 5.51 1.36
C GLU D 285 -7.24 5.14 2.00
N PRO D 286 -7.77 6.06 2.83
CA PRO D 286 -9.01 5.80 3.56
C PRO D 286 -10.17 5.47 2.65
N LYS D 287 -10.82 4.33 2.90
CA LYS D 287 -12.09 4.01 2.26
C LYS D 287 -13.02 5.22 2.29
N SER D 288 -13.69 5.45 1.17
CA SER D 288 -14.67 6.53 1.08
C SER D 288 -16.10 6.01 1.21
N SER D 289 -16.22 4.71 1.47
CA SER D 289 -17.52 4.05 1.54
C SER D 289 -17.44 2.74 2.29
N CYS D 290 -18.49 2.44 3.05
CA CYS D 290 -18.77 1.07 3.48
C CYS D 290 -19.53 0.31 2.40
N TYR D 291 -20.14 1.05 1.48
CA TYR D 291 -21.04 0.48 0.48
C TYR D 291 -20.25 -0.22 -0.63
N ASN D 292 -18.93 -0.04 -0.64
CA ASN D 292 -18.13 -0.30 -1.83
C ASN D 292 -16.97 -1.25 -1.54
N THR D 293 -17.01 -1.88 -0.37
CA THR D 293 -15.81 -2.49 0.21
C THR D 293 -15.50 -3.82 -0.44
N HIS D 294 -16.45 -4.35 -1.20
CA HIS D 294 -16.32 -5.67 -1.80
C HIS D 294 -15.51 -5.61 -3.09
N GLU D 295 -15.67 -4.52 -3.83
CA GLU D 295 -14.94 -4.32 -5.07
C GLU D 295 -13.50 -3.88 -4.79
N LYS D 296 -13.36 -2.83 -3.98
CA LYS D 296 -12.06 -2.23 -3.73
C LYS D 296 -11.23 -3.10 -2.79
N ARG D 297 -11.58 -4.38 -2.69
CA ARG D 297 -11.00 -5.26 -1.68
C ARG D 297 -9.59 -5.69 -2.09
N ILE D 298 -9.38 -5.83 -3.40
CA ILE D 298 -8.11 -6.26 -3.93
C ILE D 298 -7.10 -5.12 -3.86
N TYR D 299 -7.56 -3.96 -3.40
CA TYR D 299 -6.73 -2.76 -3.36
C TYR D 299 -6.38 -2.41 -1.92
N GLN D 300 -6.92 -3.18 -0.98
CA GLN D 300 -6.85 -2.82 0.43
C GLN D 300 -6.13 -3.91 1.22
N SER D 301 -5.72 -3.57 2.43
CA SER D 301 -4.80 -4.40 3.20
C SER D 301 -4.81 -3.96 4.65
N ASN D 302 -4.45 -4.88 5.54
CA ASN D 302 -4.30 -4.55 6.95
C ASN D 302 -2.84 -4.35 7.33
N MET D 303 -2.10 -3.71 6.44
CA MET D 303 -0.64 -3.62 6.56
C MET D 303 -0.27 -2.65 7.69
N LEU D 304 -1.13 -1.67 7.92
CA LEU D 304 -0.91 -0.68 8.96
C LEU D 304 -0.83 -1.33 10.33
N ASN D 305 -1.34 -2.55 10.45
CA ASN D 305 -1.33 -3.26 11.73
C ASN D 305 0.07 -3.38 12.30
N ARG D 306 1.01 -3.81 11.47
CA ARG D 306 2.35 -4.14 11.94
C ARG D 306 3.01 -2.94 12.59
N TYR D 307 2.50 -1.76 12.28
CA TYR D 307 3.05 -0.52 12.82
C TYR D 307 2.26 -0.06 14.04
N LEU D 308 0.95 -0.30 14.01
CA LEU D 308 0.06 0.15 15.08
C LEU D 308 0.41 -0.52 16.40
N ILE D 309 1.08 -1.67 16.33
CA ILE D 309 1.29 -2.49 17.52
C ILE D 309 2.68 -2.28 18.10
N ASN D 310 3.45 -1.38 17.48
CA ASN D 310 4.84 -1.16 17.90
C ASN D 310 5.14 0.32 18.06
N VAL D 311 4.30 1.03 18.81
CA VAL D 311 4.46 2.46 19.00
C VAL D 311 4.94 2.76 20.41
N THR D 312 6.21 3.17 20.53
CA THR D 312 6.66 3.95 21.67
C THR D 312 6.63 5.45 21.32
N PHE D 313 5.91 6.22 22.13
CA PHE D 313 5.45 7.54 21.71
C PHE D 313 5.89 8.61 22.70
N GLU D 314 6.99 9.30 22.39
CA GLU D 314 7.52 10.34 23.25
C GLU D 314 7.41 9.95 24.72
N GLY D 315 8.05 8.84 25.08
CA GLY D 315 7.85 8.23 26.39
C GLY D 315 6.68 7.27 26.40
N ARG D 316 6.93 6.06 26.89
CA ARG D 316 5.90 5.02 26.92
C ARG D 316 5.96 4.16 25.66
N ASP D 317 6.35 2.90 25.83
CA ASP D 317 5.89 1.84 24.95
C ASP D 317 4.38 1.66 25.10
N LEU D 318 3.66 1.84 24.00
CA LEU D 318 2.22 1.61 23.98
C LEU D 318 1.90 0.38 23.16
N SER D 319 2.84 -0.55 23.12
CA SER D 319 2.69 -1.76 22.32
C SER D 319 1.30 -2.34 22.52
N PHE D 320 0.71 -2.84 21.44
CA PHE D 320 -0.34 -3.83 21.53
C PHE D 320 0.22 -5.22 21.25
N SER D 321 -0.53 -6.25 21.62
CA SER D 321 -0.30 -7.58 21.12
C SER D 321 -0.90 -7.72 19.72
N GLU D 322 -0.44 -8.72 18.97
CA GLU D 322 -1.03 -9.06 17.69
C GLU D 322 -2.52 -9.36 17.86
N ASP D 323 -2.90 -9.84 19.05
CA ASP D 323 -4.27 -10.23 19.34
C ASP D 323 -5.12 -9.03 19.72
N GLY D 324 -4.49 -7.87 19.82
CA GLY D 324 -5.22 -6.61 19.80
C GLY D 324 -5.58 -6.11 21.18
N TYR D 325 -4.77 -6.49 22.16
CA TYR D 325 -4.90 -5.97 23.52
C TYR D 325 -3.60 -5.31 23.97
N GLN D 326 -3.70 -4.50 25.03
CA GLN D 326 -2.55 -3.73 25.51
C GLN D 326 -1.54 -4.64 26.19
N MET D 327 -0.26 -4.31 26.02
CA MET D 327 0.82 -5.22 26.41
C MET D 327 1.03 -5.23 27.92
N HIS D 328 1.33 -4.06 28.50
CA HIS D 328 1.72 -3.98 29.90
C HIS D 328 0.83 -3.01 30.67
N PRO D 329 -0.47 -3.29 30.75
CA PRO D 329 -1.39 -2.43 31.48
C PRO D 329 -1.20 -2.56 33.00
N LYS D 330 -1.20 -1.41 33.68
CA LYS D 330 -1.22 -1.38 35.14
C LYS D 330 -2.63 -1.64 35.65
N LEU D 331 -2.84 -2.80 36.27
CA LEU D 331 -4.17 -3.24 36.65
C LEU D 331 -4.43 -2.95 38.13
N VAL D 332 -5.67 -2.56 38.43
CA VAL D 332 -6.09 -2.30 39.79
C VAL D 332 -6.98 -3.42 40.30
N ILE D 333 -6.58 -4.05 41.40
CA ILE D 333 -7.42 -5.05 42.05
C ILE D 333 -8.38 -4.36 43.02
N ILE D 334 -9.66 -4.65 42.87
CA ILE D 334 -10.69 -3.90 43.56
C ILE D 334 -11.66 -4.83 44.28
N LEU D 335 -12.28 -4.33 45.35
CA LEU D 335 -13.07 -5.15 46.24
C LEU D 335 -14.35 -4.41 46.59
N LEU D 336 -15.49 -5.05 46.32
CA LEU D 336 -16.79 -4.46 46.65
C LEU D 336 -17.06 -4.57 48.14
N ASN D 337 -17.01 -3.43 48.83
CA ASN D 337 -16.97 -3.43 50.29
C ASN D 337 -18.38 -3.37 50.90
N LYS D 338 -18.44 -3.23 52.22
CA LYS D 338 -19.71 -3.31 52.93
C LYS D 338 -20.59 -2.11 52.60
N GLU D 339 -19.96 -1.00 52.20
CA GLU D 339 -20.69 0.18 51.77
C GLU D 339 -21.04 0.07 50.27
N ARG D 340 -20.73 -1.08 49.68
CA ARG D 340 -21.06 -1.34 48.29
C ARG D 340 -20.50 -0.23 47.37
N LYS D 341 -19.31 0.25 47.72
CA LYS D 341 -18.46 0.94 46.77
C LYS D 341 -17.25 0.07 46.43
N TRP D 342 -16.74 0.22 45.21
CA TRP D 342 -15.55 -0.50 44.79
C TRP D 342 -14.30 0.15 45.38
N GLU D 343 -13.45 -0.68 45.98
CA GLU D 343 -12.35 -0.19 46.80
C GLU D 343 -11.02 -0.78 46.34
N ARG D 344 -10.02 0.07 46.17
CA ARG D 344 -8.69 -0.38 45.79
C ARG D 344 -8.08 -1.23 46.89
N VAL D 345 -7.47 -2.35 46.52
CA VAL D 345 -6.83 -3.24 47.48
C VAL D 345 -5.55 -3.84 46.93
N GLY D 346 -5.20 -3.49 45.70
CA GLY D 346 -4.08 -4.11 45.01
C GLY D 346 -3.67 -3.40 43.74
N LYS D 347 -2.40 -3.53 43.37
CA LYS D 347 -1.93 -3.15 42.04
C LYS D 347 -1.19 -4.33 41.40
N TRP D 348 -1.38 -4.49 40.09
CA TRP D 348 -0.56 -5.39 39.30
C TRP D 348 0.31 -4.60 38.33
N LYS D 349 1.60 -4.51 38.61
CA LYS D 349 2.47 -3.51 38.01
C LYS D 349 3.49 -4.15 37.07
N ASP D 350 4.62 -4.57 37.64
CA ASP D 350 5.72 -5.13 36.85
C ASP D 350 5.72 -6.65 36.92
N LYS D 351 4.75 -7.28 36.26
CA LYS D 351 4.45 -8.69 36.48
C LYS D 351 4.49 -9.03 37.97
N SER D 352 4.28 -8.03 38.81
CA SER D 352 4.28 -8.21 40.25
C SER D 352 2.97 -7.75 40.87
N LEU D 353 2.44 -8.54 41.79
CA LEU D 353 1.25 -8.16 42.53
C LEU D 353 1.62 -7.53 43.88
N GLN D 354 1.08 -6.35 44.14
CA GLN D 354 1.25 -5.71 45.45
C GLN D 354 -0.11 -5.50 46.11
N MET D 355 -0.37 -6.24 47.17
CA MET D 355 -1.67 -6.25 47.81
C MET D 355 -1.66 -5.39 49.07
N LYS D 356 -2.76 -4.65 49.28
CA LYS D 356 -2.89 -3.81 50.45
C LYS D 356 -2.91 -4.63 51.74
N TYR D 357 -3.69 -5.71 51.74
CA TYR D 357 -3.88 -6.52 52.93
C TYR D 357 -2.96 -7.74 52.93
N TYR D 358 -2.43 -8.08 54.11
CA TYR D 358 -1.68 -9.31 54.30
C TYR D 358 -2.60 -10.43 54.81
N VAL D 359 -3.54 -10.07 55.67
CA VAL D 359 -4.64 -10.95 56.01
C VAL D 359 -5.93 -10.42 55.41
N TRP D 360 -6.65 -11.29 54.69
CA TRP D 360 -7.80 -10.85 53.93
C TRP D 360 -9.00 -10.64 54.83
N PRO D 361 -9.60 -9.44 54.76
CA PRO D 361 -10.60 -9.03 55.73
C PRO D 361 -11.96 -9.66 55.44
N ARG D 362 -12.86 -9.56 56.42
CA ARG D 362 -14.21 -10.06 56.27
C ARG D 362 -15.17 -8.91 55.95
C1 NAG E . 32.50 46.70 -7.66
C2 NAG E . 31.95 47.45 -8.87
C3 NAG E . 33.06 47.73 -9.88
C4 NAG E . 34.30 48.32 -9.23
C5 NAG E . 34.68 47.55 -7.98
C6 NAG E . 35.86 48.18 -7.25
C7 NAG E . 29.64 47.13 -9.55
C8 NAG E . 28.66 46.23 -10.23
N2 NAG E . 30.89 46.68 -9.50
O3 NAG E . 32.57 48.63 -10.89
O4 NAG E . 35.37 48.27 -10.17
O5 NAG E . 33.57 47.46 -7.09
O6 NAG E . 35.48 49.45 -6.71
O7 NAG E . 29.33 48.21 -9.08
C1 NAG E . 35.92 49.60 -10.34
C2 NAG E . 37.26 49.51 -11.06
C3 NAG E . 37.91 50.88 -11.18
C4 NAG E . 36.93 51.93 -11.70
C5 NAG E . 35.54 51.81 -11.07
C6 NAG E . 34.53 52.70 -11.79
C7 NAG E . 38.27 47.32 -10.72
C8 NAG E . 39.17 46.49 -9.87
N2 NAG E . 38.15 48.59 -10.36
O3 NAG E . 39.03 50.80 -12.05
O4 NAG E . 37.44 53.24 -11.40
O5 NAG E . 35.08 50.46 -11.10
O6 NAG E . 33.73 53.39 -10.83
O7 NAG E . 37.68 46.86 -11.69
C1 BMA E . 38.19 53.74 -12.52
C2 BMA E . 38.14 55.27 -12.51
C3 BMA E . 38.91 55.85 -13.68
C4 BMA E . 40.33 55.27 -13.71
C5 BMA E . 40.29 53.75 -13.64
C6 BMA E . 41.70 53.17 -13.58
O2 BMA E . 38.70 55.77 -11.28
O3 BMA E . 38.96 57.27 -13.57
O4 BMA E . 40.99 55.67 -14.92
O5 BMA E . 39.55 53.33 -12.49
O6 BMA E . 41.64 51.85 -13.03
C1 MAN E . 37.89 57.84 -14.34
C2 MAN E . 38.43 58.95 -15.23
C3 MAN E . 38.80 60.20 -14.45
C4 MAN E . 37.72 60.59 -13.44
C5 MAN E . 37.31 59.37 -12.63
C6 MAN E . 36.21 59.73 -11.62
O2 MAN E . 37.46 59.29 -16.23
O3 MAN E . 39.01 61.30 -15.36
O4 MAN E . 38.20 61.61 -12.57
O5 MAN E . 36.84 58.35 -13.51
O6 MAN E . 35.15 60.42 -12.27
C1 MAN E . 42.97 51.29 -12.99
C2 MAN E . 42.90 49.82 -13.38
C3 MAN E . 42.21 48.98 -12.32
C4 MAN E . 42.70 49.30 -10.92
C5 MAN E . 42.74 50.81 -10.69
C6 MAN E . 43.29 51.13 -9.30
O2 MAN E . 44.22 49.30 -13.59
O3 MAN E . 42.46 47.60 -12.60
O4 MAN E . 41.84 48.69 -9.95
O5 MAN E . 43.56 51.41 -11.69
O6 MAN E . 44.66 50.71 -9.22
C1 NAG F . 11.75 44.57 -5.75
C2 NAG F . 11.79 45.53 -4.56
C3 NAG F . 11.00 46.79 -4.84
C4 NAG F . 11.38 47.40 -6.18
C5 NAG F . 11.40 46.34 -7.28
C6 NAG F . 11.92 46.93 -8.59
C7 NAG F . 12.02 44.76 -2.26
C8 NAG F . 11.40 43.97 -1.15
N2 NAG F . 11.29 44.84 -3.38
O3 NAG F . 11.24 47.74 -3.79
O4 NAG F . 10.45 48.43 -6.53
O5 NAG F . 12.24 45.26 -6.90
O6 NAG F . 11.55 46.09 -9.68
O7 NAG F . 13.11 45.31 -2.15
NA NA G . 21.78 26.52 -18.35
CL CL H . -1.19 22.34 -28.03
CL CL I . 32.32 45.40 8.20
CL CL J . 9.00 51.68 -29.81
C1 NAG K . -5.67 8.56 -35.75
C2 NAG K . -7.02 9.16 -35.42
C3 NAG K . -8.15 8.21 -35.83
C4 NAG K . -7.97 7.73 -37.26
C5 NAG K . -6.54 7.23 -37.50
C6 NAG K . -6.33 6.81 -38.95
C7 NAG K . -7.18 10.72 -33.56
C8 NAG K . -7.28 10.88 -32.07
N2 NAG K . -7.11 9.46 -34.01
O3 NAG K . -9.41 8.88 -35.70
O4 NAG K . -8.90 6.68 -37.53
O5 NAG K . -5.61 8.25 -37.14
O6 NAG K . -6.71 7.89 -39.83
O7 NAG K . -7.18 11.68 -34.32
C1 NAG L . 14.22 -13.17 -8.20
C2 NAG L . 14.34 -13.14 -6.68
C3 NAG L . 15.10 -14.36 -6.17
C4 NAG L . 14.36 -15.63 -6.53
C5 NAG L . 13.54 -15.45 -7.81
C6 NAG L . 12.12 -15.01 -7.50
C7 NAG L . 14.45 -11.13 -5.32
C8 NAG L . 13.18 -11.62 -4.70
N2 NAG L . 14.99 -11.91 -6.26
O3 NAG L . 15.27 -14.28 -4.75
O4 NAG L . 15.29 -16.71 -6.69
O5 NAG L . 14.17 -14.51 -8.69
O6 NAG L . 11.32 -15.06 -8.68
O7 NAG L . 14.97 -10.08 -4.97
CL CL M . 19.49 2.74 -27.11
CL CL N . -3.28 10.50 -31.49
CL CL O . 9.77 13.16 -13.30
C01 HYY P . 10.88 14.97 -20.08
C02 HYY P . 9.48 15.11 -20.02
C03 HYY P . 8.81 15.80 -21.06
C04 HYY P . 9.54 16.33 -22.14
C05 HYY P . 10.93 16.21 -22.19
C06 HYY P . 11.60 15.52 -21.15
C07 HYY P . 13.12 15.36 -21.20
C08 HYY P . 13.77 15.61 -19.85
N09 HYY P . 15.09 14.91 -19.77
C10 HYY P . 15.39 14.65 -18.42
C11 HYY P . 16.80 13.87 -18.29
C12 HYY P . 17.09 13.42 -16.87
C13 HYY P . 16.13 15.79 -20.35
C14 HYY P . 16.03 15.80 -21.86
C15 HYY P . 17.25 16.52 -22.47
O16 HYY P . 17.26 16.28 -23.87
C17 HYY P . 18.53 16.47 -24.50
C18 HYY P . 18.70 16.20 -25.87
C19 HYY P . 19.98 16.39 -26.49
C20 HYY P . 21.02 16.83 -25.77
C21 HYY P . 20.86 17.09 -24.38
C22 HYY P . 19.58 16.91 -23.76
N23 HYY P . 22.32 17.04 -26.40
S24 HYY P . 22.83 18.61 -26.77
C25 HYY P . 22.72 19.65 -25.30
O26 HYY P . 24.15 18.61 -27.33
O27 HYY P . 22.06 19.16 -27.84
O28 HYY P . 15.99 14.49 -22.34
CL1 HYY P . 8.67 17.20 -23.44
CL2 HYY P . 7.05 16.03 -20.99
C1 NAG Q . -35.14 -45.34 7.63
C2 NAG Q . -36.35 -44.70 8.30
C3 NAG Q . -36.97 -45.58 9.39
C4 NAG Q . -37.08 -47.03 8.95
C5 NAG Q . -35.75 -47.51 8.37
C6 NAG Q . -35.84 -48.97 7.94
C7 NAG Q . -36.50 -42.28 8.50
C8 NAG Q . -36.04 -41.07 9.24
N2 NAG Q . -35.97 -43.43 8.89
O3 NAG Q . -38.26 -45.09 9.72
O4 NAG Q . -37.45 -47.85 10.06
O5 NAG Q . -35.42 -46.69 7.25
O6 NAG Q . -34.72 -49.30 7.10
O7 NAG Q . -37.30 -42.22 7.58
C1 NAG R . -36.99 -28.51 -4.57
C2 NAG R . -37.20 -29.57 -5.63
C3 NAG R . -38.54 -29.36 -6.34
C4 NAG R . -39.67 -29.19 -5.33
C5 NAG R . -39.30 -28.19 -4.23
C6 NAG R . -40.39 -28.14 -3.16
C7 NAG R . -35.57 -30.69 -7.04
C8 NAG R . -36.15 -31.96 -6.47
N2 NAG R . -36.13 -29.56 -6.60
O3 NAG R . -38.81 -30.51 -7.16
O4 NAG R . -40.85 -28.73 -6.01
O5 NAG R . -38.06 -28.55 -3.63
O6 NAG R . -40.35 -26.87 -2.50
O7 NAG R . -34.65 -30.69 -7.83
NA NA S . -26.91 -23.31 16.76
CL CL T . -21.48 -23.64 2.90
C1 NAG U . 8.89 -3.56 16.45
C2 NAG U . 9.51 -3.59 15.06
C3 NAG U . 11.00 -3.81 15.13
C4 NAG U . 11.60 -2.92 16.21
C5 NAG U . 11.01 -3.26 17.58
C6 NAG U . 10.77 -2.00 18.41
C7 NAG U . 8.25 -4.28 13.09
C8 NAG U . 8.30 -2.83 12.72
N2 NAG U . 8.87 -4.60 14.23
O3 NAG U . 11.60 -3.51 13.86
O4 NAG U . 13.03 -3.08 16.23
O5 NAG U . 9.81 -4.01 17.46
O6 NAG U . 9.84 -1.15 17.73
O7 NAG U . 7.71 -5.12 12.40
CL CL V . -33.90 0.92 12.24
CL CL W . -12.16 -7.05 29.93
CL CL X . -4.07 -6.82 56.89
CL CL Y . -24.91 -8.29 27.83
C01 HYY Z . -20.74 -8.47 15.70
C02 HYY Z . -21.15 -7.47 14.83
C03 HYY Z . -22.40 -6.85 15.02
C04 HYY Z . -23.24 -7.25 16.10
C05 HYY Z . -22.82 -8.27 16.96
C06 HYY Z . -21.57 -8.89 16.77
C07 HYY Z . -21.12 -10.02 17.69
C08 HYY Z . -20.19 -11.00 16.99
N09 HYY Z . -19.61 -11.96 17.98
C10 HYY Z . -18.65 -12.77 17.32
C11 HYY Z . -17.47 -13.19 18.35
C12 HYY Z . -16.29 -13.82 17.65
C13 HYY Z . -20.68 -12.82 18.51
C14 HYY Z . -21.27 -12.19 19.78
C15 HYY Z . -21.64 -13.32 20.77
O16 HYY Z . -22.30 -12.72 21.89
C17 HYY Z . -22.49 -13.60 23.01
C18 HYY Z . -22.97 -13.10 24.23
C19 HYY Z . -23.15 -13.98 25.34
C20 HYY Z . -22.82 -15.28 25.23
C21 HYY Z . -22.38 -15.80 23.99
C22 HYY Z . -22.20 -14.91 22.88
N23 HYY Z . -23.07 -16.20 26.34
S24 HYY Z . -24.45 -17.17 26.32
C25 HYY Z . -24.35 -18.34 24.94
O26 HYY Z . -24.62 -17.87 27.57
O27 HYY Z . -25.63 -16.39 26.26
O28 HYY Z . -20.33 -11.35 20.37
CL1 HYY Z . -24.83 -6.48 16.32
CL2 HYY Z . -22.97 -5.59 13.91
#